data_2FP7
# 
_entry.id   2FP7 
# 
_audit_conform.dict_name       mmcif_pdbx.dic 
_audit_conform.dict_version    5.389 
_audit_conform.dict_location   http://mmcif.pdb.org/dictionaries/ascii/mmcif_pdbx.dic 
# 
loop_
_database_2.database_id 
_database_2.database_code 
_database_2.pdbx_database_accession 
_database_2.pdbx_DOI 
PDB   2FP7         pdb_00002fp7 10.2210/pdb2fp7/pdb 
RCSB  RCSB036143   ?            ?                   
WWPDB D_1000036143 ?            ?                   
# 
loop_
_pdbx_audit_revision_history.ordinal 
_pdbx_audit_revision_history.data_content_type 
_pdbx_audit_revision_history.major_revision 
_pdbx_audit_revision_history.minor_revision 
_pdbx_audit_revision_history.revision_date 
1  'Structure model' 1 0 2006-03-07 
2  'Structure model' 1 1 2008-05-01 
3  'Structure model' 1 2 2011-07-13 
4  'Structure model' 1 3 2011-11-02 
5  'Structure model' 1 4 2013-02-27 
6  'Structure model' 1 5 2017-06-28 
7  'Structure model' 1 6 2017-10-18 
8  'Structure model' 1 7 2018-02-14 
9  'Structure model' 2 0 2023-11-15 
10 'Structure model' 2 1 2024-04-03 
# 
_pdbx_audit_revision_details.ordinal             1 
_pdbx_audit_revision_details.revision_ordinal    1 
_pdbx_audit_revision_details.data_content_type   'Structure model' 
_pdbx_audit_revision_details.provider            repository 
_pdbx_audit_revision_details.type                'Initial release' 
_pdbx_audit_revision_details.description         ? 
_pdbx_audit_revision_details.details             ? 
# 
loop_
_pdbx_audit_revision_group.ordinal 
_pdbx_audit_revision_group.revision_ordinal 
_pdbx_audit_revision_group.data_content_type 
_pdbx_audit_revision_group.group 
1  2  'Structure model' 'Version format compliance' 
2  3  'Structure model' Advisory                    
3  3  'Structure model' 'Version format compliance' 
4  4  'Structure model' 'Structure summary'         
5  5  'Structure model' Other                       
6  6  'Structure model' 'Database references'       
7  6  'Structure model' 'Source and taxonomy'       
8  6  'Structure model' 'Structure summary'         
9  7  'Structure model' 'Refinement description'    
10 8  'Structure model' 'Experimental preparation'  
11 9  'Structure model' 'Atomic model'              
12 9  'Structure model' 'Data collection'           
13 9  'Structure model' 'Database references'       
14 9  'Structure model' 'Derived calculations'      
15 10 'Structure model' 'Refinement description'    
# 
loop_
_pdbx_audit_revision_category.ordinal 
_pdbx_audit_revision_category.revision_ordinal 
_pdbx_audit_revision_category.data_content_type 
_pdbx_audit_revision_category.category 
1  6  'Structure model' entity                        
2  6  'Structure model' entity_src_gen                
3  6  'Structure model' pdbx_entity_src_syn           
4  6  'Structure model' struct_ref                    
5  6  'Structure model' struct_ref_seq                
6  6  'Structure model' struct_ref_seq_dif            
7  7  'Structure model' software                      
8  8  'Structure model' exptl_crystal_grow            
9  9  'Structure model' atom_site                     
10 9  'Structure model' chem_comp_atom                
11 9  'Structure model' chem_comp_bond                
12 9  'Structure model' database_2                    
13 9  'Structure model' struct_conn                   
14 10 'Structure model' pdbx_initial_refinement_model 
# 
loop_
_pdbx_audit_revision_item.ordinal 
_pdbx_audit_revision_item.revision_ordinal 
_pdbx_audit_revision_item.data_content_type 
_pdbx_audit_revision_item.item 
1  6 'Structure model' '_entity.pdbx_description'             
2  6 'Structure model' '_entity.pdbx_ec'                      
3  6 'Structure model' '_entity_src_gen.gene_src_common_name' 
4  6 'Structure model' '_entity_src_gen.pdbx_beg_seq_num'     
5  6 'Structure model' '_entity_src_gen.pdbx_end_seq_num'     
6  6 'Structure model' '_entity_src_gen.pdbx_seq_type'        
7  6 'Structure model' '_struct_ref_seq_dif.details'          
8  7 'Structure model' '_software.classification'             
9  7 'Structure model' '_software.name'                       
10 8 'Structure model' '_exptl_crystal_grow.temp'             
11 9 'Structure model' '_atom_site.auth_atom_id'              
12 9 'Structure model' '_atom_site.label_atom_id'             
13 9 'Structure model' '_database_2.pdbx_DOI'                 
14 9 'Structure model' '_database_2.pdbx_database_accession'  
15 9 'Structure model' '_struct_conn.pdbx_dist_value'         
16 9 'Structure model' '_struct_conn.pdbx_leaving_atom_flag'  
17 9 'Structure model' '_struct_conn.ptnr1_auth_asym_id'      
18 9 'Structure model' '_struct_conn.ptnr1_auth_comp_id'      
19 9 'Structure model' '_struct_conn.ptnr1_auth_seq_id'       
20 9 'Structure model' '_struct_conn.ptnr1_label_asym_id'     
21 9 'Structure model' '_struct_conn.ptnr1_label_atom_id'     
22 9 'Structure model' '_struct_conn.ptnr1_label_comp_id'     
23 9 'Structure model' '_struct_conn.ptnr1_label_seq_id'      
24 9 'Structure model' '_struct_conn.ptnr2_auth_comp_id'      
25 9 'Structure model' '_struct_conn.ptnr2_auth_seq_id'       
26 9 'Structure model' '_struct_conn.ptnr2_label_atom_id'     
27 9 'Structure model' '_struct_conn.ptnr2_label_comp_id'     
28 9 'Structure model' '_struct_conn.ptnr2_label_seq_id'      
# 
_pdbx_database_status.status_code                     REL 
_pdbx_database_status.entry_id                        2FP7 
_pdbx_database_status.recvd_initial_deposition_date   2006-01-16 
_pdbx_database_status.deposit_site                    RCSB 
_pdbx_database_status.process_site                    RCSB 
_pdbx_database_status.status_code_sf                  REL 
_pdbx_database_status.status_code_mr                  ? 
_pdbx_database_status.SG_entry                        ? 
_pdbx_database_status.status_code_cs                  ? 
_pdbx_database_status.pdb_format_compatible           Y 
_pdbx_database_status.methods_development_category    ? 
_pdbx_database_status.status_code_nmr_data            ? 
# 
_pdbx_database_related.db_name        PDB 
_pdbx_database_related.db_id          2FOM 
_pdbx_database_related.details        'Dengue Virus NS2B/NS3 protease' 
_pdbx_database_related.content_type   unspecified 
# 
loop_
_audit_author.name 
_audit_author.pdbx_ordinal 
'Schiering, N.' 1 
;D'Arcy, A.
;
2 
'Erbel, P.'     3 
# 
_citation.id                        primary 
_citation.title                     
'Structural basis for the activation of flaviviral NS3 proteases from dengue and West Nile virus.' 
_citation.journal_abbrev            Nat.Struct.Mol.Biol. 
_citation.journal_volume            13 
_citation.page_first                372 
_citation.page_last                 373 
_citation.year                      2006 
_citation.journal_id_ASTM           ? 
_citation.country                   US 
_citation.journal_id_ISSN           1545-9993 
_citation.journal_id_CSD            ? 
_citation.book_publisher            ? 
_citation.pdbx_database_id_PubMed   16532006 
_citation.pdbx_database_id_DOI      10.1038/nsmb1073 
# 
loop_
_citation_author.citation_id 
_citation_author.name 
_citation_author.ordinal 
_citation_author.identifier_ORCID 
primary 'Erbel, P.'       1  ? 
primary 'Schiering, N.'   2  ? 
primary 
;D'Arcy, A.
;
3  ? 
primary 'Renatus, M.'     4  ? 
primary 'Kroemer, M.'     5  ? 
primary 'Lim, S.P.'       6  ? 
primary 'Yin, Z.'         7  ? 
primary 'Keller, T.H.'    8  ? 
primary 'Vasudevan, S.G.' 9  ? 
primary 'Hommel, U.'      10 ? 
# 
loop_
_entity.id 
_entity.type 
_entity.src_method 
_entity.pdbx_description 
_entity.formula_weight 
_entity.pdbx_number_of_molecules 
_entity.pdbx_ec 
_entity.pdbx_mutation 
_entity.pdbx_fragment 
_entity.details 
1 polymer man 'Genome polyprotein'                                                                           6101.576  1   
3.4.21.91,3.6.1.15,3.6.4.13,2.1.1.56,2.1.1.57,2.7.7.48 ? NS2b   ? 
2 polymer man 'Genome polyprotein'                                                                           18588.094 1   
3.4.21.91,3.6.1.15,3.6.4.13,2.1.1.56,2.1.1.57,2.7.7.48 ? NS3pro ? 
3 polymer syn 'N-benzoyl-L-norleucyl-L-lysyl-N-[(2S)-5-carbamimidamido-1-hydroxypentan-2-yl]-L-argininamide' 663.854   1   ? ? ? ? 
4 water   nat water                                                                                          18.015    133 ? ? ? ? 
# 
loop_
_entity_poly.entity_id 
_entity_poly.type 
_entity_poly.nstd_linkage 
_entity_poly.nstd_monomer 
_entity_poly.pdbx_seq_one_letter_code 
_entity_poly.pdbx_seq_one_letter_code_can 
_entity_poly.pdbx_strand_id 
_entity_poly.pdbx_target_identifier 
1 'polypeptide(L)' no no  GSHMLETDMWIERTADITWESDAEITGSSERVDVRLDDDGNFQLMNDPGAPWKG 
GSHMLETDMWIERTADITWESDAEITGSSERVDVRLDDDGNFQLMNDPGAPWKG A ? 
2 'polypeptide(L)' no no  
;GDTTTGVYRIMTRGLLGSYQAGAGVMVEGVFHTLWHTTKGAALMSGEGRLDPYWGSVKEDRLCYGGPWKLQHKWNGHDEV
QMIVVEPGKNVKNVQTKPGVFKTPEGEIGAVTLDYPTGTSGSPIVDKNGDVIGLYGNGVIMPNGSYISAIVQGERMEEPA
PAGFEPEMLRKK
;
;GDTTTGVYRIMTRGLLGSYQAGAGVMVEGVFHTLWHTTKGAALMSGEGRLDPYWGSVKEDRLCYGGPWKLQHKWNGHDEV
QMIVVEPGKNVKNVQTKPGVFKTPEGEIGAVTLDYPTGTSGSPIVDKNGDVIGLYGNGVIMPNGSYISAIVQGERMEEPA
PAGFEPEMLRKK
;
B ? 
3 'polypeptide(L)' no yes '(BEZ)(NLE)KR(OAR)' XLKRR C ? 
# 
_pdbx_entity_nonpoly.entity_id   4 
_pdbx_entity_nonpoly.name        water 
_pdbx_entity_nonpoly.comp_id     HOH 
# 
loop_
_entity_poly_seq.entity_id 
_entity_poly_seq.num 
_entity_poly_seq.mon_id 
_entity_poly_seq.hetero 
1 1   GLY n 
1 2   SER n 
1 3   HIS n 
1 4   MET n 
1 5   LEU n 
1 6   GLU n 
1 7   THR n 
1 8   ASP n 
1 9   MET n 
1 10  TRP n 
1 11  ILE n 
1 12  GLU n 
1 13  ARG n 
1 14  THR n 
1 15  ALA n 
1 16  ASP n 
1 17  ILE n 
1 18  THR n 
1 19  TRP n 
1 20  GLU n 
1 21  SER n 
1 22  ASP n 
1 23  ALA n 
1 24  GLU n 
1 25  ILE n 
1 26  THR n 
1 27  GLY n 
1 28  SER n 
1 29  SER n 
1 30  GLU n 
1 31  ARG n 
1 32  VAL n 
1 33  ASP n 
1 34  VAL n 
1 35  ARG n 
1 36  LEU n 
1 37  ASP n 
1 38  ASP n 
1 39  ASP n 
1 40  GLY n 
1 41  ASN n 
1 42  PHE n 
1 43  GLN n 
1 44  LEU n 
1 45  MET n 
1 46  ASN n 
1 47  ASP n 
1 48  PRO n 
1 49  GLY n 
1 50  ALA n 
1 51  PRO n 
1 52  TRP n 
1 53  LYS n 
1 54  GLY n 
2 1   GLY n 
2 2   ASP n 
2 3   THR n 
2 4   THR n 
2 5   THR n 
2 6   GLY n 
2 7   VAL n 
2 8   TYR n 
2 9   ARG n 
2 10  ILE n 
2 11  MET n 
2 12  THR n 
2 13  ARG n 
2 14  GLY n 
2 15  LEU n 
2 16  LEU n 
2 17  GLY n 
2 18  SER n 
2 19  TYR n 
2 20  GLN n 
2 21  ALA n 
2 22  GLY n 
2 23  ALA n 
2 24  GLY n 
2 25  VAL n 
2 26  MET n 
2 27  VAL n 
2 28  GLU n 
2 29  GLY n 
2 30  VAL n 
2 31  PHE n 
2 32  HIS n 
2 33  THR n 
2 34  LEU n 
2 35  TRP n 
2 36  HIS n 
2 37  THR n 
2 38  THR n 
2 39  LYS n 
2 40  GLY n 
2 41  ALA n 
2 42  ALA n 
2 43  LEU n 
2 44  MET n 
2 45  SER n 
2 46  GLY n 
2 47  GLU n 
2 48  GLY n 
2 49  ARG n 
2 50  LEU n 
2 51  ASP n 
2 52  PRO n 
2 53  TYR n 
2 54  TRP n 
2 55  GLY n 
2 56  SER n 
2 57  VAL n 
2 58  LYS n 
2 59  GLU n 
2 60  ASP n 
2 61  ARG n 
2 62  LEU n 
2 63  CYS n 
2 64  TYR n 
2 65  GLY n 
2 66  GLY n 
2 67  PRO n 
2 68  TRP n 
2 69  LYS n 
2 70  LEU n 
2 71  GLN n 
2 72  HIS n 
2 73  LYS n 
2 74  TRP n 
2 75  ASN n 
2 76  GLY n 
2 77  HIS n 
2 78  ASP n 
2 79  GLU n 
2 80  VAL n 
2 81  GLN n 
2 82  MET n 
2 83  ILE n 
2 84  VAL n 
2 85  VAL n 
2 86  GLU n 
2 87  PRO n 
2 88  GLY n 
2 89  LYS n 
2 90  ASN n 
2 91  VAL n 
2 92  LYS n 
2 93  ASN n 
2 94  VAL n 
2 95  GLN n 
2 96  THR n 
2 97  LYS n 
2 98  PRO n 
2 99  GLY n 
2 100 VAL n 
2 101 PHE n 
2 102 LYS n 
2 103 THR n 
2 104 PRO n 
2 105 GLU n 
2 106 GLY n 
2 107 GLU n 
2 108 ILE n 
2 109 GLY n 
2 110 ALA n 
2 111 VAL n 
2 112 THR n 
2 113 LEU n 
2 114 ASP n 
2 115 TYR n 
2 116 PRO n 
2 117 THR n 
2 118 GLY n 
2 119 THR n 
2 120 SER n 
2 121 GLY n 
2 122 SER n 
2 123 PRO n 
2 124 ILE n 
2 125 VAL n 
2 126 ASP n 
2 127 LYS n 
2 128 ASN n 
2 129 GLY n 
2 130 ASP n 
2 131 VAL n 
2 132 ILE n 
2 133 GLY n 
2 134 LEU n 
2 135 TYR n 
2 136 GLY n 
2 137 ASN n 
2 138 GLY n 
2 139 VAL n 
2 140 ILE n 
2 141 MET n 
2 142 PRO n 
2 143 ASN n 
2 144 GLY n 
2 145 SER n 
2 146 TYR n 
2 147 ILE n 
2 148 SER n 
2 149 ALA n 
2 150 ILE n 
2 151 VAL n 
2 152 GLN n 
2 153 GLY n 
2 154 GLU n 
2 155 ARG n 
2 156 MET n 
2 157 GLU n 
2 158 GLU n 
2 159 PRO n 
2 160 ALA n 
2 161 PRO n 
2 162 ALA n 
2 163 GLY n 
2 164 PHE n 
2 165 GLU n 
2 166 PRO n 
2 167 GLU n 
2 168 MET n 
2 169 LEU n 
2 170 ARG n 
2 171 LYS n 
2 172 LYS n 
3 1   BEZ n 
3 2   NLE n 
3 3   LYS n 
3 4   ARG n 
3 5   OAR n 
# 
loop_
_entity_src_gen.entity_id 
_entity_src_gen.pdbx_src_id 
_entity_src_gen.pdbx_alt_source_flag 
_entity_src_gen.pdbx_seq_type 
_entity_src_gen.pdbx_beg_seq_num 
_entity_src_gen.pdbx_end_seq_num 
_entity_src_gen.gene_src_common_name 
_entity_src_gen.gene_src_genus 
_entity_src_gen.pdbx_gene_src_gene 
_entity_src_gen.gene_src_species 
_entity_src_gen.gene_src_strain 
_entity_src_gen.gene_src_tissue 
_entity_src_gen.gene_src_tissue_fraction 
_entity_src_gen.gene_src_details 
_entity_src_gen.pdbx_gene_src_fragment 
_entity_src_gen.pdbx_gene_src_scientific_name 
_entity_src_gen.pdbx_gene_src_ncbi_taxonomy_id 
_entity_src_gen.pdbx_gene_src_variant 
_entity_src_gen.pdbx_gene_src_cell_line 
_entity_src_gen.pdbx_gene_src_atcc 
_entity_src_gen.pdbx_gene_src_organ 
_entity_src_gen.pdbx_gene_src_organelle 
_entity_src_gen.pdbx_gene_src_cell 
_entity_src_gen.pdbx_gene_src_cellular_location 
_entity_src_gen.host_org_common_name 
_entity_src_gen.pdbx_host_org_scientific_name 
_entity_src_gen.pdbx_host_org_ncbi_taxonomy_id 
_entity_src_gen.host_org_genus 
_entity_src_gen.pdbx_host_org_gene 
_entity_src_gen.pdbx_host_org_organ 
_entity_src_gen.host_org_species 
_entity_src_gen.pdbx_host_org_tissue 
_entity_src_gen.pdbx_host_org_tissue_fraction 
_entity_src_gen.pdbx_host_org_strain 
_entity_src_gen.pdbx_host_org_variant 
_entity_src_gen.pdbx_host_org_cell_line 
_entity_src_gen.pdbx_host_org_atcc 
_entity_src_gen.pdbx_host_org_culture_collection 
_entity_src_gen.pdbx_host_org_cell 
_entity_src_gen.pdbx_host_org_organelle 
_entity_src_gen.pdbx_host_org_cellular_location 
_entity_src_gen.pdbx_host_org_vector_type 
_entity_src_gen.pdbx_host_org_vector 
_entity_src_gen.host_org_details 
_entity_src_gen.expression_system_id 
_entity_src_gen.plasmid_name 
_entity_src_gen.plasmid_details 
_entity_src_gen.pdbx_description 
1 1 sample 'Biological sequence' 1 54  WNV Flavivirus ? ? ? ? ? ? ? 'West Nile virus' 11082 ? ? ? ? ? ? ? ? 
'Escherichia coli BL21(DE3)' 469008 Escherichia ? ? 'Escherichia coli' ? ? 'BL21 (DE3)' ? ? ? ? ? ? ? plasmid ? ? ? PET15B ? ? 
2 1 sample 'Biological sequence' 1 172 WNV Flavivirus ? ? ? ? ? ? ? 'West Nile virus' 11082 ? ? ? ? ? ? ? ? 
'Escherichia coli BL21(DE3)' 469008 Escherichia ? ? 'Escherichia coli' ? ? 'BL21 (DE3)' ? ? ? ? ? ? ? plasmid ? ? ? PET15B ? ? 
# 
_pdbx_entity_src_syn.entity_id              3 
_pdbx_entity_src_syn.pdbx_src_id            1 
_pdbx_entity_src_syn.pdbx_alt_source_flag   sample 
_pdbx_entity_src_syn.pdbx_beg_seq_num       1 
_pdbx_entity_src_syn.pdbx_end_seq_num       5 
_pdbx_entity_src_syn.organism_scientific    'synthetic construct' 
_pdbx_entity_src_syn.organism_common_name   ? 
_pdbx_entity_src_syn.ncbi_taxonomy_id       32630 
_pdbx_entity_src_syn.details                ? 
# 
loop_
_chem_comp.id 
_chem_comp.type 
_chem_comp.mon_nstd_flag 
_chem_comp.name 
_chem_comp.pdbx_synonyms 
_chem_comp.formula 
_chem_comp.formula_weight 
ALA 'L-peptide linking' y ALANINE                                  ? 'C3 H7 N O2'     89.093  
ARG 'L-peptide linking' y ARGININE                                 ? 'C6 H15 N4 O2 1' 175.209 
ASN 'L-peptide linking' y ASPARAGINE                               ? 'C4 H8 N2 O3'    132.118 
ASP 'L-peptide linking' y 'ASPARTIC ACID'                          ? 'C4 H7 N O4'     133.103 
BEZ non-polymer         . 'BENZOIC ACID'                           ? 'C7 H6 O2'       122.121 
CYS 'L-peptide linking' y CYSTEINE                                 ? 'C3 H7 N O2 S'   121.158 
GLN 'L-peptide linking' y GLUTAMINE                                ? 'C5 H10 N2 O3'   146.144 
GLU 'L-peptide linking' y 'GLUTAMIC ACID'                          ? 'C5 H9 N O4'     147.129 
GLY 'peptide linking'   y GLYCINE                                  ? 'C2 H5 N O2'     75.067  
HIS 'L-peptide linking' y HISTIDINE                                ? 'C6 H10 N3 O2 1' 156.162 
HOH non-polymer         . WATER                                    ? 'H2 O'           18.015  
ILE 'L-peptide linking' y ISOLEUCINE                               ? 'C6 H13 N O2'    131.173 
LEU 'L-peptide linking' y LEUCINE                                  ? 'C6 H13 N O2'    131.173 
LYS 'L-peptide linking' y LYSINE                                   ? 'C6 H15 N2 O2 1' 147.195 
MET 'L-peptide linking' y METHIONINE                               ? 'C5 H11 N O2 S'  149.211 
NLE 'L-peptide linking' n NORLEUCINE                               ? 'C6 H13 N O2'    131.173 
OAR peptide-like        n 'N-(4-AMINO-5-HYDROXY-PENTYL)-GUANIDINE' ? 'C6 H16 N4 O'    160.217 
PHE 'L-peptide linking' y PHENYLALANINE                            ? 'C9 H11 N O2'    165.189 
PRO 'L-peptide linking' y PROLINE                                  ? 'C5 H9 N O2'     115.130 
SER 'L-peptide linking' y SERINE                                   ? 'C3 H7 N O3'     105.093 
THR 'L-peptide linking' y THREONINE                                ? 'C4 H9 N O3'     119.119 
TRP 'L-peptide linking' y TRYPTOPHAN                               ? 'C11 H12 N2 O2'  204.225 
TYR 'L-peptide linking' y TYROSINE                                 ? 'C9 H11 N O3'    181.189 
VAL 'L-peptide linking' y VALINE                                   ? 'C5 H11 N O2'    117.146 
# 
loop_
_pdbx_poly_seq_scheme.asym_id 
_pdbx_poly_seq_scheme.entity_id 
_pdbx_poly_seq_scheme.seq_id 
_pdbx_poly_seq_scheme.mon_id 
_pdbx_poly_seq_scheme.ndb_seq_num 
_pdbx_poly_seq_scheme.pdb_seq_num 
_pdbx_poly_seq_scheme.auth_seq_num 
_pdbx_poly_seq_scheme.pdb_mon_id 
_pdbx_poly_seq_scheme.auth_mon_id 
_pdbx_poly_seq_scheme.pdb_strand_id 
_pdbx_poly_seq_scheme.pdb_ins_code 
_pdbx_poly_seq_scheme.hetero 
A 1 1   GLY 1   44  ?   ?   ?   A . n 
A 1 2   SER 2   45  ?   ?   ?   A . n 
A 1 3   HIS 3   46  ?   ?   ?   A . n 
A 1 4   MET 4   47  ?   ?   ?   A . n 
A 1 5   LEU 5   48  ?   ?   ?   A . n 
A 1 6   GLU 6   49  49  GLU GLU A . n 
A 1 7   THR 7   50  50  THR THR A . n 
A 1 8   ASP 8   51  51  ASP ASP A . n 
A 1 9   MET 9   52  52  MET MET A . n 
A 1 10  TRP 10  53  53  TRP TRP A . n 
A 1 11  ILE 11  54  54  ILE ILE A . n 
A 1 12  GLU 12  55  55  GLU GLU A . n 
A 1 13  ARG 13  56  56  ARG ARG A . n 
A 1 14  THR 14  57  57  THR THR A . n 
A 1 15  ALA 15  58  58  ALA ALA A . n 
A 1 16  ASP 16  59  59  ASP ASP A . n 
A 1 17  ILE 17  60  60  ILE ILE A . n 
A 1 18  THR 18  61  61  THR THR A . n 
A 1 19  TRP 19  62  62  TRP TRP A . n 
A 1 20  GLU 20  63  63  GLU GLU A . n 
A 1 21  SER 21  64  64  SER SER A . n 
A 1 22  ASP 22  65  65  ASP ASP A . n 
A 1 23  ALA 23  66  66  ALA ALA A . n 
A 1 24  GLU 24  67  67  GLU GLU A . n 
A 1 25  ILE 25  68  68  ILE ILE A . n 
A 1 26  THR 26  69  69  THR THR A . n 
A 1 27  GLY 27  70  70  GLY GLY A . n 
A 1 28  SER 28  71  71  SER SER A . n 
A 1 29  SER 29  72  72  SER SER A . n 
A 1 30  GLU 30  73  73  GLU GLU A . n 
A 1 31  ARG 31  74  74  ARG ARG A . n 
A 1 32  VAL 32  75  75  VAL VAL A . n 
A 1 33  ASP 33  76  76  ASP ASP A . n 
A 1 34  VAL 34  77  77  VAL VAL A . n 
A 1 35  ARG 35  78  78  ARG ARG A . n 
A 1 36  LEU 36  79  79  LEU LEU A . n 
A 1 37  ASP 37  80  80  ASP ASP A . n 
A 1 38  ASP 38  81  81  ASP ASP A . n 
A 1 39  ASP 39  82  82  ASP ASP A . n 
A 1 40  GLY 40  83  83  GLY GLY A . n 
A 1 41  ASN 41  84  84  ASN ASN A . n 
A 1 42  PHE 42  85  85  PHE PHE A . n 
A 1 43  GLN 43  86  86  GLN GLN A . n 
A 1 44  LEU 44  87  87  LEU LEU A . n 
A 1 45  MET 45  88  88  MET MET A . n 
A 1 46  ASN 46  89  ?   ?   ?   A . n 
A 1 47  ASP 47  90  ?   ?   ?   A . n 
A 1 48  PRO 48  91  ?   ?   ?   A . n 
A 1 49  GLY 49  92  ?   ?   ?   A . n 
A 1 50  ALA 50  93  ?   ?   ?   A . n 
A 1 51  PRO 51  94  ?   ?   ?   A . n 
A 1 52  TRP 52  95  ?   ?   ?   A . n 
A 1 53  LYS 53  96  ?   ?   ?   A . n 
A 1 54  GLY 54  97  ?   ?   ?   A . n 
B 2 1   GLY 1   16  ?   ?   ?   B . n 
B 2 2   ASP 2   17  ?   ?   ?   B . n 
B 2 3   THR 3   18  ?   ?   ?   B . n 
B 2 4   THR 4   19  19  THR THR B . n 
B 2 5   THR 5   20  20  THR THR B . n 
B 2 6   GLY 6   21  21  GLY GLY B . n 
B 2 7   VAL 7   22  22  VAL VAL B . n 
B 2 8   TYR 8   23  23  TYR TYR B . n 
B 2 9   ARG 9   24  24  ARG ARG B . n 
B 2 10  ILE 10  25  25  ILE ILE B . n 
B 2 11  MET 11  26  26  MET MET B . n 
B 2 12  THR 12  27  27  THR THR B . n 
B 2 13  ARG 13  28  ?   ?   ?   B . n 
B 2 14  GLY 14  29  ?   ?   ?   B . n 
B 2 15  LEU 15  30  ?   ?   ?   B . n 
B 2 16  LEU 16  31  ?   ?   ?   B . n 
B 2 17  GLY 17  32  ?   ?   ?   B . n 
B 2 18  SER 18  33  33  SER SER B . n 
B 2 19  TYR 19  34  34  TYR TYR B . n 
B 2 20  GLN 20  35  35  GLN GLN B . n 
B 2 21  ALA 21  36  36  ALA ALA B . n 
B 2 22  GLY 22  37  37  GLY GLY B . n 
B 2 23  ALA 23  38  38  ALA ALA B . n 
B 2 24  GLY 24  39  39  GLY GLY B . n 
B 2 25  VAL 25  40  40  VAL VAL B . n 
B 2 26  MET 26  41  41  MET MET B . n 
B 2 27  VAL 27  42  42  VAL VAL B . n 
B 2 28  GLU 28  43  43  GLU GLU B . n 
B 2 29  GLY 29  44  44  GLY GLY B . n 
B 2 30  VAL 30  45  45  VAL VAL B . n 
B 2 31  PHE 31  46  46  PHE PHE B . n 
B 2 32  HIS 32  47  47  HIS HIS B . n 
B 2 33  THR 33  48  48  THR THR B . n 
B 2 34  LEU 34  49  49  LEU LEU B . n 
B 2 35  TRP 35  50  50  TRP TRP B . n 
B 2 36  HIS 36  51  51  HIS HIS B . n 
B 2 37  THR 37  52  52  THR THR B . n 
B 2 38  THR 38  53  53  THR THR B . n 
B 2 39  LYS 39  54  54  LYS LYS B . n 
B 2 40  GLY 40  55  55  GLY GLY B . n 
B 2 41  ALA 41  56  56  ALA ALA B . n 
B 2 42  ALA 42  57  57  ALA ALA B . n 
B 2 43  LEU 43  58  58  LEU LEU B . n 
B 2 44  MET 44  59  59  MET MET B . n 
B 2 45  SER 45  60  60  SER SER B . n 
B 2 46  GLY 46  61  61  GLY GLY B . n 
B 2 47  GLU 47  62  62  GLU GLU B . n 
B 2 48  GLY 48  63  63  GLY GLY B . n 
B 2 49  ARG 49  64  64  ARG ARG B . n 
B 2 50  LEU 50  65  65  LEU LEU B . n 
B 2 51  ASP 51  66  66  ASP ASP B . n 
B 2 52  PRO 52  67  67  PRO PRO B . n 
B 2 53  TYR 53  68  68  TYR TYR B . n 
B 2 54  TRP 54  69  69  TRP TRP B . n 
B 2 55  GLY 55  70  70  GLY GLY B . n 
B 2 56  SER 56  71  71  SER SER B . n 
B 2 57  VAL 57  72  72  VAL VAL B . n 
B 2 58  LYS 58  73  73  LYS LYS B . n 
B 2 59  GLU 59  74  74  GLU GLU B . n 
B 2 60  ASP 60  75  75  ASP ASP B . n 
B 2 61  ARG 61  76  76  ARG ARG B . n 
B 2 62  LEU 62  77  77  LEU LEU B . n 
B 2 63  CYS 63  78  78  CYS CYS B . n 
B 2 64  TYR 64  79  79  TYR TYR B . n 
B 2 65  GLY 65  80  80  GLY GLY B . n 
B 2 66  GLY 66  81  81  GLY GLY B . n 
B 2 67  PRO 67  82  82  PRO PRO B . n 
B 2 68  TRP 68  83  83  TRP TRP B . n 
B 2 69  LYS 69  84  84  LYS LYS B . n 
B 2 70  LEU 70  85  85  LEU LEU B . n 
B 2 71  GLN 71  86  86  GLN GLN B . n 
B 2 72  HIS 72  87  87  HIS HIS B . n 
B 2 73  LYS 73  88  88  LYS LYS B . n 
B 2 74  TRP 74  89  89  TRP TRP B . n 
B 2 75  ASN 75  90  90  ASN ASN B . n 
B 2 76  GLY 76  91  91  GLY GLY B . n 
B 2 77  HIS 77  92  92  HIS HIS B . n 
B 2 78  ASP 78  93  93  ASP ASP B . n 
B 2 79  GLU 79  94  94  GLU GLU B . n 
B 2 80  VAL 80  95  95  VAL VAL B . n 
B 2 81  GLN 81  96  96  GLN GLN B . n 
B 2 82  MET 82  97  97  MET MET B . n 
B 2 83  ILE 83  98  98  ILE ILE B . n 
B 2 84  VAL 84  99  99  VAL VAL B . n 
B 2 85  VAL 85  100 100 VAL VAL B . n 
B 2 86  GLU 86  101 101 GLU GLU B . n 
B 2 87  PRO 87  102 102 PRO PRO B . n 
B 2 88  GLY 88  103 103 GLY GLY B . n 
B 2 89  LYS 89  104 104 LYS LYS B . n 
B 2 90  ASN 90  105 105 ASN ASN B . n 
B 2 91  VAL 91  106 106 VAL VAL B . n 
B 2 92  LYS 92  107 107 LYS LYS B . n 
B 2 93  ASN 93  108 108 ASN ASN B . n 
B 2 94  VAL 94  109 109 VAL VAL B . n 
B 2 95  GLN 95  110 110 GLN GLN B . n 
B 2 96  THR 96  111 111 THR THR B . n 
B 2 97  LYS 97  112 112 LYS LYS B . n 
B 2 98  PRO 98  113 113 PRO PRO B . n 
B 2 99  GLY 99  114 114 GLY GLY B . n 
B 2 100 VAL 100 115 115 VAL VAL B . n 
B 2 101 PHE 101 116 116 PHE PHE B . n 
B 2 102 LYS 102 117 117 LYS LYS B . n 
B 2 103 THR 103 118 118 THR THR B . n 
B 2 104 PRO 104 119 119 PRO PRO B . n 
B 2 105 GLU 105 120 120 GLU GLU B . n 
B 2 106 GLY 106 121 121 GLY GLY B . n 
B 2 107 GLU 107 122 122 GLU GLU B . n 
B 2 108 ILE 108 123 123 ILE ILE B . n 
B 2 109 GLY 109 124 124 GLY GLY B . n 
B 2 110 ALA 110 125 125 ALA ALA B . n 
B 2 111 VAL 111 126 126 VAL VAL B . n 
B 2 112 THR 112 127 127 THR THR B . n 
B 2 113 LEU 113 128 128 LEU LEU B . n 
B 2 114 ASP 114 129 129 ASP ASP B . n 
B 2 115 TYR 115 130 130 TYR TYR B . n 
B 2 116 PRO 116 131 131 PRO PRO B . n 
B 2 117 THR 117 132 132 THR THR B . n 
B 2 118 GLY 118 133 133 GLY GLY B . n 
B 2 119 THR 119 134 134 THR THR B . n 
B 2 120 SER 120 135 135 SER SER B . n 
B 2 121 GLY 121 136 136 GLY GLY B . n 
B 2 122 SER 122 137 137 SER SER B . n 
B 2 123 PRO 123 138 138 PRO PRO B . n 
B 2 124 ILE 124 139 139 ILE ILE B . n 
B 2 125 VAL 125 140 140 VAL VAL B . n 
B 2 126 ASP 126 141 141 ASP ASP B . n 
B 2 127 LYS 127 142 142 LYS LYS B . n 
B 2 128 ASN 128 143 143 ASN ASN B . n 
B 2 129 GLY 129 144 144 GLY GLY B . n 
B 2 130 ASP 130 145 145 ASP ASP B . n 
B 2 131 VAL 131 146 146 VAL VAL B . n 
B 2 132 ILE 132 147 147 ILE ILE B . n 
B 2 133 GLY 133 148 148 GLY GLY B . n 
B 2 134 LEU 134 149 149 LEU LEU B . n 
B 2 135 TYR 135 150 150 TYR TYR B . n 
B 2 136 GLY 136 151 151 GLY GLY B . n 
B 2 137 ASN 137 152 152 ASN ASN B . n 
B 2 138 GLY 138 153 153 GLY GLY B . n 
B 2 139 VAL 139 154 154 VAL VAL B . n 
B 2 140 ILE 140 155 155 ILE ILE B . n 
B 2 141 MET 141 156 156 MET MET B . n 
B 2 142 PRO 142 157 157 PRO PRO B . n 
B 2 143 ASN 143 158 158 ASN ASN B . n 
B 2 144 GLY 144 159 159 GLY GLY B . n 
B 2 145 SER 145 160 160 SER SER B . n 
B 2 146 TYR 146 161 161 TYR TYR B . n 
B 2 147 ILE 147 162 162 ILE ILE B . n 
B 2 148 SER 148 163 163 SER SER B . n 
B 2 149 ALA 149 164 164 ALA ALA B . n 
B 2 150 ILE 150 165 165 ILE ILE B . n 
B 2 151 VAL 151 166 166 VAL VAL B . n 
B 2 152 GLN 152 167 167 GLN GLN B . n 
B 2 153 GLY 153 168 168 GLY GLY B . n 
B 2 154 GLU 154 169 169 GLU GLU B . n 
B 2 155 ARG 155 170 170 ARG ARG B . n 
B 2 156 MET 156 171 ?   ?   ?   B . n 
B 2 157 GLU 157 172 ?   ?   ?   B . n 
B 2 158 GLU 158 173 ?   ?   ?   B . n 
B 2 159 PRO 159 174 ?   ?   ?   B . n 
B 2 160 ALA 160 175 ?   ?   ?   B . n 
B 2 161 PRO 161 176 ?   ?   ?   B . n 
B 2 162 ALA 162 177 ?   ?   ?   B . n 
B 2 163 GLY 163 178 ?   ?   ?   B . n 
B 2 164 PHE 164 179 ?   ?   ?   B . n 
B 2 165 GLU 165 180 ?   ?   ?   B . n 
B 2 166 PRO 166 181 ?   ?   ?   B . n 
B 2 167 GLU 167 182 ?   ?   ?   B . n 
B 2 168 MET 168 183 ?   ?   ?   B . n 
B 2 169 LEU 169 184 ?   ?   ?   B . n 
B 2 170 ARG 170 185 ?   ?   ?   B . n 
B 2 171 LYS 171 186 ?   ?   ?   B . n 
B 2 172 LYS 172 187 ?   ?   ?   B . n 
C 3 1   BEZ 1   1   1   BEZ BEZ C . n 
C 3 2   NLE 2   2   2   NLE NLE C . n 
C 3 3   LYS 3   3   3   LYS LYS C . n 
C 3 4   ARG 4   4   4   ARG ARG C . n 
C 3 5   OAR 5   5   5   OAR OAR C . n 
# 
loop_
_pdbx_nonpoly_scheme.asym_id 
_pdbx_nonpoly_scheme.entity_id 
_pdbx_nonpoly_scheme.mon_id 
_pdbx_nonpoly_scheme.ndb_seq_num 
_pdbx_nonpoly_scheme.pdb_seq_num 
_pdbx_nonpoly_scheme.auth_seq_num 
_pdbx_nonpoly_scheme.pdb_mon_id 
_pdbx_nonpoly_scheme.auth_mon_id 
_pdbx_nonpoly_scheme.pdb_strand_id 
_pdbx_nonpoly_scheme.pdb_ins_code 
D 4 HOH 1   98   98   HOH HOH A . 
D 4 HOH 2   99   99   HOH HOH A . 
D 4 HOH 3   100  100  HOH HOH A . 
D 4 HOH 4   101  101  HOH HOH A . 
D 4 HOH 5   102  102  HOH HOH A . 
D 4 HOH 6   103  103  HOH HOH A . 
D 4 HOH 7   104  104  HOH HOH A . 
D 4 HOH 8   105  105  HOH HOH A . 
D 4 HOH 9   106  106  HOH HOH A . 
D 4 HOH 10  107  107  HOH HOH A . 
D 4 HOH 11  108  108  HOH HOH A . 
D 4 HOH 12  109  109  HOH HOH A . 
D 4 HOH 13  110  110  HOH HOH A . 
D 4 HOH 14  111  111  HOH HOH A . 
D 4 HOH 15  112  112  HOH HOH A . 
D 4 HOH 16  113  113  HOH HOH A . 
D 4 HOH 17  114  114  HOH HOH A . 
D 4 HOH 18  115  115  HOH HOH A . 
D 4 HOH 19  116  116  HOH HOH A . 
D 4 HOH 20  117  117  HOH HOH A . 
D 4 HOH 21  118  118  HOH HOH A . 
D 4 HOH 22  119  119  HOH HOH A . 
D 4 HOH 23  120  120  HOH HOH A . 
D 4 HOH 24  121  121  HOH HOH A . 
D 4 HOH 25  122  122  HOH HOH A . 
D 4 HOH 26  123  123  HOH HOH A . 
D 4 HOH 27  124  124  HOH HOH A . 
D 4 HOH 28  125  125  HOH HOH A . 
D 4 HOH 29  126  126  HOH HOH A . 
E 4 HOH 1   1002 1002 HOH HOH B . 
E 4 HOH 2   1003 1003 HOH HOH B . 
E 4 HOH 3   1004 1004 HOH HOH B . 
E 4 HOH 4   1005 1005 HOH HOH B . 
E 4 HOH 5   1006 1006 HOH HOH B . 
E 4 HOH 6   1007 1007 HOH HOH B . 
E 4 HOH 7   1008 1008 HOH HOH B . 
E 4 HOH 8   1009 1009 HOH HOH B . 
E 4 HOH 9   1010 1010 HOH HOH B . 
E 4 HOH 10  1011 1011 HOH HOH B . 
E 4 HOH 11  1012 1012 HOH HOH B . 
E 4 HOH 12  1013 1013 HOH HOH B . 
E 4 HOH 13  1014 1014 HOH HOH B . 
E 4 HOH 14  1015 1015 HOH HOH B . 
E 4 HOH 15  1016 1016 HOH HOH B . 
E 4 HOH 16  1017 1017 HOH HOH B . 
E 4 HOH 17  1018 1018 HOH HOH B . 
E 4 HOH 18  1019 1019 HOH HOH B . 
E 4 HOH 19  1020 1020 HOH HOH B . 
E 4 HOH 20  1021 1021 HOH HOH B . 
E 4 HOH 21  1022 1022 HOH HOH B . 
E 4 HOH 22  1023 1023 HOH HOH B . 
E 4 HOH 23  1024 1024 HOH HOH B . 
E 4 HOH 24  1025 1025 HOH HOH B . 
E 4 HOH 25  1026 1026 HOH HOH B . 
E 4 HOH 26  1027 1027 HOH HOH B . 
E 4 HOH 27  1028 1028 HOH HOH B . 
E 4 HOH 28  1029 1029 HOH HOH B . 
E 4 HOH 29  1030 1030 HOH HOH B . 
E 4 HOH 30  1031 1031 HOH HOH B . 
E 4 HOH 31  1032 1032 HOH HOH B . 
E 4 HOH 32  1033 1033 HOH HOH B . 
E 4 HOH 33  1034 1034 HOH HOH B . 
E 4 HOH 34  1035 1035 HOH HOH B . 
E 4 HOH 35  1036 1036 HOH HOH B . 
E 4 HOH 36  1037 1037 HOH HOH B . 
E 4 HOH 37  1038 1038 HOH HOH B . 
E 4 HOH 38  1039 1039 HOH HOH B . 
E 4 HOH 39  1040 1040 HOH HOH B . 
E 4 HOH 40  1041 1041 HOH HOH B . 
E 4 HOH 41  1042 1042 HOH HOH B . 
E 4 HOH 42  1043 1043 HOH HOH B . 
E 4 HOH 43  1044 1044 HOH HOH B . 
E 4 HOH 44  1045 1045 HOH HOH B . 
E 4 HOH 45  1046 1046 HOH HOH B . 
E 4 HOH 46  1047 1047 HOH HOH B . 
E 4 HOH 47  1048 1048 HOH HOH B . 
E 4 HOH 48  1049 1049 HOH HOH B . 
E 4 HOH 49  1050 1050 HOH HOH B . 
E 4 HOH 50  1051 1051 HOH HOH B . 
E 4 HOH 51  1052 1052 HOH HOH B . 
E 4 HOH 52  1053 1053 HOH HOH B . 
E 4 HOH 53  1054 1054 HOH HOH B . 
E 4 HOH 54  1055 1055 HOH HOH B . 
E 4 HOH 55  1056 1056 HOH HOH B . 
E 4 HOH 56  1057 1057 HOH HOH B . 
E 4 HOH 57  1058 1058 HOH HOH B . 
E 4 HOH 58  1059 1059 HOH HOH B . 
E 4 HOH 59  1060 1060 HOH HOH B . 
E 4 HOH 60  1061 1061 HOH HOH B . 
E 4 HOH 61  1062 1062 HOH HOH B . 
E 4 HOH 62  1063 1063 HOH HOH B . 
E 4 HOH 63  1064 1064 HOH HOH B . 
E 4 HOH 64  1065 1065 HOH HOH B . 
E 4 HOH 65  1066 1066 HOH HOH B . 
E 4 HOH 66  1067 1067 HOH HOH B . 
E 4 HOH 67  1068 1068 HOH HOH B . 
E 4 HOH 68  1069 1069 HOH HOH B . 
E 4 HOH 69  1070 1070 HOH HOH B . 
E 4 HOH 70  1071 1071 HOH HOH B . 
E 4 HOH 71  1072 1072 HOH HOH B . 
E 4 HOH 72  1073 1073 HOH HOH B . 
E 4 HOH 73  1074 1074 HOH HOH B . 
E 4 HOH 74  1075 1075 HOH HOH B . 
E 4 HOH 75  1076 1076 HOH HOH B . 
E 4 HOH 76  1077 1077 HOH HOH B . 
E 4 HOH 77  1078 1078 HOH HOH B . 
E 4 HOH 78  1079 1079 HOH HOH B . 
E 4 HOH 79  1080 1080 HOH HOH B . 
E 4 HOH 80  1081 1081 HOH HOH B . 
E 4 HOH 81  1082 1082 HOH HOH B . 
E 4 HOH 82  1083 1083 HOH HOH B . 
E 4 HOH 83  1084 1084 HOH HOH B . 
E 4 HOH 84  1085 1085 HOH HOH B . 
E 4 HOH 85  1086 1086 HOH HOH B . 
E 4 HOH 86  1087 1087 HOH HOH B . 
E 4 HOH 87  1088 1088 HOH HOH B . 
E 4 HOH 88  1089 1089 HOH HOH B . 
E 4 HOH 89  1090 1090 HOH HOH B . 
E 4 HOH 90  1091 1091 HOH HOH B . 
E 4 HOH 91  1092 1092 HOH HOH B . 
E 4 HOH 92  1093 1093 HOH HOH B . 
E 4 HOH 93  1094 1094 HOH HOH B . 
E 4 HOH 94  1095 1095 HOH HOH B . 
E 4 HOH 95  1096 1096 HOH HOH B . 
E 4 HOH 96  1097 1097 HOH HOH B . 
E 4 HOH 97  1098 1098 HOH HOH B . 
E 4 HOH 98  1099 1099 HOH HOH B . 
E 4 HOH 99  1100 1100 HOH HOH B . 
E 4 HOH 100 1101 1101 HOH HOH B . 
E 4 HOH 101 1102 1102 HOH HOH B . 
E 4 HOH 102 1103 1103 HOH HOH B . 
E 4 HOH 103 1104 1104 HOH HOH B . 
E 4 HOH 104 1105 1105 HOH HOH B . 
# 
loop_
_software.name 
_software.classification 
_software.version 
_software.citation_id 
_software.pdbx_ordinal 
_software.date 
_software.type 
_software.location 
_software.language 
REFMAC refinement        5.2.0005 ? 1 ? ? ? ? 
MAR345 'data collection' .        ? 2 ? ? ? ? 
XDS    'data scaling'    .        ? 3 ? ? ? ? 
CNX    phasing           .        ? 4 ? ? ? ? 
# 
_cell.entry_id           2FP7 
_cell.length_a           93.425 
_cell.length_b           93.425 
_cell.length_c           47.435 
_cell.angle_alpha        90.00 
_cell.angle_beta         90.00 
_cell.angle_gamma        120.00 
_cell.Z_PDB              6 
_cell.pdbx_unique_axis   ? 
_cell.length_a_esd       ? 
_cell.length_b_esd       ? 
_cell.length_c_esd       ? 
_cell.angle_alpha_esd    ? 
_cell.angle_beta_esd     ? 
_cell.angle_gamma_esd    ? 
# 
_symmetry.entry_id                         2FP7 
_symmetry.space_group_name_H-M             'P 65' 
_symmetry.pdbx_full_space_group_name_H-M   ? 
_symmetry.cell_setting                     ? 
_symmetry.Int_Tables_number                170 
_symmetry.space_group_name_Hall            ? 
# 
_exptl.entry_id          2FP7 
_exptl.method            'X-RAY DIFFRACTION' 
_exptl.crystals_number   1 
# 
_exptl_crystal.id                    1 
_exptl_crystal.density_meas          ? 
_exptl_crystal.density_Matthews      2.42 
_exptl_crystal.density_percent_sol   49.15 
_exptl_crystal.description           ? 
_exptl_crystal.F_000                 ? 
_exptl_crystal.preparation           ? 
# 
_exptl_crystal_grow.crystal_id      1 
_exptl_crystal_grow.method          'VAPOR DIFFUSION' 
_exptl_crystal_grow.temp            298 
_exptl_crystal_grow.temp_details    ? 
_exptl_crystal_grow.pH              8.5 
_exptl_crystal_grow.pdbx_details    '2 M ammonioum sulfate, 100mM HEPES., pH 8.5, VAPOR DIFFUSION, temperature 321K' 
_exptl_crystal_grow.pdbx_pH_range   . 
# 
_diffrn.id                     1 
_diffrn.ambient_temp           100 
_diffrn.ambient_temp_details   ? 
_diffrn.crystal_id             1 
# 
_diffrn_detector.diffrn_id              1 
_diffrn_detector.detector               CCD 
_diffrn_detector.type                   MARRESEARCH 
_diffrn_detector.pdbx_collection_date   2005-11-25 
_diffrn_detector.details                ? 
# 
_diffrn_radiation.diffrn_id                        1 
_diffrn_radiation.wavelength_id                    1 
_diffrn_radiation.pdbx_monochromatic_or_laue_m_l   M 
_diffrn_radiation.monochromator                    ? 
_diffrn_radiation.pdbx_diffrn_protocol             'SINGLE WAVELENGTH' 
_diffrn_radiation.pdbx_scattering_type             x-ray 
# 
_diffrn_radiation_wavelength.id           1 
_diffrn_radiation_wavelength.wavelength   1.00005 
_diffrn_radiation_wavelength.wt           1.0 
# 
_diffrn_source.diffrn_id                   1 
_diffrn_source.source                      SYNCHROTRON 
_diffrn_source.type                        'SLS BEAMLINE X10SA' 
_diffrn_source.pdbx_synchrotron_site       SLS 
_diffrn_source.pdbx_synchrotron_beamline   X10SA 
_diffrn_source.pdbx_wavelength             ? 
_diffrn_source.pdbx_wavelength_list        1.00005 
# 
_reflns.entry_id                     2FP7 
_reflns.observed_criterion_sigma_I   -3.0 
_reflns.observed_criterion_sigma_F   ? 
_reflns.d_resolution_low             81.0 
_reflns.d_resolution_high            1.68 
_reflns.number_obs                   26547 
_reflns.number_all                   26547 
_reflns.percent_possible_obs         97.9 
_reflns.pdbx_Rmerge_I_obs            ? 
_reflns.pdbx_Rsym_value              0.047 
_reflns.pdbx_netI_over_sigmaI        21.5 
_reflns.B_iso_Wilson_estimate        30.5 
_reflns.pdbx_redundancy              5.6 
_reflns.R_free_details               ? 
_reflns.limit_h_max                  ? 
_reflns.limit_h_min                  ? 
_reflns.limit_k_max                  ? 
_reflns.limit_k_min                  ? 
_reflns.limit_l_max                  ? 
_reflns.limit_l_min                  ? 
_reflns.observed_criterion_F_max     ? 
_reflns.observed_criterion_F_min     ? 
_reflns.pdbx_chi_squared             ? 
_reflns.pdbx_scaling_rejects         ? 
_reflns.pdbx_ordinal                 1 
_reflns.pdbx_diffrn_id               1 
# 
_reflns_shell.d_res_high             1.68 
_reflns_shell.d_res_low              1.73 
_reflns_shell.percent_possible_all   92.4 
_reflns_shell.Rmerge_I_obs           ? 
_reflns_shell.pdbx_Rsym_value        0.313 
_reflns_shell.meanI_over_sigI_obs    3.8 
_reflns_shell.pdbx_redundancy        3.1 
_reflns_shell.percent_possible_obs   ? 
_reflns_shell.number_unique_all      ? 
_reflns_shell.number_measured_all    ? 
_reflns_shell.number_measured_obs    ? 
_reflns_shell.number_unique_obs      ? 
_reflns_shell.pdbx_chi_squared       ? 
_reflns_shell.pdbx_ordinal           1 
_reflns_shell.pdbx_diffrn_id         1 
# 
_refine.entry_id                                 2FP7 
_refine.ls_number_reflns_obs                     25216 
_refine.ls_number_reflns_all                     25216 
_refine.pdbx_ls_sigma_I                          ? 
_refine.pdbx_ls_sigma_F                          ? 
_refine.pdbx_data_cutoff_high_absF               ? 
_refine.pdbx_data_cutoff_low_absF                ? 
_refine.pdbx_data_cutoff_high_rms_absF           ? 
_refine.ls_d_res_low                             46.73 
_refine.ls_d_res_high                            1.68 
_refine.ls_percent_reflns_obs                    97.87 
_refine.ls_R_factor_obs                          0.18247 
_refine.ls_R_factor_all                          ? 
_refine.ls_R_factor_R_work                       0.18054 
_refine.ls_R_factor_R_free                       0.2188 
_refine.ls_R_factor_R_free_error                 ? 
_refine.ls_R_factor_R_free_error_details         ? 
_refine.ls_percent_reflns_R_free                 5.0 
_refine.ls_number_reflns_R_free                  1328 
_refine.ls_number_parameters                     ? 
_refine.ls_number_restraints                     ? 
_refine.occupancy_min                            ? 
_refine.occupancy_max                            ? 
_refine.correlation_coeff_Fo_to_Fc               0.961 
_refine.correlation_coeff_Fo_to_Fc_free          0.943 
_refine.B_iso_mean                               30.780 
_refine.aniso_B[1][1]                            -1.32 
_refine.aniso_B[2][2]                            -1.32 
_refine.aniso_B[3][3]                            1.98 
_refine.aniso_B[1][2]                            -0.66 
_refine.aniso_B[1][3]                            0.00 
_refine.aniso_B[2][3]                            0.00 
_refine.solvent_model_details                    MASK 
_refine.solvent_model_param_ksol                 ? 
_refine.solvent_model_param_bsol                 ? 
_refine.pdbx_solvent_vdw_probe_radii             1.40 
_refine.pdbx_solvent_ion_probe_radii             0.80 
_refine.pdbx_solvent_shrinkage_radii             0.80 
_refine.pdbx_ls_cross_valid_method               THROUGHOUT 
_refine.details                                  'HYDROGENS HAVE BEEN ADDED IN THE RIDING POSITIONS' 
_refine.pdbx_starting_model                      'inhouse - obtained by SAD phasing' 
_refine.pdbx_method_to_determine_struct          'MOLECULAR REPLACEMENT' 
_refine.pdbx_isotropic_thermal_model             ? 
_refine.pdbx_stereochemistry_target_values       'MAXIMUM LIKELIHOOD' 
_refine.pdbx_stereochem_target_val_spec_case     ? 
_refine.pdbx_R_Free_selection_details            RANDOM 
_refine.pdbx_overall_ESU_R                       0.091 
_refine.pdbx_overall_ESU_R_Free                  0.096 
_refine.overall_SU_ML                            0.060 
_refine.overall_SU_B                             3.533 
_refine.ls_redundancy_reflns_obs                 ? 
_refine.B_iso_min                                ? 
_refine.B_iso_max                                ? 
_refine.overall_SU_R_Cruickshank_DPI             ? 
_refine.overall_SU_R_free                        ? 
_refine.ls_wR_factor_R_free                      ? 
_refine.ls_wR_factor_R_work                      ? 
_refine.overall_FOM_free_R_set                   ? 
_refine.overall_FOM_work_R_set                   ? 
_refine.pdbx_refine_id                           'X-RAY DIFFRACTION' 
_refine.pdbx_TLS_residual_ADP_flag               'LIKELY RESIDUAL' 
_refine.pdbx_diffrn_id                           1 
_refine.pdbx_overall_phase_error                 ? 
_refine.pdbx_overall_SU_R_free_Cruickshank_DPI   ? 
_refine.pdbx_overall_SU_R_Blow_DPI               ? 
_refine.pdbx_overall_SU_R_free_Blow_DPI          ? 
# 
_refine_hist.pdbx_refine_id                   'X-RAY DIFFRACTION' 
_refine_hist.cycle_id                         LAST 
_refine_hist.pdbx_number_atoms_protein        1486 
_refine_hist.pdbx_number_atoms_nucleic_acid   0 
_refine_hist.pdbx_number_atoms_ligand         0 
_refine_hist.number_atoms_solvent             133 
_refine_hist.number_atoms_total               1619 
_refine_hist.d_res_high                       1.68 
_refine_hist.d_res_low                        46.73 
# 
loop_
_refine_ls_restr.type 
_refine_ls_restr.dev_ideal 
_refine_ls_restr.dev_ideal_target 
_refine_ls_restr.weight 
_refine_ls_restr.number 
_refine_ls_restr.pdbx_refine_id 
_refine_ls_restr.pdbx_restraint_function 
r_bond_refined_d             0.012  0.022  ? 1523 'X-RAY DIFFRACTION' ? 
r_bond_other_d               ?      ?      ? ?    'X-RAY DIFFRACTION' ? 
r_angle_refined_deg          1.388  1.969  ? 2060 'X-RAY DIFFRACTION' ? 
r_angle_other_deg            ?      ?      ? ?    'X-RAY DIFFRACTION' ? 
r_dihedral_angle_1_deg       6.491  5.000  ? 186  'X-RAY DIFFRACTION' ? 
r_dihedral_angle_2_deg       28.996 24.848 ? 66   'X-RAY DIFFRACTION' ? 
r_dihedral_angle_3_deg       13.167 15.000 ? 241  'X-RAY DIFFRACTION' ? 
r_dihedral_angle_4_deg       15.465 15.000 ? 7    'X-RAY DIFFRACTION' ? 
r_chiral_restr               0.105  0.200  ? 221  'X-RAY DIFFRACTION' ? 
r_gen_planes_refined         0.005  0.020  ? 1161 'X-RAY DIFFRACTION' ? 
r_gen_planes_other           ?      ?      ? ?    'X-RAY DIFFRACTION' ? 
r_nbd_refined                0.195  0.200  ? 619  'X-RAY DIFFRACTION' ? 
r_nbd_other                  ?      ?      ? ?    'X-RAY DIFFRACTION' ? 
r_nbtor_refined              0.306  0.200  ? 1026 'X-RAY DIFFRACTION' ? 
r_nbtor_other                ?      ?      ? ?    'X-RAY DIFFRACTION' ? 
r_xyhbond_nbd_refined        0.117  0.200  ? 130  'X-RAY DIFFRACTION' ? 
r_xyhbond_nbd_other          ?      ?      ? ?    'X-RAY DIFFRACTION' ? 
r_metal_ion_refined          ?      ?      ? ?    'X-RAY DIFFRACTION' ? 
r_metal_ion_other            ?      ?      ? ?    'X-RAY DIFFRACTION' ? 
r_symmetry_vdw_refined       0.140  0.200  ? 28   'X-RAY DIFFRACTION' ? 
r_symmetry_vdw_other         ?      ?      ? ?    'X-RAY DIFFRACTION' ? 
r_symmetry_hbond_refined     0.154  0.200  ? 13   'X-RAY DIFFRACTION' ? 
r_symmetry_hbond_other       ?      ?      ? ?    'X-RAY DIFFRACTION' ? 
r_symmetry_metal_ion_refined ?      ?      ? ?    'X-RAY DIFFRACTION' ? 
r_symmetry_metal_ion_other   ?      ?      ? ?    'X-RAY DIFFRACTION' ? 
r_mcbond_it                  0.913  1.500  ? 944  'X-RAY DIFFRACTION' ? 
r_mcbond_other               ?      ?      ? ?    'X-RAY DIFFRACTION' ? 
r_mcangle_it                 1.485  2.000  ? 1479 'X-RAY DIFFRACTION' ? 
r_scbond_it                  2.034  3.000  ? 675  'X-RAY DIFFRACTION' ? 
r_scangle_it                 3.138  4.500  ? 580  'X-RAY DIFFRACTION' ? 
r_rigid_bond_restr           ?      ?      ? ?    'X-RAY DIFFRACTION' ? 
r_sphericity_free            ?      ?      ? ?    'X-RAY DIFFRACTION' ? 
r_sphericity_bonded          ?      ?      ? ?    'X-RAY DIFFRACTION' ? 
# 
_refine_ls_shell.pdbx_total_number_of_bins_used   20 
_refine_ls_shell.d_res_high                       1.680 
_refine_ls_shell.d_res_low                        1.724 
_refine_ls_shell.number_reflns_R_work             1762 
_refine_ls_shell.R_factor_R_work                  0.236 
_refine_ls_shell.percent_reflns_obs               92.11 
_refine_ls_shell.R_factor_R_free                  0.288 
_refine_ls_shell.R_factor_R_free_error            ? 
_refine_ls_shell.percent_reflns_R_free            ? 
_refine_ls_shell.number_reflns_R_free             93 
_refine_ls_shell.number_reflns_all                ? 
_refine_ls_shell.R_factor_all                     ? 
_refine_ls_shell.redundancy_reflns_obs            ? 
_refine_ls_shell.number_reflns_obs                ? 
_refine_ls_shell.pdbx_refine_id                   'X-RAY DIFFRACTION' 
# 
_struct.entry_id                  2FP7 
_struct.title                     'West Nile Virus NS2B/NS3protease in complex with Bz-Nle-Lys-Arg-Arg-H' 
_struct.pdbx_model_details        ? 
_struct.pdbx_CASP_flag            ? 
_struct.pdbx_model_type_details   ? 
# 
_struct_keywords.entry_id        2FP7 
_struct_keywords.pdbx_keywords   'HYDROLASE/HYDROLASE INHIBITOR' 
_struct_keywords.text            
'Flavivirus, NS3 protease, NS2B cofactor, substrate-based inhibitor, HYDROLASE-HYDROLASE INHIBITOR COMPLEX' 
# 
loop_
_struct_asym.id 
_struct_asym.pdbx_blank_PDB_chainid_flag 
_struct_asym.pdbx_modified 
_struct_asym.entity_id 
_struct_asym.details 
A N N 1 ? 
B N N 2 ? 
C N N 3 ? 
D N N 4 ? 
E N N 4 ? 
# 
loop_
_struct_ref.id 
_struct_ref.db_name 
_struct_ref.db_code 
_struct_ref.pdbx_db_accession 
_struct_ref.pdbx_db_isoform 
_struct_ref.entity_id 
_struct_ref.pdbx_seq_one_letter_code 
_struct_ref.pdbx_align_begin 
1 UNP POLG_WNV P06935 ? 1 TDMWIERTADITWESDAEITGSSERVDVRLDDDGNFQLMNDPGAPWK 1420 
2 UNP POLG_WNV P06935 ? 2 
;GDTTTGVYRIMTRGLLGSYQAGAGVMVEGVFHTLWHTTKGAALMSGEGRLDPYWGSVKEDRLCYGGPWKLQHKWNGHDEV
QMIVVEPGKNVKNVQTKPGVFKTPEGEIGAVTLDYPTGTSGSPIVDKNGDVIGLYGNGVIMPNGSYISAIVQGERMEEPA
PAGFEPEMLRKK
;
1517 
3 PDB 2FP7     2FP7   ? 3 ? 1    
# 
loop_
_struct_ref_seq.align_id 
_struct_ref_seq.ref_id 
_struct_ref_seq.pdbx_PDB_id_code 
_struct_ref_seq.pdbx_strand_id 
_struct_ref_seq.seq_align_beg 
_struct_ref_seq.pdbx_seq_align_beg_ins_code 
_struct_ref_seq.seq_align_end 
_struct_ref_seq.pdbx_seq_align_end_ins_code 
_struct_ref_seq.pdbx_db_accession 
_struct_ref_seq.db_align_beg 
_struct_ref_seq.pdbx_db_align_beg_ins_code 
_struct_ref_seq.db_align_end 
_struct_ref_seq.pdbx_db_align_end_ins_code 
_struct_ref_seq.pdbx_auth_seq_align_beg 
_struct_ref_seq.pdbx_auth_seq_align_end 
1 1 2FP7 A 7 ? 53  ? P06935 1420 ? 1466 ? 50 96  
2 2 2FP7 B 1 ? 172 ? P06935 1517 ? 1688 ? 16 187 
3 3 2FP7 C 1 ? 5   ? 2FP7   1    ? 5    ? 1  5   
# 
loop_
_struct_ref_seq_dif.align_id 
_struct_ref_seq_dif.pdbx_pdb_id_code 
_struct_ref_seq_dif.mon_id 
_struct_ref_seq_dif.pdbx_pdb_strand_id 
_struct_ref_seq_dif.seq_num 
_struct_ref_seq_dif.pdbx_pdb_ins_code 
_struct_ref_seq_dif.pdbx_seq_db_name 
_struct_ref_seq_dif.pdbx_seq_db_accession_code 
_struct_ref_seq_dif.db_mon_id 
_struct_ref_seq_dif.pdbx_seq_db_seq_num 
_struct_ref_seq_dif.details 
_struct_ref_seq_dif.pdbx_auth_seq_num 
_struct_ref_seq_dif.pdbx_ordinal 
1 2FP7 GLY A 1  ? UNP P06935 ? ? 'expression tag' 44 1 
1 2FP7 SER A 2  ? UNP P06935 ? ? 'expression tag' 45 2 
1 2FP7 HIS A 3  ? UNP P06935 ? ? 'expression tag' 46 3 
1 2FP7 MET A 4  ? UNP P06935 ? ? 'expression tag' 47 4 
1 2FP7 LEU A 5  ? UNP P06935 ? ? 'expression tag' 48 5 
1 2FP7 GLU A 6  ? UNP P06935 ? ? 'expression tag' 49 6 
1 2FP7 GLY A 54 ? UNP P06935 ? ? 'expression tag' 97 7 
# 
_pdbx_struct_assembly.id                   1 
_pdbx_struct_assembly.details              author_and_software_defined_assembly 
_pdbx_struct_assembly.method_details       PISA 
_pdbx_struct_assembly.oligomeric_details   trimeric 
_pdbx_struct_assembly.oligomeric_count     3 
# 
loop_
_pdbx_struct_assembly_prop.biol_id 
_pdbx_struct_assembly_prop.type 
_pdbx_struct_assembly_prop.value 
_pdbx_struct_assembly_prop.details 
1 'ABSA (A^2)' 5090 ? 
1 MORE         -33  ? 
1 'SSA (A^2)'  9050 ? 
# 
_pdbx_struct_assembly_gen.assembly_id       1 
_pdbx_struct_assembly_gen.oper_expression   1 
_pdbx_struct_assembly_gen.asym_id_list      A,B,C,D,E 
# 
_pdbx_struct_oper_list.id                   1 
_pdbx_struct_oper_list.type                 'identity operation' 
_pdbx_struct_oper_list.name                 1_555 
_pdbx_struct_oper_list.symmetry_operation   x,y,z 
_pdbx_struct_oper_list.matrix[1][1]         1.0000000000 
_pdbx_struct_oper_list.matrix[1][2]         0.0000000000 
_pdbx_struct_oper_list.matrix[1][3]         0.0000000000 
_pdbx_struct_oper_list.vector[1]            0.0000000000 
_pdbx_struct_oper_list.matrix[2][1]         0.0000000000 
_pdbx_struct_oper_list.matrix[2][2]         1.0000000000 
_pdbx_struct_oper_list.matrix[2][3]         0.0000000000 
_pdbx_struct_oper_list.vector[2]            0.0000000000 
_pdbx_struct_oper_list.matrix[3][1]         0.0000000000 
_pdbx_struct_oper_list.matrix[3][2]         0.0000000000 
_pdbx_struct_oper_list.matrix[3][3]         1.0000000000 
_pdbx_struct_oper_list.vector[3]            0.0000000000 
# 
_struct_biol.id                    1 
_struct_biol.details               'The biological assembly is a monomer' 
_struct_biol.pdbx_parent_biol_id   ? 
# 
loop_
_struct_conf.conf_type_id 
_struct_conf.id 
_struct_conf.pdbx_PDB_helix_id 
_struct_conf.beg_label_comp_id 
_struct_conf.beg_label_asym_id 
_struct_conf.beg_label_seq_id 
_struct_conf.pdbx_beg_PDB_ins_code 
_struct_conf.end_label_comp_id 
_struct_conf.end_label_asym_id 
_struct_conf.end_label_seq_id 
_struct_conf.pdbx_end_PDB_ins_code 
_struct_conf.beg_auth_comp_id 
_struct_conf.beg_auth_asym_id 
_struct_conf.beg_auth_seq_id 
_struct_conf.end_auth_comp_id 
_struct_conf.end_auth_asym_id 
_struct_conf.end_auth_seq_id 
_struct_conf.pdbx_PDB_helix_class 
_struct_conf.details 
_struct_conf.pdbx_PDB_helix_length 
HELX_P HELX_P1 1 TRP B 35  ? LYS B 39  ? TRP B 50  LYS B 54  1 ? 5 
HELX_P HELX_P2 2 PRO B 116 ? SER B 120 ? PRO B 131 SER B 135 5 ? 5 
# 
_struct_conf_type.id          HELX_P 
_struct_conf_type.criteria    ? 
_struct_conf_type.reference   ? 
# 
loop_
_struct_conn.id 
_struct_conn.conn_type_id 
_struct_conn.pdbx_leaving_atom_flag 
_struct_conn.pdbx_PDB_id 
_struct_conn.ptnr1_label_asym_id 
_struct_conn.ptnr1_label_comp_id 
_struct_conn.ptnr1_label_seq_id 
_struct_conn.ptnr1_label_atom_id 
_struct_conn.pdbx_ptnr1_label_alt_id 
_struct_conn.pdbx_ptnr1_PDB_ins_code 
_struct_conn.pdbx_ptnr1_standard_comp_id 
_struct_conn.ptnr1_symmetry 
_struct_conn.ptnr2_label_asym_id 
_struct_conn.ptnr2_label_comp_id 
_struct_conn.ptnr2_label_seq_id 
_struct_conn.ptnr2_label_atom_id 
_struct_conn.pdbx_ptnr2_label_alt_id 
_struct_conn.pdbx_ptnr2_PDB_ins_code 
_struct_conn.ptnr1_auth_asym_id 
_struct_conn.ptnr1_auth_comp_id 
_struct_conn.ptnr1_auth_seq_id 
_struct_conn.ptnr2_auth_asym_id 
_struct_conn.ptnr2_auth_comp_id 
_struct_conn.ptnr2_auth_seq_id 
_struct_conn.ptnr2_symmetry 
_struct_conn.pdbx_ptnr3_label_atom_id 
_struct_conn.pdbx_ptnr3_label_seq_id 
_struct_conn.pdbx_ptnr3_label_comp_id 
_struct_conn.pdbx_ptnr3_label_asym_id 
_struct_conn.pdbx_ptnr3_label_alt_id 
_struct_conn.pdbx_ptnr3_PDB_ins_code 
_struct_conn.details 
_struct_conn.pdbx_dist_value 
_struct_conn.pdbx_value_order 
_struct_conn.pdbx_role 
covale1 covale one  ? B SER 120 OG ? ? ? 1_555 C OAR 5 C ? ? B SER 135 C OAR 5 1_555 ? ? ? ? ? ? ? 1.362 ? ? 
covale2 covale both ? C BEZ 1   C  ? ? ? 1_555 C NLE 2 N ? ? C BEZ 1   C NLE 2 1_555 ? ? ? ? ? ? ? 1.263 ? ? 
covale3 covale both ? C NLE 2   C  ? ? ? 1_555 C LYS 3 N ? ? C NLE 2   C LYS 3 1_555 ? ? ? ? ? ? ? 1.266 ? ? 
covale4 covale both ? C ARG 4   C  ? ? ? 1_555 C OAR 5 N ? ? C ARG 4   C OAR 5 1_555 ? ? ? ? ? ? ? 1.342 ? ? 
# 
_struct_conn_type.id          covale 
_struct_conn_type.criteria    ? 
_struct_conn_type.reference   ? 
# 
loop_
_struct_sheet.id 
_struct_sheet.type 
_struct_sheet.number_strands 
_struct_sheet.details 
A ? 6 ? 
B ? 5 ? 
C ? 6 ? 
D ? 2 ? 
# 
loop_
_struct_sheet_order.sheet_id 
_struct_sheet_order.range_id_1 
_struct_sheet_order.range_id_2 
_struct_sheet_order.offset 
_struct_sheet_order.sense 
A 1 2 ? anti-parallel 
A 2 3 ? anti-parallel 
A 3 4 ? anti-parallel 
A 4 5 ? anti-parallel 
A 5 6 ? anti-parallel 
B 1 2 ? parallel      
B 2 3 ? anti-parallel 
B 3 4 ? anti-parallel 
B 4 5 ? anti-parallel 
C 1 2 ? anti-parallel 
C 2 3 ? parallel      
C 3 4 ? anti-parallel 
C 4 5 ? anti-parallel 
C 5 6 ? anti-parallel 
D 1 2 ? anti-parallel 
# 
loop_
_struct_sheet_range.sheet_id 
_struct_sheet_range.id 
_struct_sheet_range.beg_label_comp_id 
_struct_sheet_range.beg_label_asym_id 
_struct_sheet_range.beg_label_seq_id 
_struct_sheet_range.pdbx_beg_PDB_ins_code 
_struct_sheet_range.end_label_comp_id 
_struct_sheet_range.end_label_asym_id 
_struct_sheet_range.end_label_seq_id 
_struct_sheet_range.pdbx_end_PDB_ins_code 
_struct_sheet_range.beg_auth_comp_id 
_struct_sheet_range.beg_auth_asym_id 
_struct_sheet_range.beg_auth_seq_id 
_struct_sheet_range.end_auth_comp_id 
_struct_sheet_range.end_auth_asym_id 
_struct_sheet_range.end_auth_seq_id 
A 1 TRP A 10  ? ALA A 15  ? TRP A 53  ALA A 58  
A 2 GLY B 6   ? MET B 11  ? GLY B 21  MET B 26  
A 3 GLN B 20  ? VAL B 27  ? GLN B 35  VAL B 42  
A 4 VAL B 30  ? LEU B 34  ? VAL B 45  LEU B 49  
A 5 ARG B 61  ? TYR B 64  ? ARG B 76  TYR B 79  
A 6 PRO B 52  ? SER B 56  ? PRO B 67  SER B 71  
B 1 GLU A 24  ? ILE A 25  ? GLU A 67  ILE A 68  
B 2 LYS B 92  ? THR B 96  ? LYS B 107 THR B 111 
B 3 VAL B 80  ? VAL B 84  ? VAL B 95  VAL B 99  
B 4 PRO B 123 ? VAL B 125 ? PRO B 138 VAL B 140 
B 5 VAL B 131 ? LEU B 134 ? VAL B 146 LEU B 149 
C 1 PHE A 42  ? LEU A 44  ? PHE A 85  LEU A 87  
C 2 ARG A 31  ? LEU A 36  ? ARG A 74  LEU A 79  
C 3 GLY B 99  ? THR B 103 ? GLY B 114 THR B 118 
C 4 GLY B 106 ? VAL B 111 ? GLY B 121 VAL B 126 
C 5 TYR B 146 ? ALA B 149 ? TYR B 161 ALA B 164 
C 6 GLY B 138 ? ILE B 140 ? GLY B 153 ILE B 155 
D 1 LEU B 43  ? SER B 45  ? LEU B 58  SER B 60  
D 2 GLY B 48  ? LEU B 50  ? GLY B 63  LEU B 65  
# 
loop_
_pdbx_struct_sheet_hbond.sheet_id 
_pdbx_struct_sheet_hbond.range_id_1 
_pdbx_struct_sheet_hbond.range_id_2 
_pdbx_struct_sheet_hbond.range_1_label_atom_id 
_pdbx_struct_sheet_hbond.range_1_label_comp_id 
_pdbx_struct_sheet_hbond.range_1_label_asym_id 
_pdbx_struct_sheet_hbond.range_1_label_seq_id 
_pdbx_struct_sheet_hbond.range_1_PDB_ins_code 
_pdbx_struct_sheet_hbond.range_1_auth_atom_id 
_pdbx_struct_sheet_hbond.range_1_auth_comp_id 
_pdbx_struct_sheet_hbond.range_1_auth_asym_id 
_pdbx_struct_sheet_hbond.range_1_auth_seq_id 
_pdbx_struct_sheet_hbond.range_2_label_atom_id 
_pdbx_struct_sheet_hbond.range_2_label_comp_id 
_pdbx_struct_sheet_hbond.range_2_label_asym_id 
_pdbx_struct_sheet_hbond.range_2_label_seq_id 
_pdbx_struct_sheet_hbond.range_2_PDB_ins_code 
_pdbx_struct_sheet_hbond.range_2_auth_atom_id 
_pdbx_struct_sheet_hbond.range_2_auth_comp_id 
_pdbx_struct_sheet_hbond.range_2_auth_asym_id 
_pdbx_struct_sheet_hbond.range_2_auth_seq_id 
A 1 2 N ALA A 15  ? N ALA A 58  O VAL B 7   ? O VAL B 22  
A 2 3 N ILE B 10  ? N ILE B 25  O GLY B 22  ? O GLY B 37  
A 3 4 N VAL B 25  ? N VAL B 40  O HIS B 32  ? O HIS B 47  
A 4 5 N THR B 33  ? N THR B 48  O LEU B 62  ? O LEU B 77  
A 5 6 O CYS B 63  ? O CYS B 78  N TYR B 53  ? N TYR B 68  
B 1 2 N GLU A 24  ? N GLU A 67  O GLN B 95  ? O GLN B 110 
B 2 3 O THR B 96  ? O THR B 111 N VAL B 80  ? N VAL B 95  
B 3 4 N GLN B 81  ? N GLN B 96  O VAL B 125 ? O VAL B 140 
B 4 5 N ILE B 124 ? N ILE B 139 O GLY B 133 ? O GLY B 148 
C 1 2 O GLN A 43  ? O GLN A 86  N ARG A 35  ? N ARG A 78  
C 2 3 N VAL A 32  ? N VAL A 75  O LYS B 102 ? O LYS B 117 
C 3 4 N GLY B 99  ? N GLY B 114 O ALA B 110 ? O ALA B 125 
C 4 5 N VAL B 111 ? N VAL B 126 O SER B 148 ? O SER B 163 
C 5 6 O ILE B 147 ? O ILE B 162 N VAL B 139 ? N VAL B 154 
D 1 2 N LEU B 43  ? N LEU B 58  O LEU B 50  ? O LEU B 65  
# 
_struct_site.id                   AC1 
_struct_site.pdbx_evidence_code   Software 
_struct_site.pdbx_auth_asym_id    ? 
_struct_site.pdbx_auth_comp_id    ? 
_struct_site.pdbx_auth_seq_id     ? 
_struct_site.pdbx_auth_ins_code   ? 
_struct_site.pdbx_num_residues    26 
_struct_site.details              
'BINDING SITE FOR CHAIN C OF N-BENZOYL-L-NORLEUCYL-L-LYSYL-N-[(2S)-5-CARBAMIMIDAMIDO-1- HYDROXYPENTAN-2-YL]-L-ARGININAMIDE' 
# 
loop_
_struct_site_gen.id 
_struct_site_gen.site_id 
_struct_site_gen.pdbx_num_res 
_struct_site_gen.label_comp_id 
_struct_site_gen.label_asym_id 
_struct_site_gen.label_seq_id 
_struct_site_gen.pdbx_auth_ins_code 
_struct_site_gen.auth_comp_id 
_struct_site_gen.auth_asym_id 
_struct_site_gen.auth_seq_id 
_struct_site_gen.label_atom_id 
_struct_site_gen.label_alt_id 
_struct_site_gen.symmetry 
_struct_site_gen.details 
1  AC1 26 ASP A 39  ? ASP A 82   . ? 1_555 ? 
2  AC1 26 GLY A 40  ? GLY A 83   . ? 1_555 ? 
3  AC1 26 ASN A 41  ? ASN A 84   . ? 1_555 ? 
4  AC1 26 PHE A 42  ? PHE A 85   . ? 1_555 ? 
5  AC1 26 GLN A 43  ? GLN A 86   . ? 1_555 ? 
6  AC1 26 HIS B 36  ? HIS B 51   . ? 1_555 ? 
7  AC1 26 PRO B 52  ? PRO B 67   . ? 4_664 ? 
8  AC1 26 TYR B 53  ? TYR B 68   . ? 4_664 ? 
9  AC1 26 TRP B 54  ? TRP B 69   . ? 4_664 ? 
10 AC1 26 GLY B 55  ? GLY B 70   . ? 4_664 ? 
11 AC1 26 VAL B 57  ? VAL B 72   . ? 4_664 ? 
12 AC1 26 ASP B 60  ? ASP B 75   . ? 1_555 ? 
13 AC1 26 ASP B 114 ? ASP B 129  . ? 1_555 ? 
14 AC1 26 TYR B 115 ? TYR B 130  . ? 1_555 ? 
15 AC1 26 THR B 117 ? THR B 132  . ? 1_555 ? 
16 AC1 26 SER B 120 ? SER B 135  . ? 1_555 ? 
17 AC1 26 GLY B 136 ? GLY B 151  . ? 1_555 ? 
18 AC1 26 ASN B 137 ? ASN B 152  . ? 1_555 ? 
19 AC1 26 GLY B 138 ? GLY B 153  . ? 1_555 ? 
20 AC1 26 TYR B 146 ? TYR B 161  . ? 1_555 ? 
21 AC1 26 HOH E .   ? HOH B 1020 . ? 1_555 ? 
22 AC1 26 HOH E .   ? HOH B 1043 . ? 1_555 ? 
23 AC1 26 HOH E .   ? HOH B 1045 . ? 1_555 ? 
24 AC1 26 HOH E .   ? HOH B 1059 . ? 1_555 ? 
25 AC1 26 HOH E .   ? HOH B 1066 . ? 1_555 ? 
26 AC1 26 HOH E .   ? HOH B 1078 . ? 4_664 ? 
# 
_pdbx_validate_close_contact.id               1 
_pdbx_validate_close_contact.PDB_model_num    1 
_pdbx_validate_close_contact.auth_atom_id_1   OG 
_pdbx_validate_close_contact.auth_asym_id_1   B 
_pdbx_validate_close_contact.auth_comp_id_1   SER 
_pdbx_validate_close_contact.auth_seq_id_1    135 
_pdbx_validate_close_contact.PDB_ins_code_1   ? 
_pdbx_validate_close_contact.label_alt_id_1   ? 
_pdbx_validate_close_contact.auth_atom_id_2   O 
_pdbx_validate_close_contact.auth_asym_id_2   C 
_pdbx_validate_close_contact.auth_comp_id_2   OAR 
_pdbx_validate_close_contact.auth_seq_id_2    5 
_pdbx_validate_close_contact.PDB_ins_code_2   ? 
_pdbx_validate_close_contact.label_alt_id_2   ? 
_pdbx_validate_close_contact.dist             2.13 
# 
loop_
_pdbx_validate_torsion.id 
_pdbx_validate_torsion.PDB_model_num 
_pdbx_validate_torsion.auth_comp_id 
_pdbx_validate_torsion.auth_asym_id 
_pdbx_validate_torsion.auth_seq_id 
_pdbx_validate_torsion.PDB_ins_code 
_pdbx_validate_torsion.label_alt_id 
_pdbx_validate_torsion.phi 
_pdbx_validate_torsion.psi 
1 1 VAL B 100 ? ? -101.17 73.97   
2 1 NLE C 2   ? ? 97.02   -133.92 
# 
_pdbx_molecule_features.prd_id    PRD_000988 
_pdbx_molecule_features.name      
;N-benzoyl-L-norleucyl-6-ammonio-L-norleucyl-N~5~-[amino(iminio)methyl]-N-[(2S)-5-carbamimidamido-1-hydroxypentan-2-yl]-L-ornithinamide
;
_pdbx_molecule_features.type      Peptide-like 
_pdbx_molecule_features.class     Inhibitor 
_pdbx_molecule_features.details   ? 
# 
_pdbx_molecule.instance_id   1 
_pdbx_molecule.prd_id        PRD_000988 
_pdbx_molecule.asym_id       C 
# 
loop_
_pdbx_struct_mod_residue.id 
_pdbx_struct_mod_residue.label_asym_id 
_pdbx_struct_mod_residue.label_comp_id 
_pdbx_struct_mod_residue.label_seq_id 
_pdbx_struct_mod_residue.auth_asym_id 
_pdbx_struct_mod_residue.auth_comp_id 
_pdbx_struct_mod_residue.auth_seq_id 
_pdbx_struct_mod_residue.PDB_ins_code 
_pdbx_struct_mod_residue.parent_comp_id 
_pdbx_struct_mod_residue.details 
1 C NLE 2 C NLE 2 ? LEU NORLEUCINE                               
2 C OAR 5 C OAR 5 ? ARG 'N-(4-AMINO-5-HYDROXY-PENTYL)-GUANIDINE' 
# 
loop_
_pdbx_refine_tls.id 
_pdbx_refine_tls.details 
_pdbx_refine_tls.method 
_pdbx_refine_tls.origin_x 
_pdbx_refine_tls.origin_y 
_pdbx_refine_tls.origin_z 
_pdbx_refine_tls.T[1][1] 
_pdbx_refine_tls.T[2][2] 
_pdbx_refine_tls.T[3][3] 
_pdbx_refine_tls.T[1][2] 
_pdbx_refine_tls.T[1][3] 
_pdbx_refine_tls.T[2][3] 
_pdbx_refine_tls.L[1][1] 
_pdbx_refine_tls.L[2][2] 
_pdbx_refine_tls.L[3][3] 
_pdbx_refine_tls.L[1][2] 
_pdbx_refine_tls.L[1][3] 
_pdbx_refine_tls.L[2][3] 
_pdbx_refine_tls.S[1][1] 
_pdbx_refine_tls.S[1][2] 
_pdbx_refine_tls.S[1][3] 
_pdbx_refine_tls.S[2][1] 
_pdbx_refine_tls.S[2][2] 
_pdbx_refine_tls.S[2][3] 
_pdbx_refine_tls.S[3][1] 
_pdbx_refine_tls.S[3][2] 
_pdbx_refine_tls.S[3][3] 
_pdbx_refine_tls.pdbx_refine_id 
1 ? refined 0.2033  -0.9251 -3.0446 -0.1348 -0.1387 -0.0359 0.0163 -0.0063 0.0284 2.0481 5.2122 1.8208 -0.1697 0.0548  1.9793 0.0345 0.0646  -0.0343 -0.0707 0.1799 -0.5722 -0.0428 0.1005 -0.2143 'X-RAY DIFFRACTION' 
2 ? refined -0.3233 0.1216  1.0428  -0.0805 -0.0921 -0.0069 0.0141 -0.0163 0.0099 1.4275 4.2763 1.2508 -0.1343 -0.1141 1.1941 0.0038 -0.1223 0.0445  0.1542  0.1318 -0.4086 0.0431  0.0622 -0.1355 'X-RAY DIFFRACTION' 
# 
loop_
_pdbx_refine_tls_group.id 
_pdbx_refine_tls_group.refine_tls_id 
_pdbx_refine_tls_group.beg_auth_asym_id 
_pdbx_refine_tls_group.beg_auth_seq_id 
_pdbx_refine_tls_group.beg_label_asym_id 
_pdbx_refine_tls_group.beg_label_seq_id 
_pdbx_refine_tls_group.end_auth_asym_id 
_pdbx_refine_tls_group.end_auth_seq_id 
_pdbx_refine_tls_group.end_label_asym_id 
_pdbx_refine_tls_group.end_label_seq_id 
_pdbx_refine_tls_group.selection 
_pdbx_refine_tls_group.pdbx_refine_id 
_pdbx_refine_tls_group.selection_details 
1 1 A 49 A 6  A 88  A 45  ? 'X-RAY DIFFRACTION' ? 
2 2 B 19 B 4  B 27  B 12  ? 'X-RAY DIFFRACTION' ? 
3 2 B 33 B 18 B 168 B 153 ? 'X-RAY DIFFRACTION' ? 
# 
loop_
_pdbx_unobs_or_zero_occ_residues.id 
_pdbx_unobs_or_zero_occ_residues.PDB_model_num 
_pdbx_unobs_or_zero_occ_residues.polymer_flag 
_pdbx_unobs_or_zero_occ_residues.occupancy_flag 
_pdbx_unobs_or_zero_occ_residues.auth_asym_id 
_pdbx_unobs_or_zero_occ_residues.auth_comp_id 
_pdbx_unobs_or_zero_occ_residues.auth_seq_id 
_pdbx_unobs_or_zero_occ_residues.PDB_ins_code 
_pdbx_unobs_or_zero_occ_residues.label_asym_id 
_pdbx_unobs_or_zero_occ_residues.label_comp_id 
_pdbx_unobs_or_zero_occ_residues.label_seq_id 
1  1 Y 1 A GLY 44  ? A GLY 1   
2  1 Y 1 A SER 45  ? A SER 2   
3  1 Y 1 A HIS 46  ? A HIS 3   
4  1 Y 1 A MET 47  ? A MET 4   
5  1 Y 1 A LEU 48  ? A LEU 5   
6  1 Y 1 A ASN 89  ? A ASN 46  
7  1 Y 1 A ASP 90  ? A ASP 47  
8  1 Y 1 A PRO 91  ? A PRO 48  
9  1 Y 1 A GLY 92  ? A GLY 49  
10 1 Y 1 A ALA 93  ? A ALA 50  
11 1 Y 1 A PRO 94  ? A PRO 51  
12 1 Y 1 A TRP 95  ? A TRP 52  
13 1 Y 1 A LYS 96  ? A LYS 53  
14 1 Y 1 A GLY 97  ? A GLY 54  
15 1 Y 1 B GLY 16  ? B GLY 1   
16 1 Y 1 B ASP 17  ? B ASP 2   
17 1 Y 1 B THR 18  ? B THR 3   
18 1 Y 1 B ARG 28  ? B ARG 13  
19 1 Y 1 B GLY 29  ? B GLY 14  
20 1 Y 1 B LEU 30  ? B LEU 15  
21 1 Y 1 B LEU 31  ? B LEU 16  
22 1 Y 1 B GLY 32  ? B GLY 17  
23 1 Y 1 B MET 171 ? B MET 156 
24 1 Y 1 B GLU 172 ? B GLU 157 
25 1 Y 1 B GLU 173 ? B GLU 158 
26 1 Y 1 B PRO 174 ? B PRO 159 
27 1 Y 1 B ALA 175 ? B ALA 160 
28 1 Y 1 B PRO 176 ? B PRO 161 
29 1 Y 1 B ALA 177 ? B ALA 162 
30 1 Y 1 B GLY 178 ? B GLY 163 
31 1 Y 1 B PHE 179 ? B PHE 164 
32 1 Y 1 B GLU 180 ? B GLU 165 
33 1 Y 1 B PRO 181 ? B PRO 166 
34 1 Y 1 B GLU 182 ? B GLU 167 
35 1 Y 1 B MET 183 ? B MET 168 
36 1 Y 1 B LEU 184 ? B LEU 169 
37 1 Y 1 B ARG 185 ? B ARG 170 
38 1 Y 1 B LYS 186 ? B LYS 171 
39 1 Y 1 B LYS 187 ? B LYS 172 
# 
loop_
_chem_comp_atom.comp_id 
_chem_comp_atom.atom_id 
_chem_comp_atom.type_symbol 
_chem_comp_atom.pdbx_aromatic_flag 
_chem_comp_atom.pdbx_stereo_config 
_chem_comp_atom.pdbx_ordinal 
ALA N    N N N 1   
ALA CA   C N S 2   
ALA C    C N N 3   
ALA O    O N N 4   
ALA CB   C N N 5   
ALA OXT  O N N 6   
ALA H    H N N 7   
ALA H2   H N N 8   
ALA HA   H N N 9   
ALA HB1  H N N 10  
ALA HB2  H N N 11  
ALA HB3  H N N 12  
ALA HXT  H N N 13  
ARG N    N N N 14  
ARG CA   C N S 15  
ARG C    C N N 16  
ARG O    O N N 17  
ARG CB   C N N 18  
ARG CG   C N N 19  
ARG CD   C N N 20  
ARG NE   N N N 21  
ARG CZ   C N N 22  
ARG NH1  N N N 23  
ARG NH2  N N N 24  
ARG OXT  O N N 25  
ARG H    H N N 26  
ARG H2   H N N 27  
ARG HA   H N N 28  
ARG HB2  H N N 29  
ARG HB3  H N N 30  
ARG HG2  H N N 31  
ARG HG3  H N N 32  
ARG HD2  H N N 33  
ARG HD3  H N N 34  
ARG HE   H N N 35  
ARG HH11 H N N 36  
ARG HH12 H N N 37  
ARG HH21 H N N 38  
ARG HH22 H N N 39  
ARG HXT  H N N 40  
ASN N    N N N 41  
ASN CA   C N S 42  
ASN C    C N N 43  
ASN O    O N N 44  
ASN CB   C N N 45  
ASN CG   C N N 46  
ASN OD1  O N N 47  
ASN ND2  N N N 48  
ASN OXT  O N N 49  
ASN H    H N N 50  
ASN H2   H N N 51  
ASN HA   H N N 52  
ASN HB2  H N N 53  
ASN HB3  H N N 54  
ASN HD21 H N N 55  
ASN HD22 H N N 56  
ASN HXT  H N N 57  
ASP N    N N N 58  
ASP CA   C N S 59  
ASP C    C N N 60  
ASP O    O N N 61  
ASP CB   C N N 62  
ASP CG   C N N 63  
ASP OD1  O N N 64  
ASP OD2  O N N 65  
ASP OXT  O N N 66  
ASP H    H N N 67  
ASP H2   H N N 68  
ASP HA   H N N 69  
ASP HB2  H N N 70  
ASP HB3  H N N 71  
ASP HD2  H N N 72  
ASP HXT  H N N 73  
BEZ C    C N N 74  
BEZ O1   O N N 75  
BEZ O2   O N N 76  
BEZ C1   C Y N 77  
BEZ C2   C Y N 78  
BEZ C3   C Y N 79  
BEZ C4   C Y N 80  
BEZ C5   C Y N 81  
BEZ C6   C Y N 82  
BEZ HO2  H N N 83  
BEZ H2   H N N 84  
BEZ H3   H N N 85  
BEZ H4   H N N 86  
BEZ H5   H N N 87  
BEZ H6   H N N 88  
CYS N    N N N 89  
CYS CA   C N R 90  
CYS C    C N N 91  
CYS O    O N N 92  
CYS CB   C N N 93  
CYS SG   S N N 94  
CYS OXT  O N N 95  
CYS H    H N N 96  
CYS H2   H N N 97  
CYS HA   H N N 98  
CYS HB2  H N N 99  
CYS HB3  H N N 100 
CYS HG   H N N 101 
CYS HXT  H N N 102 
GLN N    N N N 103 
GLN CA   C N S 104 
GLN C    C N N 105 
GLN O    O N N 106 
GLN CB   C N N 107 
GLN CG   C N N 108 
GLN CD   C N N 109 
GLN OE1  O N N 110 
GLN NE2  N N N 111 
GLN OXT  O N N 112 
GLN H    H N N 113 
GLN H2   H N N 114 
GLN HA   H N N 115 
GLN HB2  H N N 116 
GLN HB3  H N N 117 
GLN HG2  H N N 118 
GLN HG3  H N N 119 
GLN HE21 H N N 120 
GLN HE22 H N N 121 
GLN HXT  H N N 122 
GLU N    N N N 123 
GLU CA   C N S 124 
GLU C    C N N 125 
GLU O    O N N 126 
GLU CB   C N N 127 
GLU CG   C N N 128 
GLU CD   C N N 129 
GLU OE1  O N N 130 
GLU OE2  O N N 131 
GLU OXT  O N N 132 
GLU H    H N N 133 
GLU H2   H N N 134 
GLU HA   H N N 135 
GLU HB2  H N N 136 
GLU HB3  H N N 137 
GLU HG2  H N N 138 
GLU HG3  H N N 139 
GLU HE2  H N N 140 
GLU HXT  H N N 141 
GLY N    N N N 142 
GLY CA   C N N 143 
GLY C    C N N 144 
GLY O    O N N 145 
GLY OXT  O N N 146 
GLY H    H N N 147 
GLY H2   H N N 148 
GLY HA2  H N N 149 
GLY HA3  H N N 150 
GLY HXT  H N N 151 
HIS N    N N N 152 
HIS CA   C N S 153 
HIS C    C N N 154 
HIS O    O N N 155 
HIS CB   C N N 156 
HIS CG   C Y N 157 
HIS ND1  N Y N 158 
HIS CD2  C Y N 159 
HIS CE1  C Y N 160 
HIS NE2  N Y N 161 
HIS OXT  O N N 162 
HIS H    H N N 163 
HIS H2   H N N 164 
HIS HA   H N N 165 
HIS HB2  H N N 166 
HIS HB3  H N N 167 
HIS HD1  H N N 168 
HIS HD2  H N N 169 
HIS HE1  H N N 170 
HIS HE2  H N N 171 
HIS HXT  H N N 172 
HOH O    O N N 173 
HOH H1   H N N 174 
HOH H2   H N N 175 
ILE N    N N N 176 
ILE CA   C N S 177 
ILE C    C N N 178 
ILE O    O N N 179 
ILE CB   C N S 180 
ILE CG1  C N N 181 
ILE CG2  C N N 182 
ILE CD1  C N N 183 
ILE OXT  O N N 184 
ILE H    H N N 185 
ILE H2   H N N 186 
ILE HA   H N N 187 
ILE HB   H N N 188 
ILE HG12 H N N 189 
ILE HG13 H N N 190 
ILE HG21 H N N 191 
ILE HG22 H N N 192 
ILE HG23 H N N 193 
ILE HD11 H N N 194 
ILE HD12 H N N 195 
ILE HD13 H N N 196 
ILE HXT  H N N 197 
LEU N    N N N 198 
LEU CA   C N S 199 
LEU C    C N N 200 
LEU O    O N N 201 
LEU CB   C N N 202 
LEU CG   C N N 203 
LEU CD1  C N N 204 
LEU CD2  C N N 205 
LEU OXT  O N N 206 
LEU H    H N N 207 
LEU H2   H N N 208 
LEU HA   H N N 209 
LEU HB2  H N N 210 
LEU HB3  H N N 211 
LEU HG   H N N 212 
LEU HD11 H N N 213 
LEU HD12 H N N 214 
LEU HD13 H N N 215 
LEU HD21 H N N 216 
LEU HD22 H N N 217 
LEU HD23 H N N 218 
LEU HXT  H N N 219 
LYS N    N N N 220 
LYS CA   C N S 221 
LYS C    C N N 222 
LYS O    O N N 223 
LYS CB   C N N 224 
LYS CG   C N N 225 
LYS CD   C N N 226 
LYS CE   C N N 227 
LYS NZ   N N N 228 
LYS OXT  O N N 229 
LYS H    H N N 230 
LYS H2   H N N 231 
LYS HA   H N N 232 
LYS HB2  H N N 233 
LYS HB3  H N N 234 
LYS HG2  H N N 235 
LYS HG3  H N N 236 
LYS HD2  H N N 237 
LYS HD3  H N N 238 
LYS HE2  H N N 239 
LYS HE3  H N N 240 
LYS HZ1  H N N 241 
LYS HZ2  H N N 242 
LYS HZ3  H N N 243 
LYS HXT  H N N 244 
MET N    N N N 245 
MET CA   C N S 246 
MET C    C N N 247 
MET O    O N N 248 
MET CB   C N N 249 
MET CG   C N N 250 
MET SD   S N N 251 
MET CE   C N N 252 
MET OXT  O N N 253 
MET H    H N N 254 
MET H2   H N N 255 
MET HA   H N N 256 
MET HB2  H N N 257 
MET HB3  H N N 258 
MET HG2  H N N 259 
MET HG3  H N N 260 
MET HE1  H N N 261 
MET HE2  H N N 262 
MET HE3  H N N 263 
MET HXT  H N N 264 
NLE N    N N N 265 
NLE CA   C N S 266 
NLE C    C N N 267 
NLE O    O N N 268 
NLE OXT  O N N 269 
NLE CB   C N N 270 
NLE CG   C N N 271 
NLE CD   C N N 272 
NLE CE   C N N 273 
NLE H    H N N 274 
NLE H2   H N N 275 
NLE HA   H N N 276 
NLE HXT  H N N 277 
NLE HB2  H N N 278 
NLE HB3  H N N 279 
NLE HG2  H N N 280 
NLE HG3  H N N 281 
NLE HD2  H N N 282 
NLE HD3  H N N 283 
NLE HE1  H N N 284 
NLE HE2  H N N 285 
NLE HE3  H N N 286 
OAR O    O N N 287 
OAR N    N N N 288 
OAR NE   N N N 289 
OAR NH1  N N N 290 
OAR NH2  N N N 291 
OAR CA   C N S 292 
OAR CB   C N N 293 
OAR CG   C N N 294 
OAR CD   C N N 295 
OAR CZ   C N N 296 
OAR C    C N N 297 
OAR HO   H N N 298 
OAR H    H N N 299 
OAR H2   H N N 300 
OAR HE   H N N 301 
OAR HH11 H N N 302 
OAR HH12 H N N 303 
OAR HH2  H N N 304 
OAR HA   H N N 305 
OAR HB2  H N N 306 
OAR HB3  H N N 307 
OAR HG2  H N N 308 
OAR HG3  H N N 309 
OAR HD2  H N N 310 
OAR HD3  H N N 311 
OAR HC1  H N N 312 
OAR HC2  H N N 313 
PHE N    N N N 314 
PHE CA   C N S 315 
PHE C    C N N 316 
PHE O    O N N 317 
PHE CB   C N N 318 
PHE CG   C Y N 319 
PHE CD1  C Y N 320 
PHE CD2  C Y N 321 
PHE CE1  C Y N 322 
PHE CE2  C Y N 323 
PHE CZ   C Y N 324 
PHE OXT  O N N 325 
PHE H    H N N 326 
PHE H2   H N N 327 
PHE HA   H N N 328 
PHE HB2  H N N 329 
PHE HB3  H N N 330 
PHE HD1  H N N 331 
PHE HD2  H N N 332 
PHE HE1  H N N 333 
PHE HE2  H N N 334 
PHE HZ   H N N 335 
PHE HXT  H N N 336 
PRO N    N N N 337 
PRO CA   C N S 338 
PRO C    C N N 339 
PRO O    O N N 340 
PRO CB   C N N 341 
PRO CG   C N N 342 
PRO CD   C N N 343 
PRO OXT  O N N 344 
PRO H    H N N 345 
PRO HA   H N N 346 
PRO HB2  H N N 347 
PRO HB3  H N N 348 
PRO HG2  H N N 349 
PRO HG3  H N N 350 
PRO HD2  H N N 351 
PRO HD3  H N N 352 
PRO HXT  H N N 353 
SER N    N N N 354 
SER CA   C N S 355 
SER C    C N N 356 
SER O    O N N 357 
SER CB   C N N 358 
SER OG   O N N 359 
SER OXT  O N N 360 
SER H    H N N 361 
SER H2   H N N 362 
SER HA   H N N 363 
SER HB2  H N N 364 
SER HB3  H N N 365 
SER HG   H N N 366 
SER HXT  H N N 367 
THR N    N N N 368 
THR CA   C N S 369 
THR C    C N N 370 
THR O    O N N 371 
THR CB   C N R 372 
THR OG1  O N N 373 
THR CG2  C N N 374 
THR OXT  O N N 375 
THR H    H N N 376 
THR H2   H N N 377 
THR HA   H N N 378 
THR HB   H N N 379 
THR HG1  H N N 380 
THR HG21 H N N 381 
THR HG22 H N N 382 
THR HG23 H N N 383 
THR HXT  H N N 384 
TRP N    N N N 385 
TRP CA   C N S 386 
TRP C    C N N 387 
TRP O    O N N 388 
TRP CB   C N N 389 
TRP CG   C Y N 390 
TRP CD1  C Y N 391 
TRP CD2  C Y N 392 
TRP NE1  N Y N 393 
TRP CE2  C Y N 394 
TRP CE3  C Y N 395 
TRP CZ2  C Y N 396 
TRP CZ3  C Y N 397 
TRP CH2  C Y N 398 
TRP OXT  O N N 399 
TRP H    H N N 400 
TRP H2   H N N 401 
TRP HA   H N N 402 
TRP HB2  H N N 403 
TRP HB3  H N N 404 
TRP HD1  H N N 405 
TRP HE1  H N N 406 
TRP HE3  H N N 407 
TRP HZ2  H N N 408 
TRP HZ3  H N N 409 
TRP HH2  H N N 410 
TRP HXT  H N N 411 
TYR N    N N N 412 
TYR CA   C N S 413 
TYR C    C N N 414 
TYR O    O N N 415 
TYR CB   C N N 416 
TYR CG   C Y N 417 
TYR CD1  C Y N 418 
TYR CD2  C Y N 419 
TYR CE1  C Y N 420 
TYR CE2  C Y N 421 
TYR CZ   C Y N 422 
TYR OH   O N N 423 
TYR OXT  O N N 424 
TYR H    H N N 425 
TYR H2   H N N 426 
TYR HA   H N N 427 
TYR HB2  H N N 428 
TYR HB3  H N N 429 
TYR HD1  H N N 430 
TYR HD2  H N N 431 
TYR HE1  H N N 432 
TYR HE2  H N N 433 
TYR HH   H N N 434 
TYR HXT  H N N 435 
VAL N    N N N 436 
VAL CA   C N S 437 
VAL C    C N N 438 
VAL O    O N N 439 
VAL CB   C N N 440 
VAL CG1  C N N 441 
VAL CG2  C N N 442 
VAL OXT  O N N 443 
VAL H    H N N 444 
VAL H2   H N N 445 
VAL HA   H N N 446 
VAL HB   H N N 447 
VAL HG11 H N N 448 
VAL HG12 H N N 449 
VAL HG13 H N N 450 
VAL HG21 H N N 451 
VAL HG22 H N N 452 
VAL HG23 H N N 453 
VAL HXT  H N N 454 
# 
loop_
_chem_comp_bond.comp_id 
_chem_comp_bond.atom_id_1 
_chem_comp_bond.atom_id_2 
_chem_comp_bond.value_order 
_chem_comp_bond.pdbx_aromatic_flag 
_chem_comp_bond.pdbx_stereo_config 
_chem_comp_bond.pdbx_ordinal 
ALA N   CA   sing N N 1   
ALA N   H    sing N N 2   
ALA N   H2   sing N N 3   
ALA CA  C    sing N N 4   
ALA CA  CB   sing N N 5   
ALA CA  HA   sing N N 6   
ALA C   O    doub N N 7   
ALA C   OXT  sing N N 8   
ALA CB  HB1  sing N N 9   
ALA CB  HB2  sing N N 10  
ALA CB  HB3  sing N N 11  
ALA OXT HXT  sing N N 12  
ARG N   CA   sing N N 13  
ARG N   H    sing N N 14  
ARG N   H2   sing N N 15  
ARG CA  C    sing N N 16  
ARG CA  CB   sing N N 17  
ARG CA  HA   sing N N 18  
ARG C   O    doub N N 19  
ARG C   OXT  sing N N 20  
ARG CB  CG   sing N N 21  
ARG CB  HB2  sing N N 22  
ARG CB  HB3  sing N N 23  
ARG CG  CD   sing N N 24  
ARG CG  HG2  sing N N 25  
ARG CG  HG3  sing N N 26  
ARG CD  NE   sing N N 27  
ARG CD  HD2  sing N N 28  
ARG CD  HD3  sing N N 29  
ARG NE  CZ   sing N N 30  
ARG NE  HE   sing N N 31  
ARG CZ  NH1  sing N N 32  
ARG CZ  NH2  doub N N 33  
ARG NH1 HH11 sing N N 34  
ARG NH1 HH12 sing N N 35  
ARG NH2 HH21 sing N N 36  
ARG NH2 HH22 sing N N 37  
ARG OXT HXT  sing N N 38  
ASN N   CA   sing N N 39  
ASN N   H    sing N N 40  
ASN N   H2   sing N N 41  
ASN CA  C    sing N N 42  
ASN CA  CB   sing N N 43  
ASN CA  HA   sing N N 44  
ASN C   O    doub N N 45  
ASN C   OXT  sing N N 46  
ASN CB  CG   sing N N 47  
ASN CB  HB2  sing N N 48  
ASN CB  HB3  sing N N 49  
ASN CG  OD1  doub N N 50  
ASN CG  ND2  sing N N 51  
ASN ND2 HD21 sing N N 52  
ASN ND2 HD22 sing N N 53  
ASN OXT HXT  sing N N 54  
ASP N   CA   sing N N 55  
ASP N   H    sing N N 56  
ASP N   H2   sing N N 57  
ASP CA  C    sing N N 58  
ASP CA  CB   sing N N 59  
ASP CA  HA   sing N N 60  
ASP C   O    doub N N 61  
ASP C   OXT  sing N N 62  
ASP CB  CG   sing N N 63  
ASP CB  HB2  sing N N 64  
ASP CB  HB3  sing N N 65  
ASP CG  OD1  doub N N 66  
ASP CG  OD2  sing N N 67  
ASP OD2 HD2  sing N N 68  
ASP OXT HXT  sing N N 69  
BEZ C   O1   doub N N 70  
BEZ C   O2   sing N N 71  
BEZ C   C1   sing N N 72  
BEZ O2  HO2  sing N N 73  
BEZ C1  C2   doub Y N 74  
BEZ C1  C6   sing Y N 75  
BEZ C2  C3   sing Y N 76  
BEZ C2  H2   sing N N 77  
BEZ C3  C4   doub Y N 78  
BEZ C3  H3   sing N N 79  
BEZ C4  C5   sing Y N 80  
BEZ C4  H4   sing N N 81  
BEZ C5  C6   doub Y N 82  
BEZ C5  H5   sing N N 83  
BEZ C6  H6   sing N N 84  
CYS N   CA   sing N N 85  
CYS N   H    sing N N 86  
CYS N   H2   sing N N 87  
CYS CA  C    sing N N 88  
CYS CA  CB   sing N N 89  
CYS CA  HA   sing N N 90  
CYS C   O    doub N N 91  
CYS C   OXT  sing N N 92  
CYS CB  SG   sing N N 93  
CYS CB  HB2  sing N N 94  
CYS CB  HB3  sing N N 95  
CYS SG  HG   sing N N 96  
CYS OXT HXT  sing N N 97  
GLN N   CA   sing N N 98  
GLN N   H    sing N N 99  
GLN N   H2   sing N N 100 
GLN CA  C    sing N N 101 
GLN CA  CB   sing N N 102 
GLN CA  HA   sing N N 103 
GLN C   O    doub N N 104 
GLN C   OXT  sing N N 105 
GLN CB  CG   sing N N 106 
GLN CB  HB2  sing N N 107 
GLN CB  HB3  sing N N 108 
GLN CG  CD   sing N N 109 
GLN CG  HG2  sing N N 110 
GLN CG  HG3  sing N N 111 
GLN CD  OE1  doub N N 112 
GLN CD  NE2  sing N N 113 
GLN NE2 HE21 sing N N 114 
GLN NE2 HE22 sing N N 115 
GLN OXT HXT  sing N N 116 
GLU N   CA   sing N N 117 
GLU N   H    sing N N 118 
GLU N   H2   sing N N 119 
GLU CA  C    sing N N 120 
GLU CA  CB   sing N N 121 
GLU CA  HA   sing N N 122 
GLU C   O    doub N N 123 
GLU C   OXT  sing N N 124 
GLU CB  CG   sing N N 125 
GLU CB  HB2  sing N N 126 
GLU CB  HB3  sing N N 127 
GLU CG  CD   sing N N 128 
GLU CG  HG2  sing N N 129 
GLU CG  HG3  sing N N 130 
GLU CD  OE1  doub N N 131 
GLU CD  OE2  sing N N 132 
GLU OE2 HE2  sing N N 133 
GLU OXT HXT  sing N N 134 
GLY N   CA   sing N N 135 
GLY N   H    sing N N 136 
GLY N   H2   sing N N 137 
GLY CA  C    sing N N 138 
GLY CA  HA2  sing N N 139 
GLY CA  HA3  sing N N 140 
GLY C   O    doub N N 141 
GLY C   OXT  sing N N 142 
GLY OXT HXT  sing N N 143 
HIS N   CA   sing N N 144 
HIS N   H    sing N N 145 
HIS N   H2   sing N N 146 
HIS CA  C    sing N N 147 
HIS CA  CB   sing N N 148 
HIS CA  HA   sing N N 149 
HIS C   O    doub N N 150 
HIS C   OXT  sing N N 151 
HIS CB  CG   sing N N 152 
HIS CB  HB2  sing N N 153 
HIS CB  HB3  sing N N 154 
HIS CG  ND1  sing Y N 155 
HIS CG  CD2  doub Y N 156 
HIS ND1 CE1  doub Y N 157 
HIS ND1 HD1  sing N N 158 
HIS CD2 NE2  sing Y N 159 
HIS CD2 HD2  sing N N 160 
HIS CE1 NE2  sing Y N 161 
HIS CE1 HE1  sing N N 162 
HIS NE2 HE2  sing N N 163 
HIS OXT HXT  sing N N 164 
HOH O   H1   sing N N 165 
HOH O   H2   sing N N 166 
ILE N   CA   sing N N 167 
ILE N   H    sing N N 168 
ILE N   H2   sing N N 169 
ILE CA  C    sing N N 170 
ILE CA  CB   sing N N 171 
ILE CA  HA   sing N N 172 
ILE C   O    doub N N 173 
ILE C   OXT  sing N N 174 
ILE CB  CG1  sing N N 175 
ILE CB  CG2  sing N N 176 
ILE CB  HB   sing N N 177 
ILE CG1 CD1  sing N N 178 
ILE CG1 HG12 sing N N 179 
ILE CG1 HG13 sing N N 180 
ILE CG2 HG21 sing N N 181 
ILE CG2 HG22 sing N N 182 
ILE CG2 HG23 sing N N 183 
ILE CD1 HD11 sing N N 184 
ILE CD1 HD12 sing N N 185 
ILE CD1 HD13 sing N N 186 
ILE OXT HXT  sing N N 187 
LEU N   CA   sing N N 188 
LEU N   H    sing N N 189 
LEU N   H2   sing N N 190 
LEU CA  C    sing N N 191 
LEU CA  CB   sing N N 192 
LEU CA  HA   sing N N 193 
LEU C   O    doub N N 194 
LEU C   OXT  sing N N 195 
LEU CB  CG   sing N N 196 
LEU CB  HB2  sing N N 197 
LEU CB  HB3  sing N N 198 
LEU CG  CD1  sing N N 199 
LEU CG  CD2  sing N N 200 
LEU CG  HG   sing N N 201 
LEU CD1 HD11 sing N N 202 
LEU CD1 HD12 sing N N 203 
LEU CD1 HD13 sing N N 204 
LEU CD2 HD21 sing N N 205 
LEU CD2 HD22 sing N N 206 
LEU CD2 HD23 sing N N 207 
LEU OXT HXT  sing N N 208 
LYS N   CA   sing N N 209 
LYS N   H    sing N N 210 
LYS N   H2   sing N N 211 
LYS CA  C    sing N N 212 
LYS CA  CB   sing N N 213 
LYS CA  HA   sing N N 214 
LYS C   O    doub N N 215 
LYS C   OXT  sing N N 216 
LYS CB  CG   sing N N 217 
LYS CB  HB2  sing N N 218 
LYS CB  HB3  sing N N 219 
LYS CG  CD   sing N N 220 
LYS CG  HG2  sing N N 221 
LYS CG  HG3  sing N N 222 
LYS CD  CE   sing N N 223 
LYS CD  HD2  sing N N 224 
LYS CD  HD3  sing N N 225 
LYS CE  NZ   sing N N 226 
LYS CE  HE2  sing N N 227 
LYS CE  HE3  sing N N 228 
LYS NZ  HZ1  sing N N 229 
LYS NZ  HZ2  sing N N 230 
LYS NZ  HZ3  sing N N 231 
LYS OXT HXT  sing N N 232 
MET N   CA   sing N N 233 
MET N   H    sing N N 234 
MET N   H2   sing N N 235 
MET CA  C    sing N N 236 
MET CA  CB   sing N N 237 
MET CA  HA   sing N N 238 
MET C   O    doub N N 239 
MET C   OXT  sing N N 240 
MET CB  CG   sing N N 241 
MET CB  HB2  sing N N 242 
MET CB  HB3  sing N N 243 
MET CG  SD   sing N N 244 
MET CG  HG2  sing N N 245 
MET CG  HG3  sing N N 246 
MET SD  CE   sing N N 247 
MET CE  HE1  sing N N 248 
MET CE  HE2  sing N N 249 
MET CE  HE3  sing N N 250 
MET OXT HXT  sing N N 251 
NLE N   CA   sing N N 252 
NLE N   H    sing N N 253 
NLE N   H2   sing N N 254 
NLE CA  C    sing N N 255 
NLE CA  CB   sing N N 256 
NLE CA  HA   sing N N 257 
NLE C   O    doub N N 258 
NLE C   OXT  sing N N 259 
NLE OXT HXT  sing N N 260 
NLE CB  CG   sing N N 261 
NLE CB  HB2  sing N N 262 
NLE CB  HB3  sing N N 263 
NLE CG  CD   sing N N 264 
NLE CG  HG2  sing N N 265 
NLE CG  HG3  sing N N 266 
NLE CD  CE   sing N N 267 
NLE CD  HD2  sing N N 268 
NLE CD  HD3  sing N N 269 
NLE CE  HE1  sing N N 270 
NLE CE  HE2  sing N N 271 
NLE CE  HE3  sing N N 272 
OAR O   C    sing N N 273 
OAR C   CA   sing N N 274 
OAR CA  N    sing N N 275 
OAR CA  CB   sing N N 276 
OAR CB  CG   sing N N 277 
OAR CG  CD   sing N N 278 
OAR CD  NE   sing N N 279 
OAR NE  CZ   sing N N 280 
OAR CZ  NH2  doub N N 281 
OAR CZ  NH1  sing N N 282 
OAR O   HO   sing N N 283 
OAR N   H    sing N N 284 
OAR N   H2   sing N N 285 
OAR NE  HE   sing N N 286 
OAR NH1 HH11 sing N N 287 
OAR NH1 HH12 sing N N 288 
OAR NH2 HH2  sing N N 289 
OAR CA  HA   sing N N 290 
OAR CB  HB2  sing N N 291 
OAR CB  HB3  sing N N 292 
OAR CG  HG2  sing N N 293 
OAR CG  HG3  sing N N 294 
OAR CD  HD2  sing N N 295 
OAR CD  HD3  sing N N 296 
OAR C   HC1  sing N N 297 
OAR C   HC2  sing N N 298 
PHE N   CA   sing N N 299 
PHE N   H    sing N N 300 
PHE N   H2   sing N N 301 
PHE CA  C    sing N N 302 
PHE CA  CB   sing N N 303 
PHE CA  HA   sing N N 304 
PHE C   O    doub N N 305 
PHE C   OXT  sing N N 306 
PHE CB  CG   sing N N 307 
PHE CB  HB2  sing N N 308 
PHE CB  HB3  sing N N 309 
PHE CG  CD1  doub Y N 310 
PHE CG  CD2  sing Y N 311 
PHE CD1 CE1  sing Y N 312 
PHE CD1 HD1  sing N N 313 
PHE CD2 CE2  doub Y N 314 
PHE CD2 HD2  sing N N 315 
PHE CE1 CZ   doub Y N 316 
PHE CE1 HE1  sing N N 317 
PHE CE2 CZ   sing Y N 318 
PHE CE2 HE2  sing N N 319 
PHE CZ  HZ   sing N N 320 
PHE OXT HXT  sing N N 321 
PRO N   CA   sing N N 322 
PRO N   CD   sing N N 323 
PRO N   H    sing N N 324 
PRO CA  C    sing N N 325 
PRO CA  CB   sing N N 326 
PRO CA  HA   sing N N 327 
PRO C   O    doub N N 328 
PRO C   OXT  sing N N 329 
PRO CB  CG   sing N N 330 
PRO CB  HB2  sing N N 331 
PRO CB  HB3  sing N N 332 
PRO CG  CD   sing N N 333 
PRO CG  HG2  sing N N 334 
PRO CG  HG3  sing N N 335 
PRO CD  HD2  sing N N 336 
PRO CD  HD3  sing N N 337 
PRO OXT HXT  sing N N 338 
SER N   CA   sing N N 339 
SER N   H    sing N N 340 
SER N   H2   sing N N 341 
SER CA  C    sing N N 342 
SER CA  CB   sing N N 343 
SER CA  HA   sing N N 344 
SER C   O    doub N N 345 
SER C   OXT  sing N N 346 
SER CB  OG   sing N N 347 
SER CB  HB2  sing N N 348 
SER CB  HB3  sing N N 349 
SER OG  HG   sing N N 350 
SER OXT HXT  sing N N 351 
THR N   CA   sing N N 352 
THR N   H    sing N N 353 
THR N   H2   sing N N 354 
THR CA  C    sing N N 355 
THR CA  CB   sing N N 356 
THR CA  HA   sing N N 357 
THR C   O    doub N N 358 
THR C   OXT  sing N N 359 
THR CB  OG1  sing N N 360 
THR CB  CG2  sing N N 361 
THR CB  HB   sing N N 362 
THR OG1 HG1  sing N N 363 
THR CG2 HG21 sing N N 364 
THR CG2 HG22 sing N N 365 
THR CG2 HG23 sing N N 366 
THR OXT HXT  sing N N 367 
TRP N   CA   sing N N 368 
TRP N   H    sing N N 369 
TRP N   H2   sing N N 370 
TRP CA  C    sing N N 371 
TRP CA  CB   sing N N 372 
TRP CA  HA   sing N N 373 
TRP C   O    doub N N 374 
TRP C   OXT  sing N N 375 
TRP CB  CG   sing N N 376 
TRP CB  HB2  sing N N 377 
TRP CB  HB3  sing N N 378 
TRP CG  CD1  doub Y N 379 
TRP CG  CD2  sing Y N 380 
TRP CD1 NE1  sing Y N 381 
TRP CD1 HD1  sing N N 382 
TRP CD2 CE2  doub Y N 383 
TRP CD2 CE3  sing Y N 384 
TRP NE1 CE2  sing Y N 385 
TRP NE1 HE1  sing N N 386 
TRP CE2 CZ2  sing Y N 387 
TRP CE3 CZ3  doub Y N 388 
TRP CE3 HE3  sing N N 389 
TRP CZ2 CH2  doub Y N 390 
TRP CZ2 HZ2  sing N N 391 
TRP CZ3 CH2  sing Y N 392 
TRP CZ3 HZ3  sing N N 393 
TRP CH2 HH2  sing N N 394 
TRP OXT HXT  sing N N 395 
TYR N   CA   sing N N 396 
TYR N   H    sing N N 397 
TYR N   H2   sing N N 398 
TYR CA  C    sing N N 399 
TYR CA  CB   sing N N 400 
TYR CA  HA   sing N N 401 
TYR C   O    doub N N 402 
TYR C   OXT  sing N N 403 
TYR CB  CG   sing N N 404 
TYR CB  HB2  sing N N 405 
TYR CB  HB3  sing N N 406 
TYR CG  CD1  doub Y N 407 
TYR CG  CD2  sing Y N 408 
TYR CD1 CE1  sing Y N 409 
TYR CD1 HD1  sing N N 410 
TYR CD2 CE2  doub Y N 411 
TYR CD2 HD2  sing N N 412 
TYR CE1 CZ   doub Y N 413 
TYR CE1 HE1  sing N N 414 
TYR CE2 CZ   sing Y N 415 
TYR CE2 HE2  sing N N 416 
TYR CZ  OH   sing N N 417 
TYR OH  HH   sing N N 418 
TYR OXT HXT  sing N N 419 
VAL N   CA   sing N N 420 
VAL N   H    sing N N 421 
VAL N   H2   sing N N 422 
VAL CA  C    sing N N 423 
VAL CA  CB   sing N N 424 
VAL CA  HA   sing N N 425 
VAL C   O    doub N N 426 
VAL C   OXT  sing N N 427 
VAL CB  CG1  sing N N 428 
VAL CB  CG2  sing N N 429 
VAL CB  HB   sing N N 430 
VAL CG1 HG11 sing N N 431 
VAL CG1 HG12 sing N N 432 
VAL CG1 HG13 sing N N 433 
VAL CG2 HG21 sing N N 434 
VAL CG2 HG22 sing N N 435 
VAL CG2 HG23 sing N N 436 
VAL OXT HXT  sing N N 437 
# 
_pdbx_initial_refinement_model.accession_code   ? 
_pdbx_initial_refinement_model.id               1 
_pdbx_initial_refinement_model.entity_id_list   ? 
_pdbx_initial_refinement_model.type             'experimental model' 
_pdbx_initial_refinement_model.source_name      Other 
_pdbx_initial_refinement_model.details          'inhouse - obtained by SAD phasing' 
# 
_atom_sites.entry_id                    2FP7 
_atom_sites.fract_transf_matrix[1][1]   -0.01108174 
_atom_sites.fract_transf_matrix[1][2]   0.00319447 
_atom_sites.fract_transf_matrix[1][3]   0.00444505 
_atom_sites.fract_transf_matrix[2][1]   -0.00909828 
_atom_sites.fract_transf_matrix[2][2]   -0.00835091 
_atom_sites.fract_transf_matrix[2][3]   0.00050320 
_atom_sites.fract_transf_matrix[3][1]   0.00617089 
_atom_sites.fract_transf_matrix[3][2]   -0.00555557 
_atom_sites.fract_transf_matrix[3][3]   0.01937690 
_atom_sites.fract_transf_vector[1]      0.633898 
_atom_sites.fract_transf_vector[2]      0.627175 
_atom_sites.fract_transf_vector[3]      0.082487 
# 
loop_
_atom_type.symbol 
C 
N 
O 
S 
# 
loop_
_atom_site.group_PDB 
_atom_site.id 
_atom_site.type_symbol 
_atom_site.label_atom_id 
_atom_site.label_alt_id 
_atom_site.label_comp_id 
_atom_site.label_asym_id 
_atom_site.label_entity_id 
_atom_site.label_seq_id 
_atom_site.pdbx_PDB_ins_code 
_atom_site.Cartn_x 
_atom_site.Cartn_y 
_atom_site.Cartn_z 
_atom_site.occupancy 
_atom_site.B_iso_or_equiv 
_atom_site.pdbx_formal_charge 
_atom_site.auth_seq_id 
_atom_site.auth_comp_id 
_atom_site.auth_asym_id 
_atom_site.auth_atom_id 
_atom_site.pdbx_PDB_model_num 
ATOM   1    N N   . GLU A 1 6   ? 15.368  19.112  10.053  1.00 34.76 ? 49   GLU A N   1 
ATOM   2    C CA  . GLU A 1 6   ? 13.876  19.156  10.013  1.00 35.35 ? 49   GLU A CA  1 
ATOM   3    C C   . GLU A 1 6   ? 13.301  18.335  8.849   1.00 34.85 ? 49   GLU A C   1 
ATOM   4    O O   . GLU A 1 6   ? 13.948  18.171  7.817   1.00 34.80 ? 49   GLU A O   1 
ATOM   5    C CB  . GLU A 1 6   ? 13.396  20.607  9.921   1.00 35.59 ? 49   GLU A CB  1 
ATOM   6    C CG  . GLU A 1 6   ? 13.592  21.420  11.194  1.00 38.20 ? 49   GLU A CG  1 
ATOM   7    C CD  . GLU A 1 6   ? 12.603  22.571  11.306  1.00 40.05 ? 49   GLU A CD  1 
ATOM   8    O OE1 . GLU A 1 6   ? 11.502  22.471  10.717  1.00 41.91 ? 49   GLU A OE1 1 
ATOM   9    O OE2 . GLU A 1 6   ? 12.921  23.569  11.985  1.00 41.47 ? 49   GLU A OE2 1 
ATOM   10   N N   . THR A 1 7   ? 12.082  17.822  9.012   1.00 34.63 ? 50   THR A N   1 
ATOM   11   C CA  . THR A 1 7   ? 11.414  17.135  7.910   1.00 34.22 ? 50   THR A CA  1 
ATOM   12   C C   . THR A 1 7   ? 10.714  18.119  6.971   1.00 34.29 ? 50   THR A C   1 
ATOM   13   O O   . THR A 1 7   ? 10.313  19.206  7.394   1.00 34.11 ? 50   THR A O   1 
ATOM   14   C CB  . THR A 1 7   ? 10.395  16.073  8.390   1.00 34.14 ? 50   THR A CB  1 
ATOM   15   O OG1 . THR A 1 7   ? 9.977   15.310  7.259   1.00 33.54 ? 50   THR A OG1 1 
ATOM   16   C CG2 . THR A 1 7   ? 9.170   16.716  9.063   1.00 34.25 ? 50   THR A CG2 1 
ATOM   17   N N   . ASP A 1 8   ? 10.585  17.745  5.699   1.00 33.98 ? 51   ASP A N   1 
ATOM   18   C CA  . ASP A 1 8   ? 9.751   18.524  4.779   1.00 34.23 ? 51   ASP A CA  1 
ATOM   19   C C   . ASP A 1 8   ? 8.534   17.738  4.295   1.00 33.07 ? 51   ASP A C   1 
ATOM   20   O O   . ASP A 1 8   ? 7.929   18.084  3.282   1.00 33.33 ? 51   ASP A O   1 
ATOM   21   C CB  . ASP A 1 8   ? 10.552  19.115  3.604   1.00 35.68 ? 51   ASP A CB  1 
ATOM   22   C CG  . ASP A 1 8   ? 11.420  18.095  2.896   1.00 37.68 ? 51   ASP A CG  1 
ATOM   23   O OD1 . ASP A 1 8   ? 10.929  17.004  2.552   1.00 42.77 ? 51   ASP A OD1 1 
ATOM   24   O OD2 . ASP A 1 8   ? 12.620  18.413  2.667   1.00 42.58 ? 51   ASP A OD2 1 
ATOM   25   N N   . MET A 1 9   ? 8.167   16.706  5.049   1.00 31.25 ? 52   MET A N   1 
ATOM   26   C CA  . MET A 1 9   ? 7.021   15.869  4.698   1.00 30.49 ? 52   MET A CA  1 
ATOM   27   C C   . MET A 1 9   ? 5.894   15.994  5.714   1.00 29.62 ? 52   MET A C   1 
ATOM   28   O O   . MET A 1 9   ? 6.122   16.239  6.902   1.00 29.20 ? 52   MET A O   1 
ATOM   29   C CB  . MET A 1 9   ? 7.452   14.410  4.576   1.00 30.13 ? 52   MET A CB  1 
ATOM   30   C CG  . MET A 1 9   ? 8.673   14.194  3.685   1.00 30.26 ? 52   MET A CG  1 
ATOM   31   S SD  . MET A 1 9   ? 8.919   12.458  3.247   1.00 32.72 ? 52   MET A SD  1 
ATOM   32   C CE  . MET A 1 9   ? 7.738   12.305  1.914   1.00 31.52 ? 52   MET A CE  1 
ATOM   33   N N   . TRP A 1 10  ? 4.668   15.841  5.231   1.00 29.73 ? 53   TRP A N   1 
ATOM   34   C CA  . TRP A 1 10  ? 3.524   15.832  6.115   1.00 29.04 ? 53   TRP A CA  1 
ATOM   35   C C   . TRP A 1 10  ? 2.411   14.950  5.555   1.00 28.59 ? 53   TRP A C   1 
ATOM   36   O O   . TRP A 1 10  ? 2.484   14.495  4.413   1.00 29.02 ? 53   TRP A O   1 
ATOM   37   C CB  . TRP A 1 10  ? 3.048   17.261  6.389   1.00 29.99 ? 53   TRP A CB  1 
ATOM   38   C CG  . TRP A 1 10  ? 2.469   17.973  5.206   1.00 31.08 ? 53   TRP A CG  1 
ATOM   39   C CD1 . TRP A 1 10  ? 1.142   18.117  4.911   1.00 33.56 ? 53   TRP A CD1 1 
ATOM   40   C CD2 . TRP A 1 10  ? 3.187   18.657  4.170   1.00 32.33 ? 53   TRP A CD2 1 
ATOM   41   N NE1 . TRP A 1 10  ? 0.990   18.837  3.751   1.00 33.80 ? 53   TRP A NE1 1 
ATOM   42   C CE2 . TRP A 1 10  ? 2.226   19.181  3.274   1.00 32.22 ? 53   TRP A CE2 1 
ATOM   43   C CE3 . TRP A 1 10  ? 4.547   18.867  3.905   1.00 31.74 ? 53   TRP A CE3 1 
ATOM   44   C CZ2 . TRP A 1 10  ? 2.582   19.917  2.136   1.00 32.77 ? 53   TRP A CZ2 1 
ATOM   45   C CZ3 . TRP A 1 10  ? 4.903   19.582  2.768   1.00 33.08 ? 53   TRP A CZ3 1 
ATOM   46   C CH2 . TRP A 1 10  ? 3.918   20.098  1.896   1.00 32.50 ? 53   TRP A CH2 1 
ATOM   47   N N   . ILE A 1 11  ? 1.398   14.707  6.372   1.00 27.64 ? 54   ILE A N   1 
ATOM   48   C CA  . ILE A 1 11  ? 0.245   13.899  5.935   1.00 27.09 ? 54   ILE A CA  1 
ATOM   49   C C   . ILE A 1 11  ? -1.033  14.742  5.985   1.00 27.45 ? 54   ILE A C   1 
ATOM   50   O O   . ILE A 1 11  ? -1.162  15.672  6.804   1.00 26.92 ? 54   ILE A O   1 
ATOM   51   C CB  . ILE A 1 11  ? 0.097   12.577  6.724   1.00 27.57 ? 54   ILE A CB  1 
ATOM   52   C CG1 . ILE A 1 11  ? -0.181  12.841  8.216   1.00 28.46 ? 54   ILE A CG1 1 
ATOM   53   C CG2 . ILE A 1 11  ? 1.358   11.689  6.532   1.00 27.88 ? 54   ILE A CG2 1 
ATOM   54   C CD1 . ILE A 1 11  ? -0.260  11.575  9.113   1.00 27.46 ? 54   ILE A CD1 1 
ATOM   55   N N   . GLU A 1 12  ? -1.961  14.412  5.093   1.00 27.40 ? 55   GLU A N   1 
ATOM   56   C CA  . GLU A 1 12  ? -3.238  15.117  4.987   1.00 29.53 ? 55   GLU A CA  1 
ATOM   57   C C   . GLU A 1 12  ? -4.331  14.067  4.832   1.00 28.65 ? 55   GLU A C   1 
ATOM   58   O O   . GLU A 1 12  ? -4.255  13.250  3.922   1.00 30.02 ? 55   GLU A O   1 
ATOM   59   C CB  . GLU A 1 12  ? -3.223  16.039  3.754   1.00 29.60 ? 55   GLU A CB  1 
ATOM   60   C CG  . GLU A 1 12  ? -2.152  17.159  3.796   1.00 31.91 ? 55   GLU A CG  1 
ATOM   61   C CD  . GLU A 1 12  ? -2.299  18.208  2.689   1.00 34.05 ? 55   GLU A CD  1 
ATOM   62   O OE1 . GLU A 1 12  ? -3.261  18.144  1.896   1.00 40.97 ? 55   GLU A OE1 1 
ATOM   63   O OE2 . GLU A 1 12  ? -1.436  19.115  2.619   1.00 39.90 ? 55   GLU A OE2 1 
ATOM   64   N N   . ARG A 1 13  ? -5.354  14.087  5.692   1.00 27.82 ? 56   ARG A N   1 
ATOM   65   C CA  . ARG A 1 13  ? -6.428  13.102  5.594   1.00 27.37 ? 56   ARG A CA  1 
ATOM   66   C C   . ARG A 1 13  ? -7.258  13.450  4.375   1.00 26.86 ? 56   ARG A C   1 
ATOM   67   O O   . ARG A 1 13  ? -7.549  14.628  4.145   1.00 28.21 ? 56   ARG A O   1 
ATOM   68   C CB  . ARG A 1 13  ? -7.328  13.125  6.824   1.00 27.28 ? 56   ARG A CB  1 
ATOM   69   C CG  . ARG A 1 13  ? -8.191  11.869  6.950   1.00 26.15 ? 56   ARG A CG  1 
ATOM   70   C CD  . ARG A 1 13  ? -9.022  11.889  8.212   1.00 24.90 ? 56   ARG A CD  1 
ATOM   71   N NE  . ARG A 1 13  ? -9.905  10.729  8.343   1.00 25.12 ? 56   ARG A NE  1 
ATOM   72   C CZ  . ARG A 1 13  ? -11.003 10.517  7.617   1.00 27.13 ? 56   ARG A CZ  1 
ATOM   73   N NH1 . ARG A 1 13  ? -11.384 11.400  6.697   1.00 29.10 ? 56   ARG A NH1 1 
ATOM   74   N NH2 . ARG A 1 13  ? -11.716 9.424   7.804   1.00 28.53 ? 56   ARG A NH2 1 
ATOM   75   N N   . THR A 1 14  ? -7.667  12.417  3.637   1.00 25.88 ? 57   THR A N   1 
ATOM   76   C CA  . THR A 1 14  ? -8.417  12.631  2.420   1.00 26.32 ? 57   THR A CA  1 
ATOM   77   C C   . THR A 1 14  ? -9.724  11.853  2.300   1.00 26.21 ? 57   THR A C   1 
ATOM   78   O O   . THR A 1 14  ? -10.623 12.315  1.608   1.00 25.62 ? 57   THR A O   1 
ATOM   79   C CB  . THR A 1 14  ? -7.521  12.421  1.160   1.00 26.02 ? 57   THR A CB  1 
ATOM   80   O OG1 . THR A 1 14  ? -8.190  12.940  0.005   1.00 28.75 ? 57   THR A OG1 1 
ATOM   81   C CG2 . THR A 1 14  ? -7.126  10.922  0.994   1.00 27.67 ? 57   THR A CG2 1 
ATOM   82   N N   . ALA A 1 15  ? -9.827  10.698  2.964   1.00 25.90 ? 58   ALA A N   1 
ATOM   83   C CA  . ALA A 1 15  ? -11.060 9.889   2.819   1.00 25.62 ? 58   ALA A CA  1 
ATOM   84   C C   . ALA A 1 15  ? -11.188 8.864   3.924   1.00 25.12 ? 58   ALA A C   1 
ATOM   85   O O   . ALA A 1 15  ? -10.200 8.512   4.591   1.00 25.82 ? 58   ALA A O   1 
ATOM   86   C CB  . ALA A 1 15  ? -11.098 9.176   1.438   1.00 26.21 ? 58   ALA A CB  1 
ATOM   87   N N   . ASP A 1 16  ? -12.402 8.361   4.072   1.00 24.93 ? 59   ASP A N   1 
ATOM   88   C CA  . ASP A 1 16  ? -12.654 7.221   4.940   1.00 25.07 ? 59   ASP A CA  1 
ATOM   89   C C   . ASP A 1 16  ? -12.102 5.933   4.316   1.00 26.73 ? 59   ASP A C   1 
ATOM   90   O O   . ASP A 1 16  ? -11.958 5.825   3.099   1.00 27.64 ? 59   ASP A O   1 
ATOM   91   C CB  . ASP A 1 16  ? -14.158 7.046   5.137   1.00 25.60 ? 59   ASP A CB  1 
ATOM   92   C CG  . ASP A 1 16  ? -14.791 8.139   5.994   1.00 25.44 ? 59   ASP A CG  1 
ATOM   93   O OD1 . ASP A 1 16  ? -14.104 9.066   6.484   1.00 26.32 ? 59   ASP A OD1 1 
ATOM   94   O OD2 . ASP A 1 16  ? -16.023 8.064   6.173   1.00 26.24 ? 59   ASP A OD2 1 
ATOM   95   N N   . ILE A 1 17  ? -11.843 4.947   5.168   1.00 26.33 ? 60   ILE A N   1 
ATOM   96   C CA  . ILE A 1 17  ? -11.482 3.610   4.692   1.00 27.27 ? 60   ILE A CA  1 
ATOM   97   C C   . ILE A 1 17  ? -12.779 2.848   4.489   1.00 27.95 ? 60   ILE A C   1 
ATOM   98   O O   . ILE A 1 17  ? -13.454 2.469   5.459   1.00 28.33 ? 60   ILE A O   1 
ATOM   99   C CB  . ILE A 1 17  ? -10.610 2.856   5.698   1.00 27.09 ? 60   ILE A CB  1 
ATOM   100  C CG1 . ILE A 1 17  ? -9.322  3.623   6.007   1.00 27.85 ? 60   ILE A CG1 1 
ATOM   101  C CG2 . ILE A 1 17  ? -10.293 1.459   5.131   1.00 28.15 ? 60   ILE A CG2 1 
ATOM   102  C CD1 . ILE A 1 17  ? -8.638  3.179   7.340   1.00 28.50 ? 60   ILE A CD1 1 
ATOM   103  N N   . THR A 1 18  ? -13.164 2.656   3.236   1.00 29.41 ? 61   THR A N   1 
ATOM   104  C CA  . THR A 1 18  ? -14.419 1.979   2.961   1.00 31.43 ? 61   THR A CA  1 
ATOM   105  C C   . THR A 1 18  ? -14.351 1.199   1.658   1.00 31.58 ? 61   THR A C   1 
ATOM   106  O O   . THR A 1 18  ? -13.500 1.464   0.829   1.00 32.02 ? 61   THR A O   1 
ATOM   107  C CB  . THR A 1 18  ? -15.589 2.986   2.902   1.00 32.71 ? 61   THR A CB  1 
ATOM   108  O OG1 . THR A 1 18  ? -16.829 2.271   2.817   1.00 37.04 ? 61   THR A OG1 1 
ATOM   109  C CG2 . THR A 1 18  ? -15.448 3.880   1.717   1.00 32.89 ? 61   THR A CG2 1 
ATOM   110  N N   . TRP A 1 19  ? -15.264 0.236   1.518   1.00 32.14 ? 62   TRP A N   1 
ATOM   111  C CA  . TRP A 1 19  ? -15.518 -0.486  0.273   1.00 32.93 ? 62   TRP A CA  1 
ATOM   112  C C   . TRP A 1 19  ? -16.582 0.293   -0.504  1.00 33.47 ? 62   TRP A C   1 
ATOM   113  O O   . TRP A 1 19  ? -17.579 0.730   0.097   1.00 35.38 ? 62   TRP A O   1 
ATOM   114  C CB  . TRP A 1 19  ? -16.058 -1.867  0.638   1.00 32.09 ? 62   TRP A CB  1 
ATOM   115  C CG  . TRP A 1 19  ? -16.418 -2.797  -0.485  1.00 31.87 ? 62   TRP A CG  1 
ATOM   116  C CD1 . TRP A 1 19  ? -17.623 -2.888  -1.135  1.00 31.44 ? 62   TRP A CD1 1 
ATOM   117  C CD2 . TRP A 1 19  ? -15.591 -3.838  -1.030  1.00 30.35 ? 62   TRP A CD2 1 
ATOM   118  N NE1 . TRP A 1 19  ? -17.583 -3.905  -2.076  1.00 31.60 ? 62   TRP A NE1 1 
ATOM   119  C CE2 . TRP A 1 19  ? -16.353 -4.512  -2.020  1.00 30.48 ? 62   TRP A CE2 1 
ATOM   120  C CE3 . TRP A 1 19  ? -14.282 -4.265  -0.777  1.00 29.97 ? 62   TRP A CE3 1 
ATOM   121  C CZ2 . TRP A 1 19  ? -15.833 -5.579  -2.768  1.00 31.12 ? 62   TRP A CZ2 1 
ATOM   122  C CZ3 . TRP A 1 19  ? -13.778 -5.326  -1.501  1.00 30.28 ? 62   TRP A CZ3 1 
ATOM   123  C CH2 . TRP A 1 19  ? -14.552 -5.971  -2.494  1.00 29.97 ? 62   TRP A CH2 1 
ATOM   124  N N   . GLU A 1 20  ? -16.370 0.502   -1.809  1.00 33.80 ? 63   GLU A N   1 
ATOM   125  C CA  . GLU A 1 20  ? -17.351 1.232   -2.658  1.00 34.76 ? 63   GLU A CA  1 
ATOM   126  C C   . GLU A 1 20  ? -18.183 0.188   -3.422  1.00 34.84 ? 63   GLU A C   1 
ATOM   127  O O   . GLU A 1 20  ? -17.634 -0.576  -4.216  1.00 33.89 ? 63   GLU A O   1 
ATOM   128  C CB  . GLU A 1 20  ? -16.655 2.171   -3.680  1.00 34.93 ? 63   GLU A CB  1 
ATOM   129  C CG  . GLU A 1 20  ? -15.977 3.486   -3.133  1.00 35.49 ? 63   GLU A CG  1 
ATOM   130  C CD  . GLU A 1 20  ? -15.309 4.404   -4.234  1.00 36.67 ? 63   GLU A CD  1 
ATOM   131  O OE1 . GLU A 1 20  ? -15.338 4.085   -5.459  1.00 38.06 ? 63   GLU A OE1 1 
ATOM   132  O OE2 . GLU A 1 20  ? -14.743 5.472   -3.863  1.00 33.08 ? 63   GLU A OE2 1 
ATOM   133  N N   . SER A 1 21  ? -19.503 0.165   -3.224  1.00 35.59 ? 64   SER A N   1 
ATOM   134  C CA  . SER A 1 21  ? -20.325 -0.835  -3.927  1.00 36.93 ? 64   SER A CA  1 
ATOM   135  C C   . SER A 1 21  ? -20.363 -0.654  -5.459  1.00 37.61 ? 64   SER A C   1 
ATOM   136  O O   . SER A 1 21  ? -20.599 -1.617  -6.201  1.00 38.10 ? 64   SER A O   1 
ATOM   137  C CB  . SER A 1 21  ? -21.736 -0.916  -3.330  1.00 36.88 ? 64   SER A CB  1 
ATOM   138  O OG  . SER A 1 21  ? -22.302 0.361   -3.267  1.00 38.74 ? 64   SER A OG  1 
ATOM   139  N N   . ASP A 1 22  ? -20.086 0.557   -5.936  1.00 38.07 ? 65   ASP A N   1 
ATOM   140  C CA  . ASP A 1 22  ? -20.114 0.816   -7.384  1.00 39.24 ? 65   ASP A CA  1 
ATOM   141  C C   . ASP A 1 22  ? -18.778 0.708   -8.133  1.00 38.87 ? 65   ASP A C   1 
ATOM   142  O O   . ASP A 1 22  ? -18.729 0.963   -9.341  1.00 39.28 ? 65   ASP A O   1 
ATOM   143  C CB  . ASP A 1 22  ? -20.797 2.164   -7.685  1.00 40.23 ? 65   ASP A CB  1 
ATOM   144  C CG  . ASP A 1 22  ? -20.103 3.346   -7.015  1.00 43.04 ? 65   ASP A CG  1 
ATOM   145  O OD1 . ASP A 1 22  ? -19.338 3.147   -6.044  1.00 46.90 ? 65   ASP A OD1 1 
ATOM   146  O OD2 . ASP A 1 22  ? -20.350 4.496   -7.455  1.00 48.65 ? 65   ASP A OD2 1 
ATOM   147  N N   . ALA A 1 23  ? -17.713 0.301   -7.438  1.00 37.76 ? 66   ALA A N   1 
ATOM   148  C CA  . ALA A 1 23  ? -16.371 0.269   -8.027  1.00 37.29 ? 66   ALA A CA  1 
ATOM   149  C C   . ALA A 1 23  ? -16.308 -0.470  -9.371  1.00 36.82 ? 66   ALA A C   1 
ATOM   150  O O   . ALA A 1 23  ? -16.945 -1.509  -9.554  1.00 37.30 ? 66   ALA A O   1 
ATOM   151  C CB  . ALA A 1 23  ? -15.367 -0.337  -7.039  1.00 36.26 ? 66   ALA A CB  1 
ATOM   152  N N   . GLU A 1 24  ? -15.532 0.075   -10.300 1.00 36.69 ? 67   GLU A N   1 
ATOM   153  C CA  . GLU A 1 24  ? -15.185 -0.622  -11.528 1.00 37.79 ? 67   GLU A CA  1 
ATOM   154  C C   . GLU A 1 24  ? -14.384 -1.885  -11.213 1.00 36.81 ? 67   GLU A C   1 
ATOM   155  O O   . GLU A 1 24  ? -13.513 -1.854  -10.346 1.00 36.12 ? 67   GLU A O   1 
ATOM   156  C CB  . GLU A 1 24  ? -14.330 0.284   -12.407 1.00 37.91 ? 67   GLU A CB  1 
ATOM   157  C CG  . GLU A 1 24  ? -13.856 -0.375  -13.696 1.00 40.48 ? 67   GLU A CG  1 
ATOM   158  C CD  . GLU A 1 24  ? -13.212 0.598   -14.668 1.00 42.09 ? 67   GLU A CD  1 
ATOM   159  O OE1 . GLU A 1 24  ? -13.235 1.827   -14.404 1.00 47.34 ? 67   GLU A OE1 1 
ATOM   160  O OE2 . GLU A 1 24  ? -12.698 0.124   -15.712 1.00 47.30 ? 67   GLU A OE2 1 
ATOM   161  N N   . ILE A 1 25  ? -14.673 -2.970  -11.930 1.00 36.57 ? 68   ILE A N   1 
ATOM   162  C CA  . ILE A 1 25  ? -13.889 -4.202  -11.796 1.00 36.31 ? 68   ILE A CA  1 
ATOM   163  C C   . ILE A 1 25  ? -12.890 -4.247  -12.947 1.00 36.39 ? 68   ILE A C   1 
ATOM   164  O O   . ILE A 1 25  ? -13.267 -4.065  -14.116 1.00 36.34 ? 68   ILE A O   1 
ATOM   165  C CB  . ILE A 1 25  ? -14.778 -5.461  -11.794 1.00 36.88 ? 68   ILE A CB  1 
ATOM   166  C CG1 . ILE A 1 25  ? -15.721 -5.445  -10.585 1.00 37.78 ? 68   ILE A CG1 1 
ATOM   167  C CG2 . ILE A 1 25  ? -13.925 -6.725  -11.763 1.00 36.95 ? 68   ILE A CG2 1 
ATOM   168  C CD1 . ILE A 1 25  ? -16.920 -6.353  -10.732 1.00 40.93 ? 68   ILE A CD1 1 
ATOM   169  N N   . THR A 1 26  ? -11.626 -4.482  -12.615 1.00 36.26 ? 69   THR A N   1 
ATOM   170  C CA  . THR A 1 26  ? -10.556 -4.416  -13.593 1.00 36.98 ? 69   THR A CA  1 
ATOM   171  C C   . THR A 1 26  ? -9.417  -5.372  -13.236 1.00 36.57 ? 69   THR A C   1 
ATOM   172  O O   . THR A 1 26  ? -9.411  -5.950  -12.154 1.00 37.17 ? 69   THR A O   1 
ATOM   173  C CB  . THR A 1 26  ? -10.034 -2.956  -13.715 1.00 37.13 ? 69   THR A CB  1 
ATOM   174  O OG1 . THR A 1 26  ? -9.188  -2.828  -14.869 1.00 40.23 ? 69   THR A OG1 1 
ATOM   175  C CG2 . THR A 1 26  ? -9.295  -2.526  -12.444 1.00 37.97 ? 69   THR A CG2 1 
ATOM   176  N N   . GLY A 1 27  ? -8.463  -5.541  -14.142 1.00 36.46 ? 70   GLY A N   1 
ATOM   177  C CA  . GLY A 1 27  ? -7.264  -6.313  -13.842 1.00 36.35 ? 70   GLY A CA  1 
ATOM   178  C C   . GLY A 1 27  ? -7.425  -7.800  -14.061 1.00 36.16 ? 70   GLY A C   1 
ATOM   179  O O   . GLY A 1 27  ? -8.500  -8.284  -14.435 1.00 36.67 ? 70   GLY A O   1 
ATOM   180  N N   . SER A 1 28  ? -6.334  -8.516  -13.844 1.00 35.71 ? 71   SER A N   1 
ATOM   181  C CA  . SER A 1 28  ? -6.297  -9.959  -14.032 1.00 35.83 ? 71   SER A CA  1 
ATOM   182  C C   . SER A 1 28  ? -5.596  -10.646 -12.852 1.00 35.53 ? 71   SER A C   1 
ATOM   183  O O   . SER A 1 28  ? -4.911  -9.989  -12.053 1.00 36.00 ? 71   SER A O   1 
ATOM   184  C CB  . SER A 1 28  ? -5.600  -10.281 -15.356 1.00 36.26 ? 71   SER A CB  1 
ATOM   185  O OG  . SER A 1 28  ? -4.271  -9.794  -15.358 1.00 38.45 ? 71   SER A OG  1 
ATOM   186  N N   . SER A 1 29  ? -5.784  -11.958 -12.726 1.00 34.74 ? 72   SER A N   1 
ATOM   187  C CA  . SER A 1 29  ? -5.131  -12.733 -11.671 1.00 34.46 ? 72   SER A CA  1 
ATOM   188  C C   . SER A 1 29  ? -3.932  -13.464 -12.244 1.00 33.84 ? 72   SER A C   1 
ATOM   189  O O   . SER A 1 29  ? -4.073  -14.576 -12.740 1.00 34.40 ? 72   SER A O   1 
ATOM   190  C CB  . SER A 1 29  ? -6.101  -13.760 -11.053 1.00 34.26 ? 72   SER A CB  1 
ATOM   191  O OG  . SER A 1 29  ? -7.358  -13.159 -10.743 1.00 37.73 ? 72   SER A OG  1 
ATOM   192  N N   . GLU A 1 30  ? -2.756  -12.850 -12.160 1.00 32.67 ? 73   GLU A N   1 
ATOM   193  C CA  . GLU A 1 30  ? -1.533  -13.456 -12.681 1.00 32.69 ? 73   GLU A CA  1 
ATOM   194  C C   . GLU A 1 30  ? -0.854  -14.285 -11.602 1.00 32.47 ? 73   GLU A C   1 
ATOM   195  O O   . GLU A 1 30  ? -1.060  -14.044 -10.413 1.00 32.37 ? 73   GLU A O   1 
ATOM   196  C CB  . GLU A 1 30  ? -0.591  -12.352 -13.167 1.00 33.18 ? 73   GLU A CB  1 
ATOM   197  C CG  . GLU A 1 30  ? -1.243  -11.443 -14.215 1.00 34.63 ? 73   GLU A CG  1 
ATOM   198  C CD  . GLU A 1 30  ? -1.654  -12.190 -15.486 1.00 38.94 ? 73   GLU A CD  1 
ATOM   199  O OE1 . GLU A 1 30  ? -0.973  -13.167 -15.873 1.00 40.98 ? 73   GLU A OE1 1 
ATOM   200  O OE2 . GLU A 1 30  ? -2.668  -11.804 -16.103 1.00 39.99 ? 73   GLU A OE2 1 
ATOM   201  N N   . ARG A 1 31  ? -0.021  -15.234 -12.015 1.00 31.70 ? 74   ARG A N   1 
ATOM   202  C CA  . ARG A 1 31  ? 0.715   -16.074 -11.078 1.00 32.09 ? 74   ARG A CA  1 
ATOM   203  C C   . ARG A 1 31  ? 2.167   -16.062 -11.502 1.00 32.50 ? 74   ARG A C   1 
ATOM   204  O O   . ARG A 1 31  ? 2.517   -16.584 -12.564 1.00 32.45 ? 74   ARG A O   1 
ATOM   205  C CB  . ARG A 1 31  ? 0.159   -17.512 -11.060 1.00 32.21 ? 74   ARG A CB  1 
ATOM   206  C CG  . ARG A 1 31  ? -1.271  -17.613 -10.543 1.00 33.83 ? 74   ARG A CG  1 
ATOM   207  C CD  . ARG A 1 31  ? -1.725  -19.087 -10.488 1.00 33.48 ? 74   ARG A CD  1 
ATOM   208  N NE  . ARG A 1 31  ? -1.139  -19.826 -9.368  1.00 37.66 ? 74   ARG A NE  1 
ATOM   209  C CZ  . ARG A 1 31  ? -1.616  -19.810 -8.121  1.00 37.58 ? 74   ARG A CZ  1 
ATOM   210  N NH1 . ARG A 1 31  ? -2.677  -19.085 -7.825  1.00 39.41 ? 74   ARG A NH1 1 
ATOM   211  N NH2 . ARG A 1 31  ? -1.012  -20.510 -7.165  1.00 39.51 ? 74   ARG A NH2 1 
ATOM   212  N N   . VAL A 1 32  ? 3.014   -15.463 -10.681 1.00 31.83 ? 75   VAL A N   1 
ATOM   213  C CA  . VAL A 1 32  ? 4.407   -15.239 -11.072 1.00 33.08 ? 75   VAL A CA  1 
ATOM   214  C C   . VAL A 1 32  ? 5.370   -15.631 -9.959  1.00 32.99 ? 75   VAL A C   1 
ATOM   215  O O   . VAL A 1 32  ? 5.124   -15.356 -8.781  1.00 32.96 ? 75   VAL A O   1 
ATOM   216  C CB  . VAL A 1 32  ? 4.636   -13.769 -11.531 1.00 33.08 ? 75   VAL A CB  1 
ATOM   217  C CG1 . VAL A 1 32  ? 3.824   -13.479 -12.788 1.00 34.26 ? 75   VAL A CG1 1 
ATOM   218  C CG2 . VAL A 1 32  ? 4.253   -12.793 -10.460 1.00 34.21 ? 75   VAL A CG2 1 
ATOM   219  N N   . ASP A 1 33  ? 6.445   -16.320 -10.330 1.00 33.13 ? 76   ASP A N   1 
ATOM   220  C CA  . ASP A 1 33  ? 7.482   -16.650 -9.376  1.00 34.08 ? 76   ASP A CA  1 
ATOM   221  C C   . ASP A 1 33  ? 8.349   -15.418 -9.152  1.00 34.05 ? 76   ASP A C   1 
ATOM   222  O O   . ASP A 1 33  ? 8.864   -14.829 -10.105 1.00 33.77 ? 76   ASP A O   1 
ATOM   223  C CB  . ASP A 1 33  ? 8.369   -17.791 -9.900  1.00 34.40 ? 76   ASP A CB  1 
ATOM   224  C CG  . ASP A 1 33  ? 7.591   -19.067 -10.172 1.00 37.51 ? 76   ASP A CG  1 
ATOM   225  O OD1 . ASP A 1 33  ? 6.687   -19.416 -9.381  1.00 40.43 ? 76   ASP A OD1 1 
ATOM   226  O OD2 . ASP A 1 33  ? 7.904   -19.744 -11.176 1.00 41.62 ? 76   ASP A OD2 1 
ATOM   227  N N   . VAL A 1 34  ? 8.499   -15.033 -7.889  1.00 34.80 ? 77   VAL A N   1 
ATOM   228  C CA  . VAL A 1 34  ? 9.356   -13.907 -7.526  1.00 35.36 ? 77   VAL A CA  1 
ATOM   229  C C   . VAL A 1 34  ? 10.139  -14.210 -6.251  1.00 36.27 ? 77   VAL A C   1 
ATOM   230  O O   . VAL A 1 34  ? 9.738   -15.047 -5.444  1.00 36.89 ? 77   VAL A O   1 
ATOM   231  C CB  . VAL A 1 34  ? 8.549   -12.585 -7.321  1.00 35.52 ? 77   VAL A CB  1 
ATOM   232  C CG1 . VAL A 1 34  ? 7.781   -12.193 -8.572  1.00 35.82 ? 77   VAL A CG1 1 
ATOM   233  C CG2 . VAL A 1 34  ? 7.634   -12.702 -6.123  1.00 35.59 ? 77   VAL A CG2 1 
ATOM   234  N N   . ARG A 1 35  ? 11.272  -13.540 -6.084  1.00 36.61 ? 78   ARG A N   1 
ATOM   235  C CA  . ARG A 1 35  ? 11.934  -13.518 -4.790  1.00 37.68 ? 78   ARG A CA  1 
ATOM   236  C C   . ARG A 1 35  ? 12.016  -12.076 -4.303  1.00 37.28 ? 78   ARG A C   1 
ATOM   237  O O   . ARG A 1 35  ? 12.088  -11.147 -5.110  1.00 36.98 ? 78   ARG A O   1 
ATOM   238  C CB  . ARG A 1 35  ? 13.322  -14.170 -4.841  1.00 37.80 ? 78   ARG A CB  1 
ATOM   239  C CG  . ARG A 1 35  ? 14.363  -13.451 -5.686  1.00 38.83 ? 78   ARG A CG  1 
ATOM   240  C CD  . ARG A 1 35  ? 15.711  -14.149 -5.568  1.00 39.50 ? 78   ARG A CD  1 
ATOM   241  N NE  . ARG A 1 35  ? 16.819  -13.199 -5.461  1.00 43.76 ? 78   ARG A NE  1 
ATOM   242  C CZ  . ARG A 1 35  ? 17.156  -12.552 -4.344  1.00 44.56 ? 78   ARG A CZ  1 
ATOM   243  N NH1 . ARG A 1 35  ? 16.471  -12.738 -3.220  1.00 45.84 ? 78   ARG A NH1 1 
ATOM   244  N NH2 . ARG A 1 35  ? 18.180  -11.714 -4.347  1.00 45.27 ? 78   ARG A NH2 1 
ATOM   245  N N   . LEU A 1 36  ? 11.982  -11.909 -2.988  1.00 37.14 ? 79   LEU A N   1 
ATOM   246  C CA  . LEU A 1 36  ? 12.121  -10.598 -2.368  1.00 37.54 ? 79   LEU A CA  1 
ATOM   247  C C   . LEU A 1 36  ? 13.556  -10.483 -1.853  1.00 37.65 ? 79   LEU A C   1 
ATOM   248  O O   . LEU A 1 36  ? 13.998  -11.283 -1.006  1.00 37.92 ? 79   LEU A O   1 
ATOM   249  C CB  . LEU A 1 36  ? 11.090  -10.446 -1.248  1.00 37.14 ? 79   LEU A CB  1 
ATOM   250  C CG  . LEU A 1 36  ? 10.997  -9.133  -0.471  1.00 37.42 ? 79   LEU A CG  1 
ATOM   251  C CD1 . LEU A 1 36  ? 10.768  -7.951  -1.397  1.00 37.03 ? 79   LEU A CD1 1 
ATOM   252  C CD2 . LEU A 1 36  ? 9.873   -9.227  0.545   1.00 38.46 ? 79   LEU A CD2 1 
ATOM   253  N N   . ASP A 1 37  ? 14.309  -9.537  -2.410  1.00 37.20 ? 80   ASP A N   1 
ATOM   254  C CA  . ASP A 1 37  ? 15.689  -9.351  -1.980  1.00 37.23 ? 80   ASP A CA  1 
ATOM   255  C C   . ASP A 1 37  ? 15.794  -8.550  -0.675  1.00 37.20 ? 80   ASP A C   1 
ATOM   256  O O   . ASP A 1 37  ? 14.805  -7.979  -0.206  1.00 36.37 ? 80   ASP A O   1 
ATOM   257  C CB  . ASP A 1 37  ? 16.577  -8.811  -3.121  1.00 37.47 ? 80   ASP A CB  1 
ATOM   258  C CG  . ASP A 1 37  ? 16.378  -7.336  -3.412  1.00 38.40 ? 80   ASP A CG  1 
ATOM   259  O OD1 . ASP A 1 37  ? 15.794  -6.609  -2.584  1.00 38.52 ? 80   ASP A OD1 1 
ATOM   260  O OD2 . ASP A 1 37  ? 16.847  -6.890  -4.484  1.00 39.03 ? 80   ASP A OD2 1 
ATOM   261  N N   . ASP A 1 38  ? 16.992  -8.524  -0.087  1.00 37.62 ? 81   ASP A N   1 
ATOM   262  C CA  . ASP A 1 38  ? 17.196  -7.886  1.219   1.00 38.16 ? 81   ASP A CA  1 
ATOM   263  C C   . ASP A 1 38  ? 16.980  -6.367  1.269   1.00 37.94 ? 81   ASP A C   1 
ATOM   264  O O   . ASP A 1 38  ? 16.855  -5.799  2.356   1.00 38.35 ? 81   ASP A O   1 
ATOM   265  C CB  . ASP A 1 38  ? 18.581  -8.237  1.786   1.00 38.59 ? 81   ASP A CB  1 
ATOM   266  C CG  . ASP A 1 38  ? 18.674  -9.680  2.269   1.00 40.67 ? 81   ASP A CG  1 
ATOM   267  O OD1 . ASP A 1 38  ? 17.651  -10.404 2.268   1.00 44.63 ? 81   ASP A OD1 1 
ATOM   268  O OD2 . ASP A 1 38  ? 19.785  -10.100 2.651   1.00 43.35 ? 81   ASP A OD2 1 
ATOM   269  N N   . ASP A 1 39  ? 16.949  -5.700  0.120   1.00 37.21 ? 82   ASP A N   1 
ATOM   270  C CA  . ASP A 1 39  ? 16.632  -4.276  0.128   1.00 37.25 ? 82   ASP A CA  1 
ATOM   271  C C   . ASP A 1 39  ? 15.180  -4.022  -0.301  1.00 35.72 ? 82   ASP A C   1 
ATOM   272  O O   . ASP A 1 39  ? 14.799  -2.894  -0.616  1.00 35.72 ? 82   ASP A O   1 
ATOM   273  C CB  . ASP A 1 39  ? 17.632  -3.462  -0.694  1.00 38.35 ? 82   ASP A CB  1 
ATOM   274  C CG  . ASP A 1 39  ? 17.363  -3.525  -2.174  1.00 41.09 ? 82   ASP A CG  1 
ATOM   275  O OD1 . ASP A 1 39  ? 17.419  -4.630  -2.748  1.00 45.03 ? 82   ASP A OD1 1 
ATOM   276  O OD2 . ASP A 1 39  ? 17.106  -2.453  -2.762  1.00 46.02 ? 82   ASP A OD2 1 
ATOM   277  N N   . GLY A 1 40  ? 14.383  -5.088  -0.306  1.00 34.21 ? 83   GLY A N   1 
ATOM   278  C CA  . GLY A 1 40  ? 12.929  -4.966  -0.472  1.00 32.83 ? 83   GLY A CA  1 
ATOM   279  C C   . GLY A 1 40  ? 12.445  -4.907  -1.901  1.00 32.19 ? 83   GLY A C   1 
ATOM   280  O O   . GLY A 1 40  ? 11.289  -4.546  -2.158  1.00 31.41 ? 83   GLY A O   1 
ATOM   281  N N   . ASN A 1 41  ? 13.316  -5.282  -2.833  1.00 31.84 ? 84   ASN A N   1 
ATOM   282  C CA  . ASN A 1 41  ? 12.963  -5.334  -4.239  1.00 31.73 ? 84   ASN A CA  1 
ATOM   283  C C   . ASN A 1 41  ? 12.541  -6.734  -4.638  1.00 31.24 ? 84   ASN A C   1 
ATOM   284  O O   . ASN A 1 41  ? 13.297  -7.700  -4.460  1.00 30.99 ? 84   ASN A O   1 
ATOM   285  C CB  . ASN A 1 41  ? 14.137  -4.900  -5.116  1.00 31.99 ? 84   ASN A CB  1 
ATOM   286  C CG  . ASN A 1 41  ? 14.636  -3.502  -4.785  1.00 33.89 ? 84   ASN A CG  1 
ATOM   287  O OD1 . ASN A 1 41  ? 13.890  -2.657  -4.304  1.00 35.29 ? 84   ASN A OD1 1 
ATOM   288  N ND2 . ASN A 1 41  ? 15.911  -3.263  -5.042  1.00 37.79 ? 84   ASN A ND2 1 
ATOM   289  N N   . PHE A 1 42  ? 11.328  -6.858  -5.168  1.00 31.07 ? 85   PHE A N   1 
ATOM   290  C CA  . PHE A 1 42  ? 10.912  -8.118  -5.782  1.00 31.51 ? 85   PHE A CA  1 
ATOM   291  C C   . PHE A 1 42  ? 11.684  -8.355  -7.078  1.00 32.53 ? 85   PHE A C   1 
ATOM   292  O O   . PHE A 1 42  ? 11.889  -7.427  -7.881  1.00 32.30 ? 85   PHE A O   1 
ATOM   293  C CB  . PHE A 1 42  ? 9.402   -8.110  -6.064  1.00 31.09 ? 85   PHE A CB  1 
ATOM   294  C CG  . PHE A 1 42  ? 8.550   -8.332  -4.852  1.00 31.27 ? 85   PHE A CG  1 
ATOM   295  C CD1 . PHE A 1 42  ? 7.781   -7.301  -4.335  1.00 29.19 ? 85   PHE A CD1 1 
ATOM   296  C CD2 . PHE A 1 42  ? 8.490   -9.583  -4.238  1.00 30.68 ? 85   PHE A CD2 1 
ATOM   297  C CE1 . PHE A 1 42  ? 6.973   -7.491  -3.205  1.00 29.82 ? 85   PHE A CE1 1 
ATOM   298  C CE2 . PHE A 1 42  ? 7.661   -9.791  -3.122  1.00 30.38 ? 85   PHE A CE2 1 
ATOM   299  C CZ  . PHE A 1 42  ? 6.914   -8.759  -2.607  1.00 30.54 ? 85   PHE A CZ  1 
ATOM   300  N N   . GLN A 1 43  ? 12.135  -9.597  -7.265  1.00 33.90 ? 86   GLN A N   1 
ATOM   301  C CA  . GLN A 1 43  ? 12.852  -9.991  -8.477  1.00 35.55 ? 86   GLN A CA  1 
ATOM   302  C C   . GLN A 1 43  ? 12.143  -11.147 -9.167  1.00 36.40 ? 86   GLN A C   1 
ATOM   303  O O   . GLN A 1 43  ? 11.822  -12.150 -8.528  1.00 36.51 ? 86   GLN A O   1 
ATOM   304  C CB  . GLN A 1 43  ? 14.294  -10.406 -8.155  1.00 35.38 ? 86   GLN A CB  1 
ATOM   305  C CG  . GLN A 1 43  ? 15.091  -9.372  -7.367  1.00 36.78 ? 86   GLN A CG  1 
ATOM   306  C CD  . GLN A 1 43  ? 15.373  -8.095  -8.152  1.00 39.56 ? 86   GLN A CD  1 
ATOM   307  O OE1 . GLN A 1 43  ? 15.232  -8.052  -9.380  1.00 40.16 ? 86   GLN A OE1 1 
ATOM   308  N NE2 . GLN A 1 43  ? 15.779  -7.042  -7.439  1.00 39.94 ? 86   GLN A NE2 1 
ATOM   309  N N   . LEU A 1 44  ? 11.900  -10.985 -10.464 1.00 38.01 ? 87   LEU A N   1 
ATOM   310  C CA  . LEU A 1 44  ? 11.357  -12.048 -11.300 1.00 40.61 ? 87   LEU A CA  1 
ATOM   311  C C   . LEU A 1 44  ? 12.316  -13.223 -11.387 1.00 41.47 ? 87   LEU A C   1 
ATOM   312  O O   . LEU A 1 44  ? 13.538  -13.045 -11.455 1.00 41.34 ? 87   LEU A O   1 
ATOM   313  C CB  . LEU A 1 44  ? 11.077  -11.536 -12.711 1.00 41.12 ? 87   LEU A CB  1 
ATOM   314  C CG  . LEU A 1 44  ? 9.791   -10.740 -12.933 1.00 42.12 ? 87   LEU A CG  1 
ATOM   315  C CD1 . LEU A 1 44  ? 9.819   -10.191 -14.350 1.00 43.61 ? 87   LEU A CD1 1 
ATOM   316  C CD2 . LEU A 1 44  ? 8.564   -11.611 -12.699 1.00 43.51 ? 87   LEU A CD2 1 
ATOM   317  N N   . MET A 1 45  ? 11.741  -14.421 -11.395 1.00 43.31 ? 88   MET A N   1 
ATOM   318  C CA  . MET A 1 45  ? 12.502  -15.661 -11.429 1.00 45.46 ? 88   MET A CA  1 
ATOM   319  C C   . MET A 1 45  ? 12.231  -16.402 -12.732 1.00 45.51 ? 88   MET A C   1 
ATOM   320  O O   . MET A 1 45  ? 11.077  -16.504 -13.167 1.00 46.50 ? 88   MET A O   1 
ATOM   321  C CB  . MET A 1 45  ? 12.102  -16.526 -10.238 1.00 45.22 ? 88   MET A CB  1 
ATOM   322  C CG  . MET A 1 45  ? 13.260  -16.947 -9.347  1.00 47.07 ? 88   MET A CG  1 
ATOM   323  S SD  . MET A 1 45  ? 12.909  -16.473 -7.637  1.00 48.68 ? 88   MET A SD  1 
ATOM   324  C CE  . MET A 1 45  ? 11.404  -17.415 -7.313  1.00 48.67 ? 88   MET A CE  1 
ATOM   325  N N   . THR B 2 4   ? -6.458  10.765  13.331  1.00 32.57 ? 19   THR B N   1 
ATOM   326  C CA  . THR B 2 4   ? -7.879  10.369  13.030  1.00 32.33 ? 19   THR B CA  1 
ATOM   327  C C   . THR B 2 4   ? -7.869  9.248   11.974  1.00 30.71 ? 19   THR B C   1 
ATOM   328  O O   . THR B 2 4   ? -7.207  9.370   10.932  1.00 29.82 ? 19   THR B O   1 
ATOM   329  C CB  . THR B 2 4   ? -8.727  11.567  12.548  1.00 33.26 ? 19   THR B CB  1 
ATOM   330  O OG1 . THR B 2 4   ? -8.870  12.535  13.605  1.00 36.97 ? 19   THR B OG1 1 
ATOM   331  C CG2 . THR B 2 4   ? -10.137 11.117  12.096  1.00 34.37 ? 19   THR B CG2 1 
ATOM   332  N N   . THR B 2 5   ? -8.603  8.168   12.247  1.00 28.58 ? 20   THR B N   1 
ATOM   333  C CA  . THR B 2 5   ? -8.625  7.003   11.367  1.00 27.64 ? 20   THR B CA  1 
ATOM   334  C C   . THR B 2 5   ? -9.039  7.398   9.958   1.00 26.54 ? 20   THR B C   1 
ATOM   335  O O   . THR B 2 5   ? -10.005 8.145   9.759   1.00 26.09 ? 20   THR B O   1 
ATOM   336  C CB  . THR B 2 5   ? -9.576  5.911   11.900  1.00 27.63 ? 20   THR B CB  1 
ATOM   337  O OG1 . THR B 2 5   ? -9.141  5.511   13.205  1.00 29.79 ? 20   THR B OG1 1 
ATOM   338  C CG2 . THR B 2 5   ? -9.628  4.686   10.963  1.00 28.26 ? 20   THR B CG2 1 
ATOM   339  N N   . GLY B 2 6   ? -8.297  6.898   8.983   1.00 24.89 ? 21   GLY B N   1 
ATOM   340  C CA  . GLY B 2 6   ? -8.668  7.145   7.599   1.00 24.27 ? 21   GLY B CA  1 
ATOM   341  C C   . GLY B 2 6   ? -7.516  7.001   6.634   1.00 23.94 ? 21   GLY B C   1 
ATOM   342  O O   . GLY B 2 6   ? -6.425  6.514   6.993   1.00 23.58 ? 21   GLY B O   1 
ATOM   343  N N   . VAL B 2 7   ? -7.787  7.420   5.398   1.00 22.66 ? 22   VAL B N   1 
ATOM   344  C CA  . VAL B 2 7   ? -6.831  7.383   4.294   1.00 22.46 ? 22   VAL B CA  1 
ATOM   345  C C   . VAL B 2 7   ? -6.170  8.768   4.145   1.00 22.78 ? 22   VAL B C   1 
ATOM   346  O O   . VAL B 2 7   ? -6.858  9.803   4.163   1.00 22.93 ? 22   VAL B O   1 
ATOM   347  C CB  . VAL B 2 7   ? -7.532  7.016   2.974   1.00 23.31 ? 22   VAL B CB  1 
ATOM   348  C CG1 . VAL B 2 7   ? -6.525  6.895   1.828   1.00 23.02 ? 22   VAL B CG1 1 
ATOM   349  C CG2 . VAL B 2 7   ? -8.343  5.707   3.105   1.00 24.12 ? 22   VAL B CG2 1 
ATOM   350  N N   . TYR B 2 8   ? -4.838  8.768   3.984   1.00 22.13 ? 23   TYR B N   1 
ATOM   351  C CA  . TYR B 2 8   ? -4.046  9.991   3.966   1.00 22.93 ? 23   TYR B CA  1 
ATOM   352  C C   . TYR B 2 8   ? -3.160  10.087  2.744   1.00 23.11 ? 23   TYR B C   1 
ATOM   353  O O   . TYR B 2 8   ? -2.688  9.073   2.214   1.00 23.17 ? 23   TYR B O   1 
ATOM   354  C CB  . TYR B 2 8   ? -3.117  10.063  5.193   1.00 23.94 ? 23   TYR B CB  1 
ATOM   355  C CG  . TYR B 2 8   ? -3.831  10.355  6.476   1.00 22.99 ? 23   TYR B CG  1 
ATOM   356  C CD1 . TYR B 2 8   ? -4.690  9.404   7.059   1.00 23.56 ? 23   TYR B CD1 1 
ATOM   357  C CD2 . TYR B 2 8   ? -3.669  11.586  7.107   1.00 23.18 ? 23   TYR B CD2 1 
ATOM   358  C CE1 . TYR B 2 8   ? -5.361  9.686   8.228   1.00 23.44 ? 23   TYR B CE1 1 
ATOM   359  C CE2 . TYR B 2 8   ? -4.339  11.874  8.280   1.00 23.65 ? 23   TYR B CE2 1 
ATOM   360  C CZ  . TYR B 2 8   ? -5.170  10.928  8.832   1.00 24.67 ? 23   TYR B CZ  1 
ATOM   361  O OH  . TYR B 2 8   ? -5.825  11.220  10.003  1.00 25.93 ? 23   TYR B OH  1 
ATOM   362  N N   . ARG B 2 9   ? -2.912  11.324  2.325   1.00 22.81 ? 24   ARG B N   1 
ATOM   363  C CA  . ARG B 2 9   ? -1.871  11.609  1.326   1.00 23.19 ? 24   ARG B CA  1 
ATOM   364  C C   . ARG B 2 9   ? -0.606  11.979  2.087   1.00 24.03 ? 24   ARG B C   1 
ATOM   365  O O   . ARG B 2 9   ? -0.682  12.664  3.112   1.00 25.63 ? 24   ARG B O   1 
ATOM   366  C CB  . ARG B 2 9   ? -2.278  12.817  0.461   1.00 23.45 ? 24   ARG B CB  1 
ATOM   367  C CG  . ARG B 2 9   ? -3.548  12.555  -0.331  1.00 25.14 ? 24   ARG B CG  1 
ATOM   368  C CD  . ARG B 2 9   ? -3.999  13.782  -1.112  1.00 26.84 ? 24   ARG B CD  1 
ATOM   369  N NE  . ARG B 2 9   ? -5.366  13.552  -1.555  1.00 28.36 ? 24   ARG B NE  1 
ATOM   370  C CZ  . ARG B 2 9   ? -5.706  13.015  -2.734  1.00 29.24 ? 24   ARG B CZ  1 
ATOM   371  N NH1 . ARG B 2 9   ? -4.777  12.717  -3.662  1.00 25.45 ? 24   ARG B NH1 1 
ATOM   372  N NH2 . ARG B 2 9   ? -7.002  12.820  -3.009  1.00 28.56 ? 24   ARG B NH2 1 
ATOM   373  N N   . ILE B 2 10  ? 0.535   11.512  1.595   1.00 23.47 ? 25   ILE B N   1 
ATOM   374  C CA  . ILE B 2 10  ? 1.847   11.934  2.111   1.00 24.06 ? 25   ILE B CA  1 
ATOM   375  C C   . ILE B 2 10  ? 2.387   12.989  1.168   1.00 25.14 ? 25   ILE B C   1 
ATOM   376  O O   . ILE B 2 10  ? 2.612   12.721  -0.023  1.00 24.78 ? 25   ILE B O   1 
ATOM   377  C CB  . ILE B 2 10  ? 2.843   10.763  2.194   1.00 23.92 ? 25   ILE B CB  1 
ATOM   378  C CG1 . ILE B 2 10  ? 2.332   9.670   3.124   1.00 23.68 ? 25   ILE B CG1 1 
ATOM   379  C CG2 . ILE B 2 10  ? 4.240   11.286  2.646   1.00 23.69 ? 25   ILE B CG2 1 
ATOM   380  C CD1 . ILE B 2 10  ? 3.156   8.357   3.025   1.00 24.52 ? 25   ILE B CD1 1 
ATOM   381  N N   . MET B 2 11  ? 2.589   14.190  1.713   1.00 25.70 ? 26   MET B N   1 
ATOM   382  C CA  . MET B 2 11  ? 3.005   15.353  0.932   1.00 27.49 ? 26   MET B CA  1 
ATOM   383  C C   . MET B 2 11  ? 4.432   15.779  1.267   1.00 28.48 ? 26   MET B C   1 
ATOM   384  O O   . MET B 2 11  ? 4.929   15.529  2.362   1.00 28.39 ? 26   MET B O   1 
ATOM   385  C CB  . MET B 2 11  ? 2.067   16.536  1.200   1.00 28.14 ? 26   MET B CB  1 
ATOM   386  C CG  . MET B 2 11  ? 0.579   16.237  1.016   1.00 30.65 ? 26   MET B CG  1 
ATOM   387  S SD  . MET B 2 11  ? 0.147   15.830  -0.696  1.00 32.96 ? 26   MET B SD  1 
ATOM   388  C CE  . MET B 2 11  ? 0.363   17.425  -1.492  1.00 35.92 ? 26   MET B CE  1 
ATOM   389  N N   . THR B 2 12  ? 5.075   16.426  0.301   1.00 28.86 ? 27   THR B N   1 
ATOM   390  C CA  . THR B 2 12  ? 6.399   17.016  0.495   1.00 30.09 ? 27   THR B CA  1 
ATOM   391  C C   . THR B 2 12  ? 6.528   18.214  -0.438  1.00 29.81 ? 27   THR B C   1 
ATOM   392  O O   . THR B 2 12  ? 5.523   18.686  -0.978  1.00 29.35 ? 27   THR B O   1 
ATOM   393  C CB  . THR B 2 12  ? 7.538   15.981  0.255   1.00 30.71 ? 27   THR B CB  1 
ATOM   394  O OG1 . THR B 2 12  ? 8.812   16.588  0.506   1.00 34.05 ? 27   THR B OG1 1 
ATOM   395  C CG2 . THR B 2 12  ? 7.504   15.460  -1.154  1.00 31.27 ? 27   THR B CG2 1 
ATOM   396  N N   . SER B 2 18  ? 4.141   22.240  -3.560  1.00 38.52 ? 33   SER B N   1 
ATOM   397  C CA  . SER B 2 18  ? 4.064   20.937  -2.879  1.00 38.18 ? 33   SER B CA  1 
ATOM   398  C C   . SER B 2 18  ? 3.558   19.816  -3.798  1.00 37.75 ? 33   SER B C   1 
ATOM   399  O O   . SER B 2 18  ? 2.821   20.081  -4.760  1.00 38.20 ? 33   SER B O   1 
ATOM   400  C CB  . SER B 2 18  ? 3.221   21.031  -1.598  1.00 38.93 ? 33   SER B CB  1 
ATOM   401  O OG  . SER B 2 18  ? 1.835   20.818  -1.833  1.00 41.45 ? 33   SER B OG  1 
ATOM   402  N N   . TYR B 2 19  ? 3.961   18.573  -3.502  1.00 35.43 ? 34   TYR B N   1 
ATOM   403  C CA  . TYR B 2 19  ? 3.552   17.420  -4.298  1.00 33.83 ? 34   TYR B CA  1 
ATOM   404  C C   . TYR B 2 19  ? 3.367   16.153  -3.457  1.00 31.91 ? 34   TYR B C   1 
ATOM   405  O O   . TYR B 2 19  ? 3.872   16.044  -2.340  1.00 31.01 ? 34   TYR B O   1 
ATOM   406  C CB  . TYR B 2 19  ? 4.520   17.163  -5.456  1.00 34.71 ? 34   TYR B CB  1 
ATOM   407  C CG  . TYR B 2 19  ? 5.845   16.558  -5.063  1.00 35.91 ? 34   TYR B CG  1 
ATOM   408  C CD1 . TYR B 2 19  ? 6.001   15.173  -5.013  1.00 36.11 ? 34   TYR B CD1 1 
ATOM   409  C CD2 . TYR B 2 19  ? 6.956   17.368  -4.771  1.00 37.29 ? 34   TYR B CD2 1 
ATOM   410  C CE1 . TYR B 2 19  ? 7.201   14.597  -4.658  1.00 37.95 ? 34   TYR B CE1 1 
ATOM   411  C CE2 . TYR B 2 19  ? 8.184   16.798  -4.422  1.00 38.16 ? 34   TYR B CE2 1 
ATOM   412  C CZ  . TYR B 2 19  ? 8.291   15.409  -4.364  1.00 37.68 ? 34   TYR B CZ  1 
ATOM   413  O OH  . TYR B 2 19  ? 9.482   14.798  -4.016  1.00 39.03 ? 34   TYR B OH  1 
ATOM   414  N N   . GLN B 2 20  ? 2.644   15.202  -4.027  1.00 29.65 ? 35   GLN B N   1 
ATOM   415  C CA  . GLN B 2 20  ? 2.272   13.988  -3.305  1.00 27.63 ? 35   GLN B CA  1 
ATOM   416  C C   . GLN B 2 20  ? 3.318   12.899  -3.494  1.00 27.20 ? 35   GLN B C   1 
ATOM   417  O O   . GLN B 2 20  ? 3.532   12.399  -4.612  1.00 28.32 ? 35   GLN B O   1 
ATOM   418  C CB  . GLN B 2 20  ? 0.892   13.507  -3.746  1.00 26.63 ? 35   GLN B CB  1 
ATOM   419  C CG  . GLN B 2 20  ? 0.405   12.313  -2.925  1.00 25.09 ? 35   GLN B CG  1 
ATOM   420  C CD  . GLN B 2 20  ? -0.975  11.849  -3.335  1.00 24.91 ? 35   GLN B CD  1 
ATOM   421  O OE1 . GLN B 2 20  ? -1.902  12.662  -3.489  1.00 25.94 ? 35   GLN B OE1 1 
ATOM   422  N NE2 . GLN B 2 20  ? -1.129  10.544  -3.490  1.00 24.45 ? 35   GLN B NE2 1 
ATOM   423  N N   . ALA B 2 21  ? 3.956   12.518  -2.392  1.00 26.81 ? 36   ALA B N   1 
ATOM   424  C CA  . ALA B 2 21  ? 5.021   11.513  -2.399  1.00 26.55 ? 36   ALA B CA  1 
ATOM   425  C C   . ALA B 2 21  ? 4.467   10.109  -2.265  1.00 25.86 ? 36   ALA B C   1 
ATOM   426  O O   . ALA B 2 21  ? 5.097   9.132   -2.680  1.00 27.19 ? 36   ALA B O   1 
ATOM   427  C CB  . ALA B 2 21  ? 5.995   11.784  -1.284  1.00 27.08 ? 36   ALA B CB  1 
ATOM   428  N N   . GLY B 2 22  ? 3.281   10.006  -1.680  1.00 24.90 ? 37   GLY B N   1 
ATOM   429  C CA  . GLY B 2 22  ? 2.689   8.696   -1.457  1.00 23.93 ? 37   GLY B CA  1 
ATOM   430  C C   . GLY B 2 22  ? 1.400   8.827   -0.681  1.00 23.86 ? 37   GLY B C   1 
ATOM   431  O O   . GLY B 2 22  ? 0.770   9.901   -0.659  1.00 23.98 ? 37   GLY B O   1 
ATOM   432  N N   . ALA B 2 23  ? 1.002   7.728   -0.058  1.00 22.99 ? 38   ALA B N   1 
ATOM   433  C CA  . ALA B 2 23  ? -0.232  7.657   0.718   1.00 23.58 ? 38   ALA B CA  1 
ATOM   434  C C   . ALA B 2 23  ? -0.062  6.673   1.873   1.00 23.96 ? 38   ALA B C   1 
ATOM   435  O O   . ALA B 2 23  ? 0.975   5.981   1.962   1.00 23.35 ? 38   ALA B O   1 
ATOM   436  C CB  . ALA B 2 23  ? -1.427  7.252   -0.185  1.00 23.77 ? 38   ALA B CB  1 
ATOM   437  N N   . GLY B 2 24  ? -1.072  6.591   2.725   1.00 23.79 ? 39   GLY B N   1 
ATOM   438  C CA  . GLY B 2 24  ? -1.065  5.592   3.800   1.00 23.08 ? 39   GLY B CA  1 
ATOM   439  C C   . GLY B 2 24  ? -2.366  5.602   4.555   1.00 23.96 ? 39   GLY B C   1 
ATOM   440  O O   . GLY B 2 24  ? -3.305  6.299   4.164   1.00 23.66 ? 39   GLY B O   1 
ATOM   441  N N   . VAL B 2 25  ? -2.426  4.850   5.645   1.00 23.51 ? 40   VAL B N   1 
ATOM   442  C CA  . VAL B 2 25  ? -3.651  4.820   6.448   1.00 24.31 ? 40   VAL B CA  1 
ATOM   443  C C   . VAL B 2 25  ? -3.350  4.983   7.920   1.00 24.58 ? 40   VAL B C   1 
ATOM   444  O O   . VAL B 2 25  ? -2.360  4.430   8.412   1.00 24.74 ? 40   VAL B O   1 
ATOM   445  C CB  . VAL B 2 25  ? -4.482  3.518   6.261   1.00 24.59 ? 40   VAL B CB  1 
ATOM   446  C CG1 . VAL B 2 25  ? -5.159  3.491   4.920   1.00 26.26 ? 40   VAL B CG1 1 
ATOM   447  C CG2 . VAL B 2 25  ? -3.617  2.227   6.496   1.00 24.45 ? 40   VAL B CG2 1 
ATOM   448  N N   . MET B 2 26  ? -4.204  5.750   8.601   1.00 24.10 ? 41   MET B N   1 
ATOM   449  C CA  . MET B 2 26  ? -4.187  5.833   10.057  1.00 25.03 ? 41   MET B CA  1 
ATOM   450  C C   . MET B 2 26  ? -5.211  4.845   10.584  1.00 25.01 ? 41   MET B C   1 
ATOM   451  O O   . MET B 2 26  ? -6.384  4.936   10.248  1.00 24.52 ? 41   MET B O   1 
ATOM   452  C CB  . MET B 2 26  ? -4.568  7.243   10.518  1.00 25.12 ? 41   MET B CB  1 
ATOM   453  C CG  . MET B 2 26  ? -4.361  7.498   12.005  1.00 27.76 ? 41   MET B CG  1 
ATOM   454  S SD  . MET B 2 26  ? -2.606  7.778   12.344  1.00 31.07 ? 41   MET B SD  1 
ATOM   455  C CE  . MET B 2 26  ? -2.363  9.409   11.640  1.00 31.72 ? 41   MET B CE  1 
ATOM   456  N N   . VAL B 2 27  ? -4.759  3.904   11.410  1.00 25.24 ? 42   VAL B N   1 
ATOM   457  C CA  . VAL B 2 27  ? -5.650  2.928   12.044  1.00 25.74 ? 42   VAL B CA  1 
ATOM   458  C C   . VAL B 2 27  ? -5.199  2.765   13.496  1.00 26.61 ? 42   VAL B C   1 
ATOM   459  O O   . VAL B 2 27  ? -4.010  2.556   13.748  1.00 26.13 ? 42   VAL B O   1 
ATOM   460  C CB  . VAL B 2 27  ? -5.604  1.569   11.304  1.00 25.37 ? 42   VAL B CB  1 
ATOM   461  C CG1 . VAL B 2 27  ? -6.361  0.477   12.092  1.00 25.70 ? 42   VAL B CG1 1 
ATOM   462  C CG2 . VAL B 2 27  ? -6.157  1.714   9.873   1.00 25.23 ? 42   VAL B CG2 1 
ATOM   463  N N   . GLU B 2 28  ? -6.143  2.878   14.435  1.00 26.87 ? 43   GLU B N   1 
ATOM   464  C CA  . GLU B 2 28  ? -5.854  2.720   15.876  1.00 28.28 ? 43   GLU B CA  1 
ATOM   465  C C   . GLU B 2 28  ? -4.673  3.592   16.324  1.00 27.90 ? 43   GLU B C   1 
ATOM   466  O O   . GLU B 2 28  ? -3.813  3.163   17.120  1.00 28.85 ? 43   GLU B O   1 
ATOM   467  C CB  . GLU B 2 28  ? -5.634  1.240   16.223  1.00 27.79 ? 43   GLU B CB  1 
ATOM   468  C CG  . GLU B 2 28  ? -6.910  0.393   16.142  1.00 30.53 ? 43   GLU B CG  1 
ATOM   469  C CD  . GLU B 2 28  ? -6.679  -1.097  16.389  1.00 30.82 ? 43   GLU B CD  1 
ATOM   470  O OE1 . GLU B 2 28  ? -6.228  -1.479  17.493  1.00 37.34 ? 43   GLU B OE1 1 
ATOM   471  O OE2 . GLU B 2 28  ? -6.967  -1.899  15.478  1.00 36.92 ? 43   GLU B OE2 1 
ATOM   472  N N   . GLY B 2 29  ? -4.647  4.816   15.798  1.00 27.23 ? 44   GLY B N   1 
ATOM   473  C CA  . GLY B 2 29  ? -3.667  5.840   16.154  1.00 26.92 ? 44   GLY B CA  1 
ATOM   474  C C   . GLY B 2 29  ? -2.263  5.636   15.610  1.00 26.31 ? 44   GLY B C   1 
ATOM   475  O O   . GLY B 2 29  ? -1.306  6.271   16.081  1.00 27.43 ? 44   GLY B O   1 
ATOM   476  N N   . VAL B 2 30  ? -2.129  4.744   14.637  1.00 25.63 ? 45   VAL B N   1 
ATOM   477  C CA  . VAL B 2 30  ? -0.835  4.472   14.012  1.00 24.47 ? 45   VAL B CA  1 
ATOM   478  C C   . VAL B 2 30  ? -0.926  4.724   12.498  1.00 24.79 ? 45   VAL B C   1 
ATOM   479  O O   . VAL B 2 30  ? -1.898  4.309   11.840  1.00 23.62 ? 45   VAL B O   1 
ATOM   480  C CB  . VAL B 2 30  ? -0.338  3.029   14.335  1.00 24.97 ? 45   VAL B CB  1 
ATOM   481  C CG1 . VAL B 2 30  ? 0.880   2.662   13.509  1.00 24.21 ? 45   VAL B CG1 1 
ATOM   482  C CG2 . VAL B 2 30  ? -0.041  2.899   15.818  1.00 23.29 ? 45   VAL B CG2 1 
ATOM   483  N N   . PHE B 2 31  ? 0.081   5.412   11.965  1.00 24.59 ? 46   PHE B N   1 
ATOM   484  C CA  . PHE B 2 31  ? 0.126   5.696   10.538  1.00 24.17 ? 46   PHE B CA  1 
ATOM   485  C C   . PHE B 2 31  ? 0.974   4.653   9.811   1.00 24.29 ? 46   PHE B C   1 
ATOM   486  O O   . PHE B 2 31  ? 2.127   4.426   10.166  1.00 24.36 ? 46   PHE B O   1 
ATOM   487  C CB  . PHE B 2 31  ? 0.606   7.124   10.231  1.00 24.65 ? 46   PHE B CB  1 
ATOM   488  C CG  . PHE B 2 31  ? 0.544   7.455   8.773   1.00 24.24 ? 46   PHE B CG  1 
ATOM   489  C CD1 . PHE B 2 31  ? -0.696  7.580   8.129   1.00 25.54 ? 46   PHE B CD1 1 
ATOM   490  C CD2 . PHE B 2 31  ? 1.715   7.575   8.014   1.00 24.62 ? 46   PHE B CD2 1 
ATOM   491  C CE1 . PHE B 2 31  ? -0.773  7.841   6.761   1.00 24.59 ? 46   PHE B CE1 1 
ATOM   492  C CE2 . PHE B 2 31  ? 1.641   7.852   6.646   1.00 26.18 ? 46   PHE B CE2 1 
ATOM   493  C CZ  . PHE B 2 31  ? 0.386   7.996   6.030   1.00 23.86 ? 46   PHE B CZ  1 
ATOM   494  N N   . HIS B 2 32  ? 0.395   4.047   8.779   1.00 23.97 ? 47   HIS B N   1 
ATOM   495  C CA  . HIS B 2 32  ? 1.007   2.927   8.086   1.00 24.23 ? 47   HIS B CA  1 
ATOM   496  C C   . HIS B 2 32  ? 1.258   3.283   6.630   1.00 24.10 ? 47   HIS B C   1 
ATOM   497  O O   . HIS B 2 32  ? 0.362   3.797   5.953   1.00 23.64 ? 47   HIS B O   1 
ATOM   498  C CB  . HIS B 2 32  ? 0.041   1.725   8.093   1.00 23.32 ? 47   HIS B CB  1 
ATOM   499  C CG  . HIS B 2 32  ? -0.379  1.268   9.460   1.00 24.44 ? 47   HIS B CG  1 
ATOM   500  N ND1 . HIS B 2 32  ? -1.355  1.904   10.197  1.00 24.56 ? 47   HIS B ND1 1 
ATOM   501  C CD2 . HIS B 2 32  ? 0.006   0.197   10.195  1.00 25.16 ? 47   HIS B CD2 1 
ATOM   502  C CE1 . HIS B 2 32  ? -1.533  1.263   11.338  1.00 23.70 ? 47   HIS B CE1 1 
ATOM   503  N NE2 . HIS B 2 32  ? -0.722  0.218   11.360  1.00 24.21 ? 47   HIS B NE2 1 
ATOM   504  N N   . THR B 2 33  ? 2.469   3.015   6.144   1.00 23.34 ? 48   THR B N   1 
ATOM   505  C CA  . THR B 2 33  ? 2.805   3.260   4.732   1.00 23.51 ? 48   THR B CA  1 
ATOM   506  C C   . THR B 2 33  ? 3.883   2.267   4.267   1.00 24.28 ? 48   THR B C   1 
ATOM   507  O O   . THR B 2 33  ? 4.271   1.362   5.017   1.00 24.04 ? 48   THR B O   1 
ATOM   508  C CB  . THR B 2 33  ? 3.214   4.759   4.473   1.00 23.97 ? 48   THR B CB  1 
ATOM   509  O OG1 . THR B 2 33  ? 3.315   4.993   3.060   1.00 23.69 ? 48   THR B OG1 1 
ATOM   510  C CG2 . THR B 2 33  ? 4.550   5.118   5.159   1.00 23.12 ? 48   THR B CG2 1 
ATOM   511  N N   . LEU B 2 34  ? 4.311   2.400   3.020   1.00 24.46 ? 49   LEU B N   1 
ATOM   512  C CA  . LEU B 2 34  ? 5.479   1.660   2.560   1.00 24.82 ? 49   LEU B CA  1 
ATOM   513  C C   . LEU B 2 34  ? 6.738   2.413   2.985   1.00 23.96 ? 49   LEU B C   1 
ATOM   514  O O   . LEU B 2 34  ? 6.772   3.651   3.003   1.00 24.46 ? 49   LEU B O   1 
ATOM   515  C CB  . LEU B 2 34  ? 5.448   1.461   1.040   1.00 25.55 ? 49   LEU B CB  1 
ATOM   516  C CG  . LEU B 2 34  ? 4.249   0.686   0.469   1.00 26.40 ? 49   LEU B CG  1 
ATOM   517  C CD1 . LEU B 2 34  ? 4.498   0.379   -1.001  1.00 28.89 ? 49   LEU B CD1 1 
ATOM   518  C CD2 . LEU B 2 34  ? 4.044   -0.597  1.251   1.00 29.17 ? 49   LEU B CD2 1 
ATOM   519  N N   . TRP B 2 35  ? 7.783   1.660   3.322   1.00 24.01 ? 50   TRP B N   1 
ATOM   520  C CA  . TRP B 2 35  ? 9.026   2.281   3.757   1.00 24.87 ? 50   TRP B CA  1 
ATOM   521  C C   . TRP B 2 35  ? 9.500   3.315   2.734   1.00 24.90 ? 50   TRP B C   1 
ATOM   522  O O   . TRP B 2 35  ? 9.929   4.428   3.096   1.00 25.30 ? 50   TRP B O   1 
ATOM   523  C CB  . TRP B 2 35  ? 10.109  1.218   3.995   1.00 25.35 ? 50   TRP B CB  1 
ATOM   524  C CG  . TRP B 2 35  ? 11.485  1.826   4.184   1.00 26.47 ? 50   TRP B CG  1 
ATOM   525  C CD1 . TRP B 2 35  ? 12.449  1.972   3.225   1.00 27.27 ? 50   TRP B CD1 1 
ATOM   526  C CD2 . TRP B 2 35  ? 12.030  2.388   5.386   1.00 27.77 ? 50   TRP B CD2 1 
ATOM   527  N NE1 . TRP B 2 35  ? 13.560  2.579   3.759   1.00 28.71 ? 50   TRP B NE1 1 
ATOM   528  C CE2 . TRP B 2 35  ? 13.327  2.854   5.081   1.00 28.49 ? 50   TRP B CE2 1 
ATOM   529  C CE3 . TRP B 2 35  ? 11.541  2.560   6.689   1.00 29.30 ? 50   TRP B CE3 1 
ATOM   530  C CZ2 . TRP B 2 35  ? 14.162  3.456   6.042   1.00 28.96 ? 50   TRP B CZ2 1 
ATOM   531  C CZ3 . TRP B 2 35  ? 12.365  3.167   7.649   1.00 28.35 ? 50   TRP B CZ3 1 
ATOM   532  C CH2 . TRP B 2 35  ? 13.663  3.613   7.316   1.00 27.76 ? 50   TRP B CH2 1 
ATOM   533  N N   . HIS B 2 36  ? 9.448   2.942   1.457   1.00 24.55 ? 51   HIS B N   1 
ATOM   534  C CA  . HIS B 2 36  ? 10.076  3.750   0.408   1.00 24.94 ? 51   HIS B CA  1 
ATOM   535  C C   . HIS B 2 36  ? 9.431   5.114   0.113   1.00 25.70 ? 51   HIS B C   1 
ATOM   536  O O   . HIS B 2 36  ? 10.059  5.944   -0.555  1.00 26.30 ? 51   HIS B O   1 
ATOM   537  C CB  . HIS B 2 36  ? 10.272  2.940   -0.881  1.00 25.47 ? 51   HIS B CB  1 
ATOM   538  C CG  . HIS B 2 36  ? 9.043   2.851   -1.730  1.00 26.39 ? 51   HIS B CG  1 
ATOM   539  N ND1 . HIS B 2 36  ? 8.223   1.746   -1.732  1.00 26.45 ? 51   HIS B ND1 1 
ATOM   540  C CD2 . HIS B 2 36  ? 8.510   3.716   -2.627  1.00 26.17 ? 51   HIS B CD2 1 
ATOM   541  C CE1 . HIS B 2 36  ? 7.229   1.937   -2.581  1.00 25.64 ? 51   HIS B CE1 1 
ATOM   542  N NE2 . HIS B 2 36  ? 7.378   3.127   -3.136  1.00 26.45 ? 51   HIS B NE2 1 
ATOM   543  N N   . THR B 2 37  ? 8.209   5.347   0.613   1.00 25.65 ? 52   THR B N   1 
ATOM   544  C CA  . THR B 2 37  ? 7.538   6.628   0.391   1.00 25.94 ? 52   THR B CA  1 
ATOM   545  C C   . THR B 2 37  ? 8.189   7.761   1.188   1.00 26.22 ? 52   THR B C   1 
ATOM   546  O O   . THR B 2 37  ? 8.224   8.886   0.716   1.00 27.41 ? 52   THR B O   1 
ATOM   547  C CB  . THR B 2 37  ? 6.046   6.626   0.720   1.00 25.66 ? 52   THR B CB  1 
ATOM   548  O OG1 . THR B 2 37  ? 5.862   6.396   2.116   1.00 25.89 ? 52   THR B OG1 1 
ATOM   549  C CG2 . THR B 2 37  ? 5.305   5.551   -0.087  1.00 25.17 ? 52   THR B CG2 1 
ATOM   550  N N   . THR B 2 38  ? 8.697   7.457   2.384   1.00 26.21 ? 53   THR B N   1 
ATOM   551  C CA  . THR B 2 38  ? 9.302   8.495   3.241   1.00 25.76 ? 53   THR B CA  1 
ATOM   552  C C   . THR B 2 38  ? 10.755  8.202   3.610   1.00 26.35 ? 53   THR B C   1 
ATOM   553  O O   . THR B 2 38  ? 11.498  9.116   4.003   1.00 26.21 ? 53   THR B O   1 
ATOM   554  C CB  . THR B 2 38  ? 8.564   8.638   4.579   1.00 25.85 ? 53   THR B CB  1 
ATOM   555  O OG1 . THR B 2 38  ? 8.739   7.430   5.326   1.00 23.65 ? 53   THR B OG1 1 
ATOM   556  C CG2 . THR B 2 38  ? 7.061   8.918   4.377   1.00 25.18 ? 53   THR B CG2 1 
ATOM   557  N N   . LYS B 2 39  ? 11.138  6.923   3.531   1.00 26.66 ? 54   LYS B N   1 
ATOM   558  C CA  . LYS B 2 39  ? 12.453  6.452   4.011   1.00 28.31 ? 54   LYS B CA  1 
ATOM   559  C C   . LYS B 2 39  ? 12.685  6.798   5.491   1.00 27.00 ? 54   LYS B C   1 
ATOM   560  O O   . LYS B 2 39  ? 13.828  7.005   5.930   1.00 27.71 ? 54   LYS B O   1 
ATOM   561  C CB  . LYS B 2 39  ? 13.587  6.955   3.102   1.00 28.53 ? 54   LYS B CB  1 
ATOM   562  C CG  . LYS B 2 39  ? 13.449  6.457   1.650   1.00 31.32 ? 54   LYS B CG  1 
ATOM   563  C CD  . LYS B 2 39  ? 14.643  6.883   0.789   1.00 32.23 ? 54   LYS B CD  1 
ATOM   564  C CE  . LYS B 2 39  ? 14.456  6.387   -0.650  1.00 37.73 ? 54   LYS B CE  1 
ATOM   565  N NZ  . LYS B 2 39  ? 15.707  6.495   -1.466  1.00 40.87 ? 54   LYS B NZ  1 
ATOM   566  N N   . GLY B 2 40  ? 11.591  6.831   6.252   1.00 26.48 ? 55   GLY B N   1 
ATOM   567  C CA  . GLY B 2 40  ? 11.640  7.040   7.696   1.00 25.89 ? 55   GLY B CA  1 
ATOM   568  C C   . GLY B 2 40  ? 11.696  8.498   8.127   1.00 25.52 ? 55   GLY B C   1 
ATOM   569  O O   . GLY B 2 40  ? 11.869  8.792   9.311   1.00 25.19 ? 55   GLY B O   1 
ATOM   570  N N   . ALA B 2 41  ? 11.539  9.413   7.174   1.00 25.18 ? 56   ALA B N   1 
ATOM   571  C CA  . ALA B 2 41  ? 11.448  10.837  7.517   1.00 25.68 ? 56   ALA B CA  1 
ATOM   572  C C   . ALA B 2 41  ? 10.231  11.063  8.413   1.00 25.45 ? 56   ALA B C   1 
ATOM   573  O O   . ALA B 2 41  ? 9.199   10.403  8.261   1.00 25.43 ? 56   ALA B O   1 
ATOM   574  C CB  . ALA B 2 41  ? 11.369  11.697  6.258   1.00 25.72 ? 56   ALA B CB  1 
ATOM   575  N N   . ALA B 2 42  ? 10.376  11.963  9.379   1.00 24.65 ? 57   ALA B N   1 
ATOM   576  C CA  . ALA B 2 42  ? 9.268   12.329  10.260  1.00 24.98 ? 57   ALA B CA  1 
ATOM   577  C C   . ALA B 2 42  ? 8.144   12.953  9.441   1.00 25.18 ? 57   ALA B C   1 
ATOM   578  O O   . ALA B 2 42  ? 8.367   13.457  8.341   1.00 25.45 ? 57   ALA B O   1 
ATOM   579  C CB  . ALA B 2 42  ? 9.733   13.290  11.338  1.00 24.64 ? 57   ALA B CB  1 
ATOM   580  N N   . LEU B 2 43  ? 6.932   12.895  9.970   1.00 26.12 ? 58   LEU B N   1 
ATOM   581  C CA  . LEU B 2 43  ? 5.771   13.426  9.258   1.00 26.31 ? 58   LEU B CA  1 
ATOM   582  C C   . LEU B 2 43  ? 5.022   14.419  10.134  1.00 27.13 ? 58   LEU B C   1 
ATOM   583  O O   . LEU B 2 43  ? 4.617   14.075  11.240  1.00 27.85 ? 58   LEU B O   1 
ATOM   584  C CB  . LEU B 2 43  ? 4.832   12.286  8.872   1.00 26.16 ? 58   LEU B CB  1 
ATOM   585  C CG  . LEU B 2 43  ? 5.371   11.258  7.876   1.00 26.07 ? 58   LEU B CG  1 
ATOM   586  C CD1 . LEU B 2 43  ? 4.453   10.019  7.813   1.00 26.97 ? 58   LEU B CD1 1 
ATOM   587  C CD2 . LEU B 2 43  ? 5.560   11.861  6.497   1.00 27.59 ? 58   LEU B CD2 1 
ATOM   588  N N   . MET B 2 44  ? 4.865   15.656  9.664   1.00 27.72 ? 59   MET B N   1 
ATOM   589  C CA  . MET B 2 44  ? 4.030   16.616  10.384  1.00 29.32 ? 59   MET B CA  1 
ATOM   590  C C   . MET B 2 44  ? 2.575   16.217  10.171  1.00 29.83 ? 59   MET B C   1 
ATOM   591  O O   . MET B 2 44  ? 2.223   15.730  9.100   1.00 28.81 ? 59   MET B O   1 
ATOM   592  C CB  . MET B 2 44  ? 4.269   18.044  9.886   1.00 29.51 ? 59   MET B CB  1 
ATOM   593  C CG  . MET B 2 44  ? 5.654   18.605  10.194  1.00 33.38 ? 59   MET B CG  1 
ATOM   594  S SD  . MET B 2 44  ? 6.163   18.412  11.920  1.00 40.16 ? 59   MET B SD  1 
ATOM   595  C CE  . MET B 2 44  ? 4.830   19.230  12.787  1.00 37.88 ? 59   MET B CE  1 
ATOM   596  N N   . SER B 2 45  ? 1.751   16.388  11.200  1.00 31.30 ? 60   SER B N   1 
ATOM   597  C CA  . SER B 2 45  ? 0.318   16.082  11.118  1.00 33.90 ? 60   SER B CA  1 
ATOM   598  C C   . SER B 2 45  ? -0.472  17.098  11.945  1.00 35.24 ? 60   SER B C   1 
ATOM   599  O O   . SER B 2 45  ? 0.111   17.885  12.687  1.00 35.54 ? 60   SER B O   1 
ATOM   600  C CB  . SER B 2 45  ? 0.019   14.656  11.595  1.00 33.75 ? 60   SER B CB  1 
ATOM   601  O OG  . SER B 2 45  ? -0.041  14.573  13.011  1.00 35.47 ? 60   SER B OG  1 
ATOM   602  N N   . GLY B 2 46  ? -1.796  17.070  11.808  1.00 37.38 ? 61   GLY B N   1 
ATOM   603  C CA  . GLY B 2 46  ? -2.671  17.926  12.609  1.00 39.33 ? 61   GLY B CA  1 
ATOM   604  C C   . GLY B 2 46  ? -2.543  17.695  14.107  1.00 40.65 ? 61   GLY B C   1 
ATOM   605  O O   . GLY B 2 46  ? -2.920  18.555  14.909  1.00 41.57 ? 61   GLY B O   1 
ATOM   606  N N   . GLU B 2 47  ? -2.003  16.540  14.486  1.00 41.36 ? 62   GLU B N   1 
ATOM   607  C CA  . GLU B 2 47  ? -1.793  16.197  15.896  1.00 42.20 ? 62   GLU B CA  1 
ATOM   608  C C   . GLU B 2 47  ? -0.319  16.328  16.322  1.00 41.61 ? 62   GLU B C   1 
ATOM   609  O O   . GLU B 2 47  ? 0.096   15.761  17.344  1.00 42.21 ? 62   GLU B O   1 
ATOM   610  C CB  . GLU B 2 47  ? -2.322  14.781  16.180  1.00 42.85 ? 62   GLU B CB  1 
ATOM   611  C CG  . GLU B 2 47  ? -3.851  14.694  16.373  1.00 46.08 ? 62   GLU B CG  1 
ATOM   612  C CD  . GLU B 2 47  ? -4.654  14.815  15.074  1.00 49.95 ? 62   GLU B CD  1 
ATOM   613  O OE1 . GLU B 2 47  ? -4.128  14.464  13.988  1.00 51.95 ? 62   GLU B OE1 1 
ATOM   614  O OE2 . GLU B 2 47  ? -5.829  15.249  15.147  1.00 52.16 ? 62   GLU B OE2 1 
ATOM   615  N N   . GLY B 2 48  ? 0.456   17.089  15.547  1.00 40.40 ? 63   GLY B N   1 
ATOM   616  C CA  . GLY B 2 48  ? 1.894   17.250  15.784  1.00 38.34 ? 63   GLY B CA  1 
ATOM   617  C C   . GLY B 2 48  ? 2.751   16.330  14.925  1.00 37.04 ? 63   GLY B C   1 
ATOM   618  O O   . GLY B 2 48  ? 2.240   15.621  14.045  1.00 37.14 ? 63   GLY B O   1 
ATOM   619  N N   . ARG B 2 49  ? 4.053   16.330  15.186  1.00 35.43 ? 64   ARG B N   1 
ATOM   620  C CA  . ARG B 2 49  ? 4.998   15.501  14.436  1.00 33.99 ? 64   ARG B CA  1 
ATOM   621  C C   . ARG B 2 49  ? 4.887   14.015  14.795  1.00 32.89 ? 64   ARG B C   1 
ATOM   622  O O   . ARG B 2 49  ? 4.831   13.651  15.974  1.00 33.19 ? 64   ARG B O   1 
ATOM   623  C CB  . ARG B 2 49  ? 6.435   15.984  14.664  1.00 34.39 ? 64   ARG B CB  1 
ATOM   624  C CG  . ARG B 2 49  ? 7.423   15.469  13.623  1.00 36.12 ? 64   ARG B CG  1 
ATOM   625  C CD  . ARG B 2 49  ? 8.822   15.994  13.857  1.00 38.69 ? 64   ARG B CD  1 
ATOM   626  N NE  . ARG B 2 49  ? 9.536   15.203  14.857  1.00 40.70 ? 64   ARG B NE  1 
ATOM   627  C CZ  . ARG B 2 49  ? 10.617  15.607  15.523  1.00 42.20 ? 64   ARG B CZ  1 
ATOM   628  N NH1 . ARG B 2 49  ? 11.139  16.813  15.319  1.00 42.40 ? 64   ARG B NH1 1 
ATOM   629  N NH2 . ARG B 2 49  ? 11.177  14.796  16.410  1.00 43.07 ? 64   ARG B NH2 1 
ATOM   630  N N   . LEU B 2 50  ? 4.864   13.169  13.767  1.00 30.74 ? 65   LEU B N   1 
ATOM   631  C CA  . LEU B 2 50  ? 4.854   11.728  13.938  1.00 29.39 ? 65   LEU B CA  1 
ATOM   632  C C   . LEU B 2 50  ? 6.234   11.189  13.623  1.00 28.53 ? 65   LEU B C   1 
ATOM   633  O O   . LEU B 2 50  ? 6.821   11.539  12.603  1.00 27.91 ? 65   LEU B O   1 
ATOM   634  C CB  . LEU B 2 50  ? 3.841   11.082  12.989  1.00 29.03 ? 65   LEU B CB  1 
ATOM   635  C CG  . LEU B 2 50  ? 2.390   11.556  13.076  1.00 30.97 ? 65   LEU B CG  1 
ATOM   636  C CD1 . LEU B 2 50  ? 1.536   10.672  12.203  1.00 29.91 ? 65   LEU B CD1 1 
ATOM   637  C CD2 . LEU B 2 50  ? 1.875   11.574  14.533  1.00 32.46 ? 65   LEU B CD2 1 
ATOM   638  N N   . ASP B 2 51  ? 6.739   10.327  14.499  1.00 28.55 ? 66   ASP B N   1 
ATOM   639  C CA  . ASP B 2 51  ? 8.056   9.730   14.324  1.00 28.32 ? 66   ASP B CA  1 
ATOM   640  C C   . ASP B 2 51  ? 7.940   8.257   13.968  1.00 28.07 ? 66   ASP B C   1 
ATOM   641  O O   . ASP B 2 51  ? 7.044   7.566   14.459  1.00 28.13 ? 66   ASP B O   1 
ATOM   642  C CB  . ASP B 2 51  ? 8.884   9.901   15.599  1.00 28.62 ? 66   ASP B CB  1 
ATOM   643  C CG  . ASP B 2 51  ? 9.235   11.347  15.870  1.00 30.52 ? 66   ASP B CG  1 
ATOM   644  O OD1 . ASP B 2 51  ? 9.725   12.032  14.942  1.00 32.55 ? 66   ASP B OD1 1 
ATOM   645  O OD2 . ASP B 2 51  ? 9.021   11.806  17.014  1.00 32.65 ? 66   ASP B OD2 1 
ATOM   646  N N   . PRO B 2 52  ? 8.854   7.763   13.116  1.00 27.89 ? 67   PRO B N   1 
ATOM   647  C CA  . PRO B 2 52  ? 8.809   6.360   12.724  1.00 27.64 ? 67   PRO B CA  1 
ATOM   648  C C   . PRO B 2 52  ? 8.973   5.478   13.965  1.00 27.63 ? 67   PRO B C   1 
ATOM   649  O O   . PRO B 2 52  ? 9.844   5.753   14.809  1.00 26.78 ? 67   PRO B O   1 
ATOM   650  C CB  . PRO B 2 52  ? 9.991   6.232   11.761  1.00 27.59 ? 67   PRO B CB  1 
ATOM   651  C CG  . PRO B 2 52  ? 10.930  7.354   12.163  1.00 29.03 ? 67   PRO B CG  1 
ATOM   652  C CD  . PRO B 2 52  ? 10.004  8.472   12.516  1.00 28.11 ? 67   PRO B CD  1 
ATOM   653  N N   . TYR B 2 53  ? 8.103   4.479   14.105  1.00 27.39 ? 68   TYR B N   1 
ATOM   654  C CA  . TYR B 2 53  ? 8.106   3.604   15.277  1.00 27.90 ? 68   TYR B CA  1 
ATOM   655  C C   . TYR B 2 53  ? 8.776   2.267   14.950  1.00 28.17 ? 68   TYR B C   1 
ATOM   656  O O   . TYR B 2 53  ? 9.622   1.780   15.707  1.00 27.65 ? 68   TYR B O   1 
ATOM   657  C CB  . TYR B 2 53  ? 6.680   3.392   15.814  1.00 27.72 ? 68   TYR B CB  1 
ATOM   658  C CG  . TYR B 2 53  ? 6.615   2.574   17.094  1.00 28.34 ? 68   TYR B CG  1 
ATOM   659  C CD1 . TYR B 2 53  ? 6.642   3.191   18.349  1.00 29.03 ? 68   TYR B CD1 1 
ATOM   660  C CD2 . TYR B 2 53  ? 6.528   1.184   17.048  1.00 26.72 ? 68   TYR B CD2 1 
ATOM   661  C CE1 . TYR B 2 53  ? 6.588   2.429   19.524  1.00 29.05 ? 68   TYR B CE1 1 
ATOM   662  C CE2 . TYR B 2 53  ? 6.472   0.420   18.208  1.00 29.84 ? 68   TYR B CE2 1 
ATOM   663  C CZ  . TYR B 2 53  ? 6.498   1.046   19.436  1.00 28.59 ? 68   TYR B CZ  1 
ATOM   664  O OH  . TYR B 2 53  ? 6.437   0.283   20.579  1.00 31.29 ? 68   TYR B OH  1 
ATOM   665  N N   . TRP B 2 54  ? 8.396   1.691   13.817  1.00 28.14 ? 69   TRP B N   1 
ATOM   666  C CA  . TRP B 2 54  ? 8.953   0.437   13.341  1.00 28.76 ? 69   TRP B CA  1 
ATOM   667  C C   . TRP B 2 54  ? 8.980   0.449   11.814  1.00 28.57 ? 69   TRP B C   1 
ATOM   668  O O   . TRP B 2 54  ? 8.076   0.985   11.163  1.00 27.34 ? 69   TRP B O   1 
ATOM   669  C CB  . TRP B 2 54  ? 8.130   -0.748  13.871  1.00 29.56 ? 69   TRP B CB  1 
ATOM   670  C CG  . TRP B 2 54  ? 8.498   -2.074  13.268  1.00 30.16 ? 69   TRP B CG  1 
ATOM   671  C CD1 . TRP B 2 54  ? 9.386   -2.990  13.768  1.00 30.55 ? 69   TRP B CD1 1 
ATOM   672  C CD2 . TRP B 2 54  ? 7.995   -2.629  12.046  1.00 31.20 ? 69   TRP B CD2 1 
ATOM   673  N NE1 . TRP B 2 54  ? 9.464   -4.080  12.936  1.00 31.59 ? 69   TRP B NE1 1 
ATOM   674  C CE2 . TRP B 2 54  ? 8.623   -3.885  11.870  1.00 31.40 ? 69   TRP B CE2 1 
ATOM   675  C CE3 . TRP B 2 54  ? 7.072   -2.189  11.080  1.00 31.11 ? 69   TRP B CE3 1 
ATOM   676  C CZ2 . TRP B 2 54  ? 8.359   -4.708  10.766  1.00 31.51 ? 69   TRP B CZ2 1 
ATOM   677  C CZ3 . TRP B 2 54  ? 6.813   -3.017  9.976   1.00 30.87 ? 69   TRP B CZ3 1 
ATOM   678  C CH2 . TRP B 2 54  ? 7.457   -4.251  9.834   1.00 31.05 ? 69   TRP B CH2 1 
ATOM   679  N N   . GLY B 2 55  ? 10.023  -0.140  11.244  1.00 28.82 ? 70   GLY B N   1 
ATOM   680  C CA  . GLY B 2 55  ? 10.142  -0.235  9.800   1.00 29.23 ? 70   GLY B CA  1 
ATOM   681  C C   . GLY B 2 55  ? 10.987  -1.419  9.386   1.00 29.93 ? 70   GLY B C   1 
ATOM   682  O O   . GLY B 2 55  ? 11.902  -1.834  10.111  1.00 29.85 ? 70   GLY B O   1 
ATOM   683  N N   . SER B 2 56  ? 10.672  -1.968  8.220   1.00 29.83 ? 71   SER B N   1 
ATOM   684  C CA  . SER B 2 56  ? 11.483  -3.019  7.618   1.00 30.12 ? 71   SER B CA  1 
ATOM   685  C C   . SER B 2 56  ? 11.731  -2.681  6.162   1.00 30.10 ? 71   SER B C   1 
ATOM   686  O O   . SER B 2 56  ? 10.788  -2.649  5.357   1.00 29.65 ? 71   SER B O   1 
ATOM   687  C CB  . SER B 2 56  ? 10.786  -4.375  7.712   1.00 30.86 ? 71   SER B CB  1 
ATOM   688  O OG  . SER B 2 56  ? 11.478  -5.360  6.936   1.00 31.08 ? 71   SER B OG  1 
ATOM   689  N N   . VAL B 2 57  ? 12.992  -2.420  5.834   1.00 29.51 ? 72   VAL B N   1 
ATOM   690  C CA  . VAL B 2 57  ? 13.407  -2.190  4.453   1.00 29.74 ? 72   VAL B CA  1 
ATOM   691  C C   . VAL B 2 57  ? 13.105  -3.425  3.575   1.00 29.81 ? 72   VAL B C   1 
ATOM   692  O O   . VAL B 2 57  ? 12.562  -3.266  2.483   1.00 29.54 ? 72   VAL B O   1 
ATOM   693  C CB  . VAL B 2 57  ? 14.892  -1.725  4.373   1.00 30.55 ? 72   VAL B CB  1 
ATOM   694  C CG1 . VAL B 2 57  ? 15.431  -1.757  2.934   1.00 30.61 ? 72   VAL B CG1 1 
ATOM   695  C CG2 . VAL B 2 57  ? 15.006  -0.334  4.949   1.00 30.92 ? 72   VAL B CG2 1 
ATOM   696  N N   . LYS B 2 58  ? 13.419  -4.632  4.062   1.00 29.75 ? 73   LYS B N   1 
ATOM   697  C CA  . LYS B 2 58  ? 13.146  -5.861  3.303   1.00 30.58 ? 73   LYS B CA  1 
ATOM   698  C C   . LYS B 2 58  ? 11.666  -5.985  2.958   1.00 30.57 ? 73   LYS B C   1 
ATOM   699  O O   . LYS B 2 58  ? 11.311  -6.313  1.822   1.00 31.55 ? 73   LYS B O   1 
ATOM   700  C CB  . LYS B 2 58  ? 13.653  -7.128  4.030   1.00 30.86 ? 73   LYS B CB  1 
ATOM   701  C CG  . LYS B 2 58  ? 13.175  -8.429  3.381   1.00 32.46 ? 73   LYS B CG  1 
ATOM   702  C CD  . LYS B 2 58  ? 14.187  -9.552  3.413   1.00 34.73 ? 73   LYS B CD  1 
ATOM   703  C CE  . LYS B 2 58  ? 13.836  -10.559 2.318   1.00 36.52 ? 73   LYS B CE  1 
ATOM   704  N NZ  . LYS B 2 58  ? 14.525  -11.859 2.463   1.00 37.37 ? 73   LYS B NZ  1 
ATOM   705  N N   . GLU B 2 59  ? 10.796  -5.706  3.929   1.00 29.87 ? 74   GLU B N   1 
ATOM   706  C CA  . GLU B 2 59  ? 9.355   -5.847  3.711   1.00 29.42 ? 74   GLU B CA  1 
ATOM   707  C C   . GLU B 2 59  ? 8.728   -4.593  3.100   1.00 28.17 ? 74   GLU B C   1 
ATOM   708  O O   . GLU B 2 59  ? 7.565   -4.620  2.684   1.00 27.06 ? 74   GLU B O   1 
ATOM   709  C CB  . GLU B 2 59  ? 8.654   -6.230  5.012   1.00 30.33 ? 74   GLU B CB  1 
ATOM   710  C CG  . GLU B 2 59  ? 9.177   -7.566  5.571   1.00 33.88 ? 74   GLU B CG  1 
ATOM   711  C CD  . GLU B 2 59  ? 8.271   -8.177  6.622   1.00 38.75 ? 74   GLU B CD  1 
ATOM   712  O OE1 . GLU B 2 59  ? 7.041   -7.964  6.556   1.00 41.43 ? 74   GLU B OE1 1 
ATOM   713  O OE2 . GLU B 2 59  ? 8.796   -8.885  7.515   1.00 42.73 ? 74   GLU B OE2 1 
ATOM   714  N N   . ASP B 2 60  ? 9.523   -3.520  3.025   1.00 26.91 ? 75   ASP B N   1 
ATOM   715  C CA  . ASP B 2 60  ? 9.063   -2.205  2.530   1.00 26.36 ? 75   ASP B CA  1 
ATOM   716  C C   . ASP B 2 60  ? 7.844   -1.692  3.290   1.00 25.63 ? 75   ASP B C   1 
ATOM   717  O O   . ASP B 2 60  ? 6.929   -1.130  2.686   1.00 26.36 ? 75   ASP B O   1 
ATOM   718  C CB  . ASP B 2 60  ? 8.783   -2.230  1.016   1.00 25.89 ? 75   ASP B CB  1 
ATOM   719  C CG  . ASP B 2 60  ? 8.780   -0.842  0.391   1.00 28.40 ? 75   ASP B CG  1 
ATOM   720  O OD1 . ASP B 2 60  ? 9.418   0.093   0.948   1.00 26.46 ? 75   ASP B OD1 1 
ATOM   721  O OD2 . ASP B 2 60  ? 8.151   -0.681  -0.678  1.00 27.45 ? 75   ASP B OD2 1 
ATOM   722  N N   . ARG B 2 61  ? 7.843   -1.883  4.607   1.00 25.73 ? 76   ARG B N   1 
ATOM   723  C CA  . ARG B 2 61  ? 6.753   -1.423  5.477   1.00 25.24 ? 76   ARG B CA  1 
ATOM   724  C C   . ARG B 2 61  ? 7.283   -0.493  6.560   1.00 24.90 ? 76   ARG B C   1 
ATOM   725  O O   . ARG B 2 61  ? 8.399   -0.658  7.028   1.00 23.94 ? 76   ARG B O   1 
ATOM   726  C CB  . ARG B 2 61  ? 6.034   -2.606  6.128   1.00 25.85 ? 76   ARG B CB  1 
ATOM   727  C CG  . ARG B 2 61  ? 5.335   -3.494  5.118   1.00 27.00 ? 76   ARG B CG  1 
ATOM   728  C CD  . ARG B 2 61  ? 4.418   -4.525  5.768   1.00 27.86 ? 76   ARG B CD  1 
ATOM   729  N NE  . ARG B 2 61  ? 5.126   -5.549  6.532   1.00 29.25 ? 76   ARG B NE  1 
ATOM   730  C CZ  . ARG B 2 61  ? 5.037   -5.708  7.849   1.00 27.53 ? 76   ARG B CZ  1 
ATOM   731  N NH1 . ARG B 2 61  ? 4.274   -4.904  8.579   1.00 27.84 ? 76   ARG B NH1 1 
ATOM   732  N NH2 . ARG B 2 61  ? 5.711   -6.689  8.456   1.00 29.23 ? 76   ARG B NH2 1 
ATOM   733  N N   . LEU B 2 62  ? 6.452   0.464   6.957   1.00 23.26 ? 77   LEU B N   1 
ATOM   734  C CA  . LEU B 2 62  ? 6.839   1.471   7.931   1.00 24.72 ? 77   LEU B CA  1 
ATOM   735  C C   . LEU B 2 62  ? 5.601   1.972   8.658   1.00 24.64 ? 77   LEU B C   1 
ATOM   736  O O   . LEU B 2 62  ? 4.587   2.246   8.032   1.00 23.20 ? 77   LEU B O   1 
ATOM   737  C CB  . LEU B 2 62  ? 7.516   2.615   7.199   1.00 24.78 ? 77   LEU B CB  1 
ATOM   738  C CG  . LEU B 2 62  ? 7.956   3.842   7.996   1.00 25.17 ? 77   LEU B CG  1 
ATOM   739  C CD1 . LEU B 2 62  ? 8.964   3.473   9.076   1.00 26.62 ? 77   LEU B CD1 1 
ATOM   740  C CD2 . LEU B 2 62  ? 8.545   4.861   7.023   1.00 26.02 ? 77   LEU B CD2 1 
ATOM   741  N N   . CYS B 2 63  ? 5.692   2.086   9.981   1.00 24.26 ? 78   CYS B N   1 
ATOM   742  C CA  . CYS B 2 63  ? 4.613   2.712   10.740  1.00 24.57 ? 78   CYS B CA  1 
ATOM   743  C C   . CYS B 2 63  ? 5.116   3.748   11.735  1.00 24.45 ? 78   CYS B C   1 
ATOM   744  O O   . CYS B 2 63  ? 6.265   3.688   12.189  1.00 23.76 ? 78   CYS B O   1 
ATOM   745  C CB  . CYS B 2 63  ? 3.682   1.682   11.409  1.00 25.21 ? 78   CYS B CB  1 
ATOM   746  S SG  . CYS B 2 63  ? 4.431   0.536   12.568  1.00 26.75 ? 78   CYS B SG  1 
ATOM   747  N N   . TYR B 2 64  ? 4.235   4.697   12.032  1.00 24.03 ? 79   TYR B N   1 
ATOM   748  C CA  . TYR B 2 64  ? 4.531   5.846   12.882  1.00 24.26 ? 79   TYR B CA  1 
ATOM   749  C C   . TYR B 2 64  ? 3.554   5.880   14.050  1.00 25.52 ? 79   TYR B C   1 
ATOM   750  O O   . TYR B 2 64  ? 2.348   5.659   13.865  1.00 25.36 ? 79   TYR B O   1 
ATOM   751  C CB  . TYR B 2 64  ? 4.335   7.144   12.091  1.00 24.51 ? 79   TYR B CB  1 
ATOM   752  C CG  . TYR B 2 64  ? 5.298   7.409   10.957  1.00 23.67 ? 79   TYR B CG  1 
ATOM   753  C CD1 . TYR B 2 64  ? 5.221   6.691   9.763   1.00 23.49 ? 79   TYR B CD1 1 
ATOM   754  C CD2 . TYR B 2 64  ? 6.257   8.420   11.065  1.00 24.25 ? 79   TYR B CD2 1 
ATOM   755  C CE1 . TYR B 2 64  ? 6.094   6.949   8.707   1.00 23.44 ? 79   TYR B CE1 1 
ATOM   756  C CE2 . TYR B 2 64  ? 7.142   8.693   10.019  1.00 24.55 ? 79   TYR B CE2 1 
ATOM   757  C CZ  . TYR B 2 64  ? 7.047   7.952   8.843   1.00 24.71 ? 79   TYR B CZ  1 
ATOM   758  O OH  . TYR B 2 64  ? 7.903   8.216   7.807   1.00 25.91 ? 79   TYR B OH  1 
ATOM   759  N N   . GLY B 2 65  ? 4.060   6.185   15.244  1.00 25.80 ? 80   GLY B N   1 
ATOM   760  C CA  . GLY B 2 65  ? 3.184   6.416   16.393  1.00 27.15 ? 80   GLY B CA  1 
ATOM   761  C C   . GLY B 2 65  ? 2.900   5.204   17.255  1.00 27.72 ? 80   GLY B C   1 
ATOM   762  O O   . GLY B 2 65  ? 2.281   5.321   18.322  1.00 28.93 ? 80   GLY B O   1 
ATOM   763  N N   . GLY B 2 66  ? 3.350   4.034   16.813  1.00 27.68 ? 81   GLY B N   1 
ATOM   764  C CA  . GLY B 2 66  ? 3.134   2.815   17.572  1.00 26.76 ? 81   GLY B CA  1 
ATOM   765  C C   . GLY B 2 66  ? 3.293   1.617   16.671  1.00 26.76 ? 81   GLY B C   1 
ATOM   766  O O   . GLY B 2 66  ? 3.631   1.771   15.498  1.00 26.25 ? 81   GLY B O   1 
ATOM   767  N N   . PRO B 2 67  ? 3.067   0.413   17.215  1.00 26.32 ? 82   PRO B N   1 
ATOM   768  C CA  . PRO B 2 67  ? 3.289   -0.796  16.422  1.00 26.08 ? 82   PRO B CA  1 
ATOM   769  C C   . PRO B 2 67  ? 2.226   -1.022  15.342  1.00 26.00 ? 82   PRO B C   1 
ATOM   770  O O   . PRO B 2 67  ? 1.113   -0.504  15.448  1.00 25.43 ? 82   PRO B O   1 
ATOM   771  C CB  . PRO B 2 67  ? 3.249   -1.914  17.469  1.00 25.59 ? 82   PRO B CB  1 
ATOM   772  C CG  . PRO B 2 67  ? 2.377   -1.399  18.535  1.00 26.41 ? 82   PRO B CG  1 
ATOM   773  C CD  . PRO B 2 67  ? 2.629   0.104   18.593  1.00 26.73 ? 82   PRO B CD  1 
ATOM   774  N N   . TRP B 2 68  ? 2.595   -1.793  14.322  1.00 26.29 ? 83   TRP B N   1 
ATOM   775  C CA  . TRP B 2 68  ? 1.704   -2.170  13.205  1.00 26.64 ? 83   TRP B CA  1 
ATOM   776  C C   . TRP B 2 68  ? 0.354   -2.669  13.708  1.00 26.75 ? 83   TRP B C   1 
ATOM   777  O O   . TRP B 2 68  ? 0.299   -3.633  14.468  1.00 26.58 ? 83   TRP B O   1 
ATOM   778  C CB  . TRP B 2 68  ? 2.379   -3.248  12.366  1.00 26.24 ? 83   TRP B CB  1 
ATOM   779  C CG  . TRP B 2 68  ? 1.807   -3.407  10.969  1.00 26.58 ? 83   TRP B CG  1 
ATOM   780  C CD1 . TRP B 2 68  ? 0.868   -4.315  10.579  1.00 25.61 ? 83   TRP B CD1 1 
ATOM   781  C CD2 . TRP B 2 68  ? 2.151   -2.654  9.803   1.00 26.22 ? 83   TRP B CD2 1 
ATOM   782  N NE1 . TRP B 2 68  ? 0.613   -4.189  9.241   1.00 25.08 ? 83   TRP B NE1 1 
ATOM   783  C CE2 . TRP B 2 68  ? 1.376   -3.164  8.736   1.00 25.63 ? 83   TRP B CE2 1 
ATOM   784  C CE3 . TRP B 2 68  ? 3.037   -1.597  9.550   1.00 26.47 ? 83   TRP B CE3 1 
ATOM   785  C CZ2 . TRP B 2 68  ? 1.457   -2.648  7.426   1.00 25.08 ? 83   TRP B CZ2 1 
ATOM   786  C CZ3 . TRP B 2 68  ? 3.132   -1.091  8.259   1.00 25.30 ? 83   TRP B CZ3 1 
ATOM   787  C CH2 . TRP B 2 68  ? 2.333   -1.611  7.210   1.00 26.31 ? 83   TRP B CH2 1 
ATOM   788  N N   . LYS B 2 69  ? -0.727  -2.025  13.264  1.00 26.56 ? 84   LYS B N   1 
ATOM   789  C CA  . LYS B 2 69  ? -2.066  -2.315  13.772  1.00 27.07 ? 84   LYS B CA  1 
ATOM   790  C C   . LYS B 2 69  ? -2.919  -3.149  12.814  1.00 27.72 ? 84   LYS B C   1 
ATOM   791  O O   . LYS B 2 69  ? -3.957  -3.684  13.211  1.00 28.89 ? 84   LYS B O   1 
ATOM   792  C CB  . LYS B 2 69  ? -2.806  -1.018  14.131  1.00 26.48 ? 84   LYS B CB  1 
ATOM   793  C CG  . LYS B 2 69  ? -2.143  -0.189  15.234  1.00 27.04 ? 84   LYS B CG  1 
ATOM   794  C CD  . LYS B 2 69  ? -2.204  -0.892  16.606  1.00 26.64 ? 84   LYS B CD  1 
ATOM   795  C CE  . LYS B 2 69  ? -1.429  -0.119  17.680  1.00 27.11 ? 84   LYS B CE  1 
ATOM   796  N NZ  . LYS B 2 69  ? -1.713  -0.653  19.027  1.00 28.42 ? 84   LYS B NZ  1 
ATOM   797  N N   . LEU B 2 70  ? -2.479  -3.263  11.566  1.00 28.48 ? 85   LEU B N   1 
ATOM   798  C CA  . LEU B 2 70  ? -3.275  -3.914  10.520  1.00 29.47 ? 85   LEU B CA  1 
ATOM   799  C C   . LEU B 2 70  ? -3.163  -5.428  10.638  1.00 31.06 ? 85   LEU B C   1 
ATOM   800  O O   . LEU B 2 70  ? -2.104  -6.001  10.369  1.00 33.29 ? 85   LEU B O   1 
ATOM   801  C CB  . LEU B 2 70  ? -2.817  -3.437  9.131   1.00 28.49 ? 85   LEU B CB  1 
ATOM   802  C CG  . LEU B 2 70  ? -2.653  -1.932  8.915   1.00 28.50 ? 85   LEU B CG  1 
ATOM   803  C CD1 . LEU B 2 70  ? -2.247  -1.691  7.449   1.00 30.57 ? 85   LEU B CD1 1 
ATOM   804  C CD2 . LEU B 2 70  ? -3.943  -1.172  9.270   1.00 29.94 ? 85   LEU B CD2 1 
ATOM   805  N N   . GLN B 2 71  ? -4.255  -6.065  11.039  1.00 31.42 ? 86   GLN B N   1 
ATOM   806  C CA  . GLN B 2 71  ? -4.246  -7.484  11.417  1.00 32.19 ? 86   GLN B CA  1 
ATOM   807  C C   . GLN B 2 71  ? -4.858  -8.414  10.357  1.00 30.97 ? 86   GLN B C   1 
ATOM   808  O O   . GLN B 2 71  ? -4.697  -9.638  10.430  1.00 31.46 ? 86   GLN B O   1 
ATOM   809  C CB  . GLN B 2 71  ? -4.954  -7.667  12.770  1.00 32.75 ? 86   GLN B CB  1 
ATOM   810  C CG  . GLN B 2 71  ? -6.316  -6.952  12.876  1.00 34.87 ? 86   GLN B CG  1 
ATOM   811  C CD  . GLN B 2 71  ? -6.770  -6.685  14.319  1.00 35.28 ? 86   GLN B CD  1 
ATOM   812  O OE1 . GLN B 2 71  ? -6.252  -7.270  15.278  1.00 40.76 ? 86   GLN B OE1 1 
ATOM   813  N NE2 . GLN B 2 71  ? -7.749  -5.793  14.471  1.00 39.45 ? 86   GLN B NE2 1 
ATOM   814  N N   . HIS B 2 72  ? -5.554  -7.838  9.383   1.00 29.29 ? 87   HIS B N   1 
ATOM   815  C CA  . HIS B 2 72  ? -6.261  -8.615  8.361   1.00 28.36 ? 87   HIS B CA  1 
ATOM   816  C C   . HIS B 2 72  ? -5.408  -8.835  7.125   1.00 27.30 ? 87   HIS B C   1 
ATOM   817  O O   . HIS B 2 72  ? -4.567  -8.018  6.791   1.00 25.41 ? 87   HIS B O   1 
ATOM   818  C CB  . HIS B 2 72  ? -7.577  -7.917  7.982   1.00 28.30 ? 87   HIS B CB  1 
ATOM   819  C CG  . HIS B 2 72  ? -8.514  -7.750  9.142   1.00 31.52 ? 87   HIS B CG  1 
ATOM   820  N ND1 . HIS B 2 72  ? -9.250  -8.794  9.656   1.00 35.32 ? 87   HIS B ND1 1 
ATOM   821  C CD2 . HIS B 2 72  ? -8.810  -6.670  9.906   1.00 34.45 ? 87   HIS B CD2 1 
ATOM   822  C CE1 . HIS B 2 72  ? -9.968  -8.367  10.680  1.00 35.70 ? 87   HIS B CE1 1 
ATOM   823  N NE2 . HIS B 2 72  ? -9.718  -7.081  10.854  1.00 36.50 ? 87   HIS B NE2 1 
ATOM   824  N N   . LYS B 2 73  ? -5.632  -9.966  6.458   1.00 26.86 ? 88   LYS B N   1 
ATOM   825  C CA  . LYS B 2 73  ? -4.927  -10.281 5.236   1.00 26.55 ? 88   LYS B CA  1 
ATOM   826  C C   . LYS B 2 73  ? -5.927  -10.790 4.198   1.00 24.59 ? 88   LYS B C   1 
ATOM   827  O O   . LYS B 2 73  ? -7.035  -11.237 4.552   1.00 25.74 ? 88   LYS B O   1 
ATOM   828  C CB  . LYS B 2 73  ? -3.872  -11.362 5.498   1.00 26.94 ? 88   LYS B CB  1 
ATOM   829  C CG  . LYS B 2 73  ? -2.725  -10.962 6.423   1.00 32.38 ? 88   LYS B CG  1 
ATOM   830  C CD  . LYS B 2 73  ? -1.492  -11.829 6.195   1.00 37.11 ? 88   LYS B CD  1 
ATOM   831  C CE  . LYS B 2 73  ? -0.625  -11.251 5.064   1.00 40.23 ? 88   LYS B CE  1 
ATOM   832  N NZ  . LYS B 2 73  ? 0.803   -11.715 5.165   1.00 43.02 ? 88   LYS B NZ  1 
ATOM   833  N N   . TRP B 2 74  ? -5.514  -10.786 2.934   1.00 23.82 ? 89   TRP B N   1 
ATOM   834  C CA  . TRP B 2 74  ? -6.355  -11.357 1.874   1.00 22.84 ? 89   TRP B CA  1 
ATOM   835  C C   . TRP B 2 74  ? -6.689  -12.804 2.219   1.00 22.09 ? 89   TRP B C   1 
ATOM   836  O O   . TRP B 2 74  ? -5.825  -13.597 2.651   1.00 21.92 ? 89   TRP B O   1 
ATOM   837  C CB  . TRP B 2 74  ? -5.660  -11.296 0.519   1.00 23.15 ? 89   TRP B CB  1 
ATOM   838  C CG  . TRP B 2 74  ? -6.488  -11.885 -0.624  1.00 22.82 ? 89   TRP B CG  1 
ATOM   839  C CD1 . TRP B 2 74  ? -7.796  -11.593 -0.915  1.00 22.63 ? 89   TRP B CD1 1 
ATOM   840  C CD2 . TRP B 2 74  ? -6.032  -12.777 -1.669  1.00 22.47 ? 89   TRP B CD2 1 
ATOM   841  N NE1 . TRP B 2 74  ? -8.183  -12.264 -2.060  1.00 22.43 ? 89   TRP B NE1 1 
ATOM   842  C CE2 . TRP B 2 74  ? -7.120  -12.986 -2.544  1.00 22.75 ? 89   TRP B CE2 1 
ATOM   843  C CE3 . TRP B 2 74  ? -4.807  -13.413 -1.945  1.00 22.48 ? 89   TRP B CE3 1 
ATOM   844  C CZ2 . TRP B 2 74  ? -7.039  -13.833 -3.664  1.00 24.09 ? 89   TRP B CZ2 1 
ATOM   845  C CZ3 . TRP B 2 74  ? -4.714  -14.230 -3.072  1.00 21.91 ? 89   TRP B CZ3 1 
ATOM   846  C CH2 . TRP B 2 74  ? -5.827  -14.463 -3.893  1.00 22.28 ? 89   TRP B CH2 1 
ATOM   847  N N   . ASN B 2 75  ? -7.967  -13.146 2.075   1.00 21.62 ? 90   ASN B N   1 
ATOM   848  C CA  . ASN B 2 75  ? -8.394  -14.509 2.446   1.00 21.01 ? 90   ASN B CA  1 
ATOM   849  C C   . ASN B 2 75  ? -8.138  -15.564 1.374   1.00 20.01 ? 90   ASN B C   1 
ATOM   850  O O   . ASN B 2 75  ? -8.397  -16.760 1.596   1.00 20.81 ? 90   ASN B O   1 
ATOM   851  C CB  . ASN B 2 75  ? -9.859  -14.543 2.915   1.00 22.00 ? 90   ASN B CB  1 
ATOM   852  C CG  . ASN B 2 75  ? -10.857 -14.241 1.801   1.00 25.25 ? 90   ASN B CG  1 
ATOM   853  O OD1 . ASN B 2 75  ? -10.517 -14.110 0.633   1.00 23.21 ? 90   ASN B OD1 1 
ATOM   854  N ND2 . ASN B 2 75  ? -12.133 -14.149 2.188   1.00 31.63 ? 90   ASN B ND2 1 
ATOM   855  N N   . GLY B 2 76  ? -7.641  -15.108 0.221   1.00 20.99 ? 91   GLY B N   1 
ATOM   856  C CA  . GLY B 2 76  ? -7.331  -16.020 -0.870  1.00 21.47 ? 91   GLY B CA  1 
ATOM   857  C C   . GLY B 2 76  ? -8.538  -16.478 -1.666  1.00 22.25 ? 91   GLY B C   1 
ATOM   858  O O   . GLY B 2 76  ? -8.368  -17.271 -2.613  1.00 23.33 ? 91   GLY B O   1 
ATOM   859  N N   . HIS B 2 77  ? -9.739  -16.024 -1.272  1.00 21.48 ? 92   HIS B N   1 
ATOM   860  C CA  . HIS B 2 77  ? -10.999 -16.431 -1.932  1.00 21.84 ? 92   HIS B CA  1 
ATOM   861  C C   . HIS B 2 77  ? -11.624 -15.302 -2.743  1.00 22.85 ? 92   HIS B C   1 
ATOM   862  O O   . HIS B 2 77  ? -12.258 -15.556 -3.770  1.00 24.08 ? 92   HIS B O   1 
ATOM   863  C CB  . HIS B 2 77  ? -12.047 -16.908 -0.910  1.00 21.94 ? 92   HIS B CB  1 
ATOM   864  C CG  . HIS B 2 77  ? -11.701 -18.205 -0.251  1.00 20.64 ? 92   HIS B CG  1 
ATOM   865  N ND1 . HIS B 2 77  ? -12.273 -19.406 -0.618  1.00 20.42 ? 92   HIS B ND1 1 
ATOM   866  C CD2 . HIS B 2 77  ? -10.868 -18.485 0.781   1.00 23.10 ? 92   HIS B CD2 1 
ATOM   867  C CE1 . HIS B 2 77  ? -11.802 -20.371 0.155   1.00 21.76 ? 92   HIS B CE1 1 
ATOM   868  N NE2 . HIS B 2 77  ? -10.940 -19.834 1.005   1.00 20.35 ? 92   HIS B NE2 1 
ATOM   869  N N   . ASP B 2 78  ? -11.504 -14.081 -2.242  1.00 23.21 ? 93   ASP B N   1 
ATOM   870  C CA  . ASP B 2 78  ? -12.393 -12.994 -2.682  1.00 24.27 ? 93   ASP B CA  1 
ATOM   871  C C   . ASP B 2 78  ? -11.733 -11.894 -3.495  1.00 23.46 ? 93   ASP B C   1 
ATOM   872  O O   . ASP B 2 78  ? -10.532 -11.716 -3.465  1.00 24.51 ? 93   ASP B O   1 
ATOM   873  C CB  . ASP B 2 78  ? -13.057 -12.338 -1.466  1.00 25.02 ? 93   ASP B CB  1 
ATOM   874  C CG  . ASP B 2 78  ? -14.016 -13.277 -0.732  1.00 27.82 ? 93   ASP B CG  1 
ATOM   875  O OD1 . ASP B 2 78  ? -14.540 -14.223 -1.356  1.00 31.82 ? 93   ASP B OD1 1 
ATOM   876  O OD2 . ASP B 2 78  ? -14.248 -13.072 0.478   1.00 30.25 ? 93   ASP B OD2 1 
ATOM   877  N N   . GLU B 2 79  ? -12.565 -11.124 -4.195  1.00 23.66 ? 94   GLU B N   1 
ATOM   878  C CA  . GLU B 2 79  ? -12.099 -9.864  -4.789  1.00 23.83 ? 94   GLU B CA  1 
ATOM   879  C C   . GLU B 2 79  ? -11.776 -8.846  -3.683  1.00 23.45 ? 94   GLU B C   1 
ATOM   880  O O   . GLU B 2 79  ? -12.262 -8.965  -2.542  1.00 23.82 ? 94   GLU B O   1 
ATOM   881  C CB  . GLU B 2 79  ? -13.119 -9.325  -5.805  1.00 24.44 ? 94   GLU B CB  1 
ATOM   882  C CG  . GLU B 2 79  ? -13.145 -10.211 -7.048  1.00 26.25 ? 94   GLU B CG  1 
ATOM   883  C CD  . GLU B 2 79  ? -14.176 -9.848  -8.095  1.00 28.29 ? 94   GLU B CD  1 
ATOM   884  O OE1 . GLU B 2 79  ? -14.885 -8.842  -7.935  1.00 32.96 ? 94   GLU B OE1 1 
ATOM   885  O OE2 . GLU B 2 79  ? -14.275 -10.620 -9.090  1.00 33.81 ? 94   GLU B OE2 1 
ATOM   886  N N   . VAL B 2 80  ? -10.944 -7.876  -4.030  1.00 23.07 ? 95   VAL B N   1 
ATOM   887  C CA  . VAL B 2 80  ? -10.513 -6.843  -3.088  1.00 22.58 ? 95   VAL B CA  1 
ATOM   888  C C   . VAL B 2 80  ? -10.691 -5.488  -3.775  1.00 23.61 ? 95   VAL B C   1 
ATOM   889  O O   . VAL B 2 80  ? -10.933 -5.435  -4.986  1.00 23.34 ? 95   VAL B O   1 
ATOM   890  C CB  . VAL B 2 80  ? -9.036  -7.047  -2.629  1.00 23.32 ? 95   VAL B CB  1 
ATOM   891  C CG1 . VAL B 2 80  ? -8.813  -8.483  -2.063  1.00 24.91 ? 95   VAL B CG1 1 
ATOM   892  C CG2 . VAL B 2 80  ? -8.058  -6.748  -3.801  1.00 22.99 ? 95   VAL B CG2 1 
ATOM   893  N N   . GLN B 2 81  ? -10.613 -4.410  -2.998  1.00 23.33 ? 96   GLN B N   1 
ATOM   894  C CA  . GLN B 2 81  ? -10.611 -3.079  -3.619  1.00 23.40 ? 96   GLN B CA  1 
ATOM   895  C C   . GLN B 2 81  ? -9.387  -2.312  -3.230  1.00 23.18 ? 96   GLN B C   1 
ATOM   896  O O   . GLN B 2 81  ? -8.952  -2.368  -2.097  1.00 25.15 ? 96   GLN B O   1 
ATOM   897  C CB  . GLN B 2 81  ? -11.828 -2.261  -3.213  1.00 22.66 ? 96   GLN B CB  1 
ATOM   898  C CG  . GLN B 2 81  ? -13.090 -2.733  -3.934  1.00 23.55 ? 96   GLN B CG  1 
ATOM   899  C CD  . GLN B 2 81  ? -14.295 -1.885  -3.671  1.00 25.16 ? 96   GLN B CD  1 
ATOM   900  O OE1 . GLN B 2 81  ? -14.240 -0.882  -2.949  1.00 25.61 ? 96   GLN B OE1 1 
ATOM   901  N NE2 . GLN B 2 81  ? -15.433 -2.302  -4.247  1.00 24.53 ? 96   GLN B NE2 1 
ATOM   902  N N   . MET B 2 82  ? -8.852  -1.559  -4.179  1.00 23.51 ? 97   MET B N   1 
ATOM   903  C CA  . MET B 2 82  ? -7.812  -0.592  -3.851  1.00 23.70 ? 97   MET B CA  1 
ATOM   904  C C   . MET B 2 82  ? -8.460  0.765   -3.728  1.00 23.74 ? 97   MET B C   1 
ATOM   905  O O   . MET B 2 82  ? -9.226  1.136   -4.619  1.00 23.05 ? 97   MET B O   1 
ATOM   906  C CB  . MET B 2 82  ? -6.765  -0.533  -4.957  1.00 24.04 ? 97   MET B CB  1 
ATOM   907  C CG  . MET B 2 82  ? -5.714  0.551   -4.755  1.00 26.10 ? 97   MET B CG  1 
ATOM   908  S SD  . MET B 2 82  ? -4.451  0.374   -6.058  1.00 27.76 ? 97   MET B SD  1 
ATOM   909  C CE  . MET B 2 82  ? -3.589  1.930   -5.928  1.00 28.43 ? 97   MET B CE  1 
ATOM   910  N N   . ILE B 2 83  ? -8.169  1.484   -2.647  1.00 22.63 ? 98   ILE B N   1 
ATOM   911  C CA  . ILE B 2 83  ? -8.601  2.889   -2.554  1.00 23.58 ? 98   ILE B CA  1 
ATOM   912  C C   . ILE B 2 83  ? -7.481  3.699   -3.199  1.00 23.80 ? 98   ILE B C   1 
ATOM   913  O O   . ILE B 2 83  ? -6.436  3.938   -2.588  1.00 23.07 ? 98   ILE B O   1 
ATOM   914  C CB  . ILE B 2 83  ? -8.854  3.349   -1.093  1.00 23.46 ? 98   ILE B CB  1 
ATOM   915  C CG1 . ILE B 2 83  ? -9.869  2.421   -0.433  1.00 23.06 ? 98   ILE B CG1 1 
ATOM   916  C CG2 . ILE B 2 83  ? -9.332  4.828   -1.088  1.00 22.95 ? 98   ILE B CG2 1 
ATOM   917  C CD1 . ILE B 2 83  ? -10.104 2.706   1.082   1.00 25.04 ? 98   ILE B CD1 1 
ATOM   918  N N   . VAL B 2 84  ? -7.681  4.040   -4.462  1.00 22.75 ? 99   VAL B N   1 
ATOM   919  C CA  . VAL B 2 84  ? -6.627  4.691   -5.254  1.00 23.79 ? 99   VAL B CA  1 
ATOM   920  C C   . VAL B 2 84  ? -6.485  6.138   -4.830  1.00 23.53 ? 99   VAL B C   1 
ATOM   921  O O   . VAL B 2 84  ? -7.416  6.944   -5.004  1.00 23.92 ? 99   VAL B O   1 
ATOM   922  C CB  . VAL B 2 84  ? -6.917  4.631   -6.768  1.00 23.54 ? 99   VAL B CB  1 
ATOM   923  C CG1 . VAL B 2 84  ? -5.722  5.196   -7.525  1.00 24.63 ? 99   VAL B CG1 1 
ATOM   924  C CG2 . VAL B 2 84  ? -7.162  3.189   -7.198  1.00 24.76 ? 99   VAL B CG2 1 
ATOM   925  N N   . VAL B 2 85  ? -5.332  6.466   -4.266  1.00 22.67 ? 100  VAL B N   1 
ATOM   926  C CA  . VAL B 2 85  ? -5.060  7.848   -3.818  1.00 23.70 ? 100  VAL B CA  1 
ATOM   927  C C   . VAL B 2 85  ? -4.177  8.553   -4.848  1.00 24.48 ? 100  VAL B C   1 
ATOM   928  O O   . VAL B 2 85  ? -2.978  8.739   -4.630  1.00 24.84 ? 100  VAL B O   1 
ATOM   929  C CB  . VAL B 2 85  ? -4.418  7.878   -2.407  1.00 23.46 ? 100  VAL B CB  1 
ATOM   930  C CG1 . VAL B 2 85  ? -4.398  9.315   -1.830  1.00 23.87 ? 100  VAL B CG1 1 
ATOM   931  C CG2 . VAL B 2 85  ? -5.180  6.934   -1.458  1.00 25.48 ? 100  VAL B CG2 1 
ATOM   932  N N   . GLU B 2 86  ? -4.788  8.906   -5.974  1.00 25.29 ? 101  GLU B N   1 
ATOM   933  C CA  . GLU B 2 86  ? -4.044  9.508   -7.065  1.00 27.02 ? 101  GLU B CA  1 
ATOM   934  C C   . GLU B 2 86  ? -3.789  10.983  -6.789  1.00 26.09 ? 101  GLU B C   1 
ATOM   935  O O   . GLU B 2 86  ? -4.704  11.723  -6.388  1.00 25.94 ? 101  GLU B O   1 
ATOM   936  C CB  . GLU B 2 86  ? -4.817  9.371   -8.360  1.00 27.91 ? 101  GLU B CB  1 
ATOM   937  C CG  . GLU B 2 86  ? -4.318  8.283   -9.277  1.00 33.15 ? 101  GLU B CG  1 
ATOM   938  C CD  . GLU B 2 86  ? -4.758  8.529   -10.691 1.00 35.49 ? 101  GLU B CD  1 
ATOM   939  O OE1 . GLU B 2 86  ? -4.102  9.323   -11.412 1.00 39.96 ? 101  GLU B OE1 1 
ATOM   940  O OE2 . GLU B 2 86  ? -5.789  7.950   -11.069 1.00 36.50 ? 101  GLU B OE2 1 
ATOM   941  N N   . PRO B 2 87  ? -2.545  11.436  -7.015  1.00 26.28 ? 102  PRO B N   1 
ATOM   942  C CA  . PRO B 2 87  ? -2.273  12.851  -6.869  1.00 26.54 ? 102  PRO B CA  1 
ATOM   943  C C   . PRO B 2 87  ? -3.241  13.701  -7.703  1.00 26.47 ? 102  PRO B C   1 
ATOM   944  O O   . PRO B 2 87  ? -3.526  13.379  -8.874  1.00 25.44 ? 102  PRO B O   1 
ATOM   945  C CB  . PRO B 2 87  ? -0.840  12.998  -7.416  1.00 27.17 ? 102  PRO B CB  1 
ATOM   946  C CG  . PRO B 2 87  ? -0.236  11.656  -7.253  1.00 27.24 ? 102  PRO B CG  1 
ATOM   947  C CD  . PRO B 2 87  ? -1.345  10.662  -7.406  1.00 26.86 ? 102  PRO B CD  1 
ATOM   948  N N   . GLY B 2 88  ? -3.754  14.774  -7.098  1.00 26.20 ? 103  GLY B N   1 
ATOM   949  C CA  . GLY B 2 88  ? -4.565  15.748  -7.813  1.00 26.73 ? 103  GLY B CA  1 
ATOM   950  C C   . GLY B 2 88  ? -5.984  15.296  -8.099  1.00 26.81 ? 103  GLY B C   1 
ATOM   951  O O   . GLY B 2 88  ? -6.697  15.953  -8.857  1.00 26.64 ? 103  GLY B O   1 
ATOM   952  N N   . LYS B 2 89  ? -6.400  14.179  -7.496  1.00 26.78 ? 104  LYS B N   1 
ATOM   953  C CA  . LYS B 2 89  ? -7.730  13.627  -7.758  1.00 27.65 ? 104  LYS B CA  1 
ATOM   954  C C   . LYS B 2 89  ? -8.340  13.179  -6.432  1.00 25.56 ? 104  LYS B C   1 
ATOM   955  O O   . LYS B 2 89  ? -7.612  12.713  -5.570  1.00 25.55 ? 104  LYS B O   1 
ATOM   956  C CB  . LYS B 2 89  ? -7.617  12.389  -8.670  1.00 27.67 ? 104  LYS B CB  1 
ATOM   957  C CG  . LYS B 2 89  ? -7.130  12.700  -10.094 1.00 30.72 ? 104  LYS B CG  1 
ATOM   958  C CD  . LYS B 2 89  ? -7.060  11.426  -10.940 1.00 30.94 ? 104  LYS B CD  1 
ATOM   959  C CE  . LYS B 2 89  ? -6.812  11.758  -12.414 1.00 37.72 ? 104  LYS B CE  1 
ATOM   960  N NZ  . LYS B 2 89  ? -6.577  10.520  -13.232 1.00 40.31 ? 104  LYS B NZ  1 
ATOM   961  N N   . ASN B 2 90  ? -9.661  13.294  -6.291  1.00 25.04 ? 105  ASN B N   1 
ATOM   962  C CA  . ASN B 2 90  ? -10.363 12.610  -5.187  1.00 23.85 ? 105  ASN B CA  1 
ATOM   963  C C   . ASN B 2 90  ? -10.068 11.112  -5.245  1.00 24.47 ? 105  ASN B C   1 
ATOM   964  O O   . ASN B 2 90  ? -9.771  10.571  -6.324  1.00 24.43 ? 105  ASN B O   1 
ATOM   965  C CB  . ASN B 2 90  ? -11.893 12.801  -5.302  1.00 23.81 ? 105  ASN B CB  1 
ATOM   966  C CG  . ASN B 2 90  ? -12.373 14.195  -4.879  1.00 23.70 ? 105  ASN B CG  1 
ATOM   967  O OD1 . ASN B 2 90  ? -11.720 14.901  -4.111  1.00 25.50 ? 105  ASN B OD1 1 
ATOM   968  N ND2 . ASN B 2 90  ? -13.524 14.586  -5.390  1.00 24.20 ? 105  ASN B ND2 1 
ATOM   969  N N   . VAL B 2 91  ? -10.141 10.430  -4.107  1.00 23.22 ? 106  VAL B N   1 
ATOM   970  C CA  . VAL B 2 91  ? -9.960  8.963   -4.139  1.00 24.18 ? 106  VAL B CA  1 
ATOM   971  C C   . VAL B 2 91  ? -11.042 8.285   -4.967  1.00 23.26 ? 106  VAL B C   1 
ATOM   972  O O   . VAL B 2 91  ? -12.167 8.790   -5.127  1.00 22.85 ? 106  VAL B O   1 
ATOM   973  C CB  . VAL B 2 91  ? -9.891  8.286   -2.752  1.00 24.73 ? 106  VAL B CB  1 
ATOM   974  C CG1 . VAL B 2 91  ? -8.864  8.988   -1.852  1.00 25.35 ? 106  VAL B CG1 1 
ATOM   975  C CG2 . VAL B 2 91  ? -11.266 8.221   -2.091  1.00 25.17 ? 106  VAL B CG2 1 
ATOM   976  N N   . LYS B 2 92  ? -10.692 7.134   -5.505  1.00 24.11 ? 107  LYS B N   1 
ATOM   977  C CA  . LYS B 2 92  ? -11.712 6.274   -6.114  1.00 24.57 ? 107  LYS B CA  1 
ATOM   978  C C   . LYS B 2 92  ? -11.308 4.833   -5.892  1.00 25.50 ? 107  LYS B C   1 
ATOM   979  O O   . LYS B 2 92  ? -10.121 4.515   -5.929  1.00 26.15 ? 107  LYS B O   1 
ATOM   980  C CB  . LYS B 2 92  ? -11.856 6.546   -7.608  1.00 27.19 ? 107  LYS B CB  1 
ATOM   981  C CG  . LYS B 2 92  ? -10.629 6.185   -8.417  1.00 30.88 ? 107  LYS B CG  1 
ATOM   982  C CD  . LYS B 2 92  ? -11.016 5.825   -9.840  1.00 38.21 ? 107  LYS B CD  1 
ATOM   983  C CE  . LYS B 2 92  ? -9.868  5.143   -10.570 1.00 40.77 ? 107  LYS B CE  1 
ATOM   984  N NZ  . LYS B 2 92  ? -10.163 5.179   -12.048 1.00 44.52 ? 107  LYS B NZ  1 
ATOM   985  N N   . ASN B 2 93  ? -12.291 3.973   -5.703  1.00 24.40 ? 108  ASN B N   1 
ATOM   986  C CA  . ASN B 2 93  ? -11.977 2.553   -5.453  1.00 24.15 ? 108  ASN B CA  1 
ATOM   987  C C   . ASN B 2 93  ? -12.069 1.767   -6.735  1.00 24.80 ? 108  ASN B C   1 
ATOM   988  O O   . ASN B 2 93  ? -12.950 2.033   -7.576  1.00 25.37 ? 108  ASN B O   1 
ATOM   989  C CB  . ASN B 2 93  ? -12.956 1.938   -4.473  1.00 25.23 ? 108  ASN B CB  1 
ATOM   990  C CG  . ASN B 2 93  ? -12.695 2.349   -3.049  1.00 27.23 ? 108  ASN B CG  1 
ATOM   991  O OD1 . ASN B 2 93  ? -12.268 3.491   -2.784  1.00 27.32 ? 108  ASN B OD1 1 
ATOM   992  N ND2 . ASN B 2 93  ? -12.989 1.430   -2.100  1.00 25.29 ? 108  ASN B ND2 1 
ATOM   993  N N   . VAL B 2 94  ? -11.175 0.792   -6.871  1.00 24.47 ? 109  VAL B N   1 
ATOM   994  C CA  . VAL B 2 94  ? -11.204 -0.144  -7.985  1.00 25.04 ? 109  VAL B CA  1 
ATOM   995  C C   . VAL B 2 94  ? -11.181 -1.558  -7.405  1.00 25.35 ? 109  VAL B C   1 
ATOM   996  O O   . VAL B 2 94  ? -10.488 -1.809  -6.424  1.00 25.89 ? 109  VAL B O   1 
ATOM   997  C CB  . VAL B 2 94  ? -10.030 0.069   -9.003  1.00 25.42 ? 109  VAL B CB  1 
ATOM   998  C CG1 . VAL B 2 94  ? -9.952  1.533   -9.445  1.00 25.42 ? 109  VAL B CG1 1 
ATOM   999  C CG2 . VAL B 2 94  ? -8.682  -0.381  -8.437  1.00 25.59 ? 109  VAL B CG2 1 
ATOM   1000 N N   . GLN B 2 95  ? -11.932 -2.457  -8.025  1.00 24.48 ? 110  GLN B N   1 
ATOM   1001 C CA  . GLN B 2 95  ? -12.089 -3.810  -7.527  1.00 24.72 ? 110  GLN B CA  1 
ATOM   1002 C C   . GLN B 2 95  ? -11.388 -4.788  -8.463  1.00 24.86 ? 110  GLN B C   1 
ATOM   1003 O O   . GLN B 2 95  ? -11.391 -4.605  -9.695  1.00 25.11 ? 110  GLN B O   1 
ATOM   1004 C CB  . GLN B 2 95  ? -13.581 -4.126  -7.415  1.00 25.33 ? 110  GLN B CB  1 
ATOM   1005 C CG  . GLN B 2 95  ? -13.914 -5.481  -6.762  1.00 25.37 ? 110  GLN B CG  1 
ATOM   1006 C CD  . GLN B 2 95  ? -15.396 -5.561  -6.409  1.00 25.40 ? 110  GLN B CD  1 
ATOM   1007 O OE1 . GLN B 2 95  ? -16.001 -4.585  -5.968  1.00 25.65 ? 110  GLN B OE1 1 
ATOM   1008 N NE2 . GLN B 2 95  ? -15.990 -6.736  -6.601  1.00 29.13 ? 110  GLN B NE2 1 
ATOM   1009 N N   . THR B 2 96  ? -10.746 -5.807  -7.889  1.00 23.75 ? 111  THR B N   1 
ATOM   1010 C CA  . THR B 2 96  ? -10.006 -6.772  -8.706  1.00 24.09 ? 111  THR B CA  1 
ATOM   1011 C C   . THR B 2 96  ? -9.882  -8.074  -7.942  1.00 23.24 ? 111  THR B C   1 
ATOM   1012 O O   . THR B 2 96  ? -9.957  -8.067  -6.720  1.00 23.32 ? 111  THR B O   1 
ATOM   1013 C CB  . THR B 2 96  ? -8.596  -6.217  -9.084  1.00 24.58 ? 111  THR B CB  1 
ATOM   1014 O OG1 . THR B 2 96  ? -8.009  -7.031  -10.098 1.00 27.99 ? 111  THR B OG1 1 
ATOM   1015 C CG2 . THR B 2 96  ? -7.679  -6.146  -7.834  1.00 25.89 ? 111  THR B CG2 1 
ATOM   1016 N N   . LYS B 2 97  ? -9.717  -9.182  -8.670  1.00 23.31 ? 112  LYS B N   1 
ATOM   1017 C CA  . LYS B 2 97  ? -9.441  -10.487 -8.053  1.00 23.17 ? 112  LYS B CA  1 
ATOM   1018 C C   . LYS B 2 97  ? -7.926  -10.663 -8.105  1.00 23.89 ? 112  LYS B C   1 
ATOM   1019 O O   . LYS B 2 97  ? -7.357  -10.753 -9.206  1.00 24.24 ? 112  LYS B O   1 
ATOM   1020 C CB  . LYS B 2 97  ? -10.097 -11.609 -8.844  1.00 23.45 ? 112  LYS B CB  1 
ATOM   1021 C CG  . LYS B 2 97  ? -9.841  -12.997 -8.231  1.00 24.07 ? 112  LYS B CG  1 
ATOM   1022 C CD  . LYS B 2 97  ? -10.411 -13.074 -6.809  1.00 25.22 ? 112  LYS B CD  1 
ATOM   1023 C CE  . LYS B 2 97  ? -10.084 -14.409 -6.098  1.00 25.61 ? 112  LYS B CE  1 
ATOM   1024 N NZ  . LYS B 2 97  ? -10.763 -15.602 -6.712  1.00 25.66 ? 112  LYS B NZ  1 
ATOM   1025 N N   . PRO B 2 98  ? -7.256  -10.670 -6.933  1.00 23.78 ? 113  PRO B N   1 
ATOM   1026 C CA  . PRO B 2 98  ? -5.806  -10.835 -6.975  1.00 23.67 ? 113  PRO B CA  1 
ATOM   1027 C C   . PRO B 2 98  ? -5.350  -12.141 -7.603  1.00 24.36 ? 113  PRO B C   1 
ATOM   1028 O O   . PRO B 2 98  ? -6.059  -13.170 -7.552  1.00 23.98 ? 113  PRO B O   1 
ATOM   1029 C CB  . PRO B 2 98  ? -5.405  -10.847 -5.493  1.00 23.10 ? 113  PRO B CB  1 
ATOM   1030 C CG  . PRO B 2 98  ? -6.507  -10.011 -4.808  1.00 24.07 ? 113  PRO B CG  1 
ATOM   1031 C CD  . PRO B 2 98  ? -7.755  -10.504 -5.553  1.00 23.78 ? 113  PRO B CD  1 
ATOM   1032 N N   . GLY B 2 99  ? -4.158  -12.073 -8.190  1.00 24.08 ? 114  GLY B N   1 
ATOM   1033 C CA  . GLY B 2 99  ? -3.369  -13.264 -8.445  1.00 24.08 ? 114  GLY B CA  1 
ATOM   1034 C C   . GLY B 2 99  ? -2.367  -13.384 -7.306  1.00 23.75 ? 114  GLY B C   1 
ATOM   1035 O O   . GLY B 2 99  ? -2.608  -12.907 -6.202  1.00 24.09 ? 114  GLY B O   1 
ATOM   1036 N N   . VAL B 2 100 ? -1.241  -14.027 -7.569  1.00 23.57 ? 115  VAL B N   1 
ATOM   1037 C CA  . VAL B 2 100 ? -0.221  -14.227 -6.526  1.00 23.70 ? 115  VAL B CA  1 
ATOM   1038 C C   . VAL B 2 100 ? 1.188   -14.064 -7.026  1.00 24.30 ? 115  VAL B C   1 
ATOM   1039 O O   . VAL B 2 100 ? 1.493   -14.412 -8.167  1.00 23.78 ? 115  VAL B O   1 
ATOM   1040 C CB  . VAL B 2 100 ? -0.321  -15.620 -5.826  1.00 24.71 ? 115  VAL B CB  1 
ATOM   1041 C CG1 . VAL B 2 100 ? -1.623  -15.724 -5.031  1.00 25.73 ? 115  VAL B CG1 1 
ATOM   1042 C CG2 . VAL B 2 100 ? -0.159  -16.786 -6.813  1.00 25.28 ? 115  VAL B CG2 1 
ATOM   1043 N N   . PHE B 2 101 ? 2.036   -13.547 -6.136  1.00 24.37 ? 116  PHE B N   1 
ATOM   1044 C CA  . PHE B 2 101 ? 3.474   -13.754 -6.233  1.00 26.12 ? 116  PHE B CA  1 
ATOM   1045 C C   . PHE B 2 101 ? 3.754   -15.056 -5.484  1.00 27.58 ? 116  PHE B C   1 
ATOM   1046 O O   . PHE B 2 101 ? 3.348   -15.210 -4.321  1.00 28.05 ? 116  PHE B O   1 
ATOM   1047 C CB  . PHE B 2 101 ? 4.237   -12.625 -5.527  1.00 25.54 ? 116  PHE B CB  1 
ATOM   1048 C CG  . PHE B 2 101 ? 4.251   -11.291 -6.262  1.00 25.35 ? 116  PHE B CG  1 
ATOM   1049 C CD1 . PHE B 2 101 ? 3.853   -11.173 -7.590  1.00 26.23 ? 116  PHE B CD1 1 
ATOM   1050 C CD2 . PHE B 2 101 ? 4.739   -10.160 -5.610  1.00 25.20 ? 116  PHE B CD2 1 
ATOM   1051 C CE1 . PHE B 2 101 ? 3.887   -9.898  -8.245  1.00 25.97 ? 116  PHE B CE1 1 
ATOM   1052 C CE2 . PHE B 2 101 ? 4.780   -8.898  -6.248  1.00 26.43 ? 116  PHE B CE2 1 
ATOM   1053 C CZ  . PHE B 2 101 ? 4.376   -8.772  -7.562  1.00 26.14 ? 116  PHE B CZ  1 
ATOM   1054 N N   . LYS B 2 102 ? 4.454   -15.974 -6.138  1.00 29.52 ? 117  LYS B N   1 
ATOM   1055 C CA  . LYS B 2 102 ? 4.812   -17.247 -5.515  1.00 31.70 ? 117  LYS B CA  1 
ATOM   1056 C C   . LYS B 2 102 ? 6.232   -17.112 -4.968  1.00 33.26 ? 117  LYS B C   1 
ATOM   1057 O O   . LYS B 2 102 ? 7.173   -16.941 -5.729  1.00 32.94 ? 117  LYS B O   1 
ATOM   1058 C CB  . LYS B 2 102 ? 4.708   -18.379 -6.538  1.00 32.12 ? 117  LYS B CB  1 
ATOM   1059 C CG  . LYS B 2 102 ? 3.268   -18.699 -6.963  1.00 33.70 ? 117  LYS B CG  1 
ATOM   1060 C CD  . LYS B 2 102 ? 3.176   -19.122 -8.435  1.00 37.86 ? 117  LYS B CD  1 
ATOM   1061 C CE  . LYS B 2 102 ? 3.769   -20.490 -8.698  1.00 42.41 ? 117  LYS B CE  1 
ATOM   1062 N NZ  . LYS B 2 102 ? 4.005   -20.702 -10.174 1.00 43.73 ? 117  LYS B NZ  1 
ATOM   1063 N N   . THR B 2 103 ? 6.343   -17.129 -3.641  1.00 35.64 ? 118  THR B N   1 
ATOM   1064 C CA  . THR B 2 103 ? 7.627   -17.072 -2.944  1.00 38.43 ? 118  THR B CA  1 
ATOM   1065 C C   . THR B 2 103 ? 7.767   -18.272 -1.973  1.00 39.73 ? 118  THR B C   1 
ATOM   1066 O O   . THR B 2 103 ? 6.777   -18.957 -1.650  1.00 40.04 ? 118  THR B O   1 
ATOM   1067 C CB  . THR B 2 103 ? 7.817   -15.741 -2.164  1.00 38.06 ? 118  THR B CB  1 
ATOM   1068 O OG1 . THR B 2 103 ? 7.219   -15.861 -0.865  1.00 40.30 ? 118  THR B OG1 1 
ATOM   1069 C CG2 . THR B 2 103 ? 7.204   -14.544 -2.916  1.00 39.38 ? 118  THR B CG2 1 
ATOM   1070 N N   . PRO B 2 104 ? 8.993   -18.520 -1.483  1.00 41.69 ? 119  PRO B N   1 
ATOM   1071 C CA  . PRO B 2 104 ? 9.223   -19.641 -0.553  1.00 42.40 ? 119  PRO B CA  1 
ATOM   1072 C C   . PRO B 2 104 ? 8.421   -19.576 0.768   1.00 43.06 ? 119  PRO B C   1 
ATOM   1073 O O   . PRO B 2 104 ? 8.107   -20.632 1.345   1.00 43.50 ? 119  PRO B O   1 
ATOM   1074 C CB  . PRO B 2 104 ? 10.726  -19.571 -0.281  1.00 42.43 ? 119  PRO B CB  1 
ATOM   1075 C CG  . PRO B 2 104 ? 11.131  -18.188 -0.663  1.00 42.60 ? 119  PRO B CG  1 
ATOM   1076 C CD  . PRO B 2 104 ? 10.236  -17.783 -1.777  1.00 41.54 ? 119  PRO B CD  1 
ATOM   1077 N N   . GLU B 2 105 ? 8.090   -18.365 1.224   1.00 43.69 ? 120  GLU B N   1 
ATOM   1078 C CA  . GLU B 2 105 ? 7.350   -18.168 2.480   1.00 44.10 ? 120  GLU B CA  1 
ATOM   1079 C C   . GLU B 2 105 ? 5.824   -18.162 2.299   1.00 43.27 ? 120  GLU B C   1 
ATOM   1080 O O   . GLU B 2 105 ? 5.080   -17.737 3.192   1.00 44.19 ? 120  GLU B O   1 
ATOM   1081 C CB  . GLU B 2 105 ? 7.835   -16.897 3.208   1.00 44.54 ? 120  GLU B CB  1 
ATOM   1082 C CG  . GLU B 2 105 ? 9.231   -17.044 3.851   1.00 45.79 ? 120  GLU B CG  1 
ATOM   1083 C CD  . GLU B 2 105 ? 9.581   -15.944 4.863   1.00 45.84 ? 120  GLU B CD  1 
ATOM   1084 O OE1 . GLU B 2 105 ? 9.155   -14.778 4.691   1.00 48.34 ? 120  GLU B OE1 1 
ATOM   1085 O OE2 . GLU B 2 105 ? 10.303  -16.250 5.839   1.00 47.69 ? 120  GLU B OE2 1 
ATOM   1086 N N   . GLY B 2 106 ? 5.361   -18.638 1.144   1.00 41.49 ? 121  GLY B N   1 
ATOM   1087 C CA  . GLY B 2 106 ? 3.940   -18.689 0.847   1.00 39.15 ? 121  GLY B CA  1 
ATOM   1088 C C   . GLY B 2 106 ? 3.602   -17.714 -0.262  1.00 36.87 ? 121  GLY B C   1 
ATOM   1089 O O   . GLY B 2 106 ? 4.444   -16.951 -0.725  1.00 37.40 ? 121  GLY B O   1 
ATOM   1090 N N   . GLU B 2 107 ? 2.363   -17.762 -0.700  1.00 35.21 ? 122  GLU B N   1 
ATOM   1091 C CA  . GLU B 2 107 ? 1.942   -16.864 -1.743  1.00 32.48 ? 122  GLU B CA  1 
ATOM   1092 C C   . GLU B 2 107 ? 1.680   -15.518 -1.127  1.00 31.73 ? 122  GLU B C   1 
ATOM   1093 O O   . GLU B 2 107 ? 1.269   -15.420 0.041   1.00 32.47 ? 122  GLU B O   1 
ATOM   1094 C CB  . GLU B 2 107 ? 0.672   -17.382 -2.375  1.00 32.01 ? 122  GLU B CB  1 
ATOM   1095 C CG  . GLU B 2 107 ? 0.904   -18.682 -3.117  1.00 30.38 ? 122  GLU B CG  1 
ATOM   1096 C CD  . GLU B 2 107 ? -0.383  -19.378 -3.425  1.00 27.52 ? 122  GLU B CD  1 
ATOM   1097 O OE1 . GLU B 2 107 ? -1.454  -18.841 -3.078  1.00 28.49 ? 122  GLU B OE1 1 
ATOM   1098 O OE2 . GLU B 2 107 ? -0.320  -20.464 -4.034  1.00 29.37 ? 122  GLU B OE2 1 
ATOM   1099 N N   . ILE B 2 108 ? 1.874   -14.489 -1.939  1.00 29.79 ? 123  ILE B N   1 
ATOM   1100 C CA  . ILE B 2 108 ? 1.491   -13.137 -1.564  1.00 28.50 ? 123  ILE B CA  1 
ATOM   1101 C C   . ILE B 2 108 ? 0.494   -12.674 -2.618  1.00 26.37 ? 123  ILE B C   1 
ATOM   1102 O O   . ILE B 2 108 ? 0.790   -12.732 -3.815  1.00 27.01 ? 123  ILE B O   1 
ATOM   1103 C CB  . ILE B 2 108 ? 2.714   -12.189 -1.561  1.00 27.92 ? 123  ILE B CB  1 
ATOM   1104 C CG1 . ILE B 2 108 ? 3.842   -12.742 -0.660  1.00 30.00 ? 123  ILE B CG1 1 
ATOM   1105 C CG2 . ILE B 2 108 ? 2.278   -10.759 -1.141  1.00 29.19 ? 123  ILE B CG2 1 
ATOM   1106 C CD1 . ILE B 2 108 ? 5.188   -11.989 -0.785  1.00 29.64 ? 123  ILE B CD1 1 
ATOM   1107 N N   . GLY B 2 109 ? -0.677  -12.219 -2.194  1.00 25.54 ? 124  GLY B N   1 
ATOM   1108 C CA  . GLY B 2 109 ? -1.672  -11.694 -3.121  1.00 24.43 ? 124  GLY B CA  1 
ATOM   1109 C C   . GLY B 2 109 ? -1.071  -10.552 -3.938  1.00 24.63 ? 124  GLY B C   1 
ATOM   1110 O O   . GLY B 2 109 ? -0.235  -9.775  -3.435  1.00 25.49 ? 124  GLY B O   1 
ATOM   1111 N N   . ALA B 2 110 ? -1.451  -10.501 -5.206  1.00 24.45 ? 125  ALA B N   1 
ATOM   1112 C CA  . ALA B 2 110 ? -0.847  -9.536  -6.158  1.00 23.87 ? 125  ALA B CA  1 
ATOM   1113 C C   . ALA B 2 110 ? -1.861  -8.994  -7.151  1.00 25.61 ? 125  ALA B C   1 
ATOM   1114 O O   . ALA B 2 110 ? -2.670  -9.739  -7.734  1.00 25.66 ? 125  ALA B O   1 
ATOM   1115 C CB  . ALA B 2 110 ? 0.346   -10.203 -6.900  1.00 24.84 ? 125  ALA B CB  1 
ATOM   1116 N N   . VAL B 2 111 ? -1.811  -7.685  -7.352  1.00 24.05 ? 126  VAL B N   1 
ATOM   1117 C CA  . VAL B 2 111 ? -2.820  -7.011  -8.189  1.00 24.76 ? 126  VAL B CA  1 
ATOM   1118 C C   . VAL B 2 111 ? -2.213  -6.348  -9.425  1.00 25.46 ? 126  VAL B C   1 
ATOM   1119 O O   . VAL B 2 111 ? -1.159  -5.724  -9.339  1.00 25.64 ? 126  VAL B O   1 
ATOM   1120 C CB  . VAL B 2 111 ? -3.649  -6.011  -7.359  1.00 24.89 ? 126  VAL B CB  1 
ATOM   1121 C CG1 . VAL B 2 111 ? -4.386  -6.785  -6.246  1.00 25.96 ? 126  VAL B CG1 1 
ATOM   1122 C CG2 . VAL B 2 111 ? -2.745  -4.921  -6.714  1.00 25.48 ? 126  VAL B CG2 1 
ATOM   1123 N N   . THR B 2 112 ? -2.875  -6.509  -10.566 1.00 26.00 ? 127  THR B N   1 
ATOM   1124 C CA  . THR B 2 112 ? -2.414  -5.922  -11.827 1.00 26.58 ? 127  THR B CA  1 
ATOM   1125 C C   . THR B 2 112 ? -3.122  -4.590  -11.969 1.00 27.66 ? 127  THR B C   1 
ATOM   1126 O O   . THR B 2 112 ? -4.108  -4.453  -12.697 1.00 29.06 ? 127  THR B O   1 
ATOM   1127 C CB  . THR B 2 112 ? -2.753  -6.810  -13.034 1.00 28.42 ? 127  THR B CB  1 
ATOM   1128 O OG1 . THR B 2 112 ? -4.182  -6.910  -13.152 1.00 31.50 ? 127  THR B OG1 1 
ATOM   1129 C CG2 . THR B 2 112 ? -2.162  -8.202  -12.848 1.00 28.13 ? 127  THR B CG2 1 
ATOM   1130 N N   . LEU B 2 113 ? -2.630  -3.620  -11.226 1.00 26.92 ? 128  LEU B N   1 
ATOM   1131 C CA  . LEU B 2 113 ? -3.169  -2.268  -11.242 1.00 26.08 ? 128  LEU B CA  1 
ATOM   1132 C C   . LEU B 2 113 ? -1.979  -1.356  -11.342 1.00 26.21 ? 128  LEU B C   1 
ATOM   1133 O O   . LEU B 2 113 ? -1.004  -1.521  -10.601 1.00 26.60 ? 128  LEU B O   1 
ATOM   1134 C CB  . LEU B 2 113 ? -3.920  -1.977  -9.940  1.00 25.64 ? 128  LEU B CB  1 
ATOM   1135 C CG  . LEU B 2 113 ? -5.122  -2.868  -9.618  1.00 26.63 ? 128  LEU B CG  1 
ATOM   1136 C CD1 . LEU B 2 113 ? -5.702  -2.594  -8.215  1.00 26.87 ? 128  LEU B CD1 1 
ATOM   1137 C CD2 . LEU B 2 113 ? -6.183  -2.692  -10.681 1.00 27.98 ? 128  LEU B CD2 1 
ATOM   1138 N N   . ASP B 2 114 ? -2.064  -0.400  -12.259 1.00 25.75 ? 129  ASP B N   1 
ATOM   1139 C CA  . ASP B 2 114 ? -0.917  0.435   -12.626 1.00 26.29 ? 129  ASP B CA  1 
ATOM   1140 C C   . ASP B 2 114 ? -1.323  1.892   -12.497 1.00 26.77 ? 129  ASP B C   1 
ATOM   1141 O O   . ASP B 2 114 ? -2.026  2.434   -13.349 1.00 26.78 ? 129  ASP B O   1 
ATOM   1142 C CB  . ASP B 2 114 ? -0.461  0.099   -14.062 1.00 26.78 ? 129  ASP B CB  1 
ATOM   1143 C CG  . ASP B 2 114 ? 0.849   0.806   -14.472 1.00 28.58 ? 129  ASP B CG  1 
ATOM   1144 O OD1 . ASP B 2 114 ? 1.304   1.764   -13.800 1.00 30.28 ? 129  ASP B OD1 1 
ATOM   1145 O OD2 . ASP B 2 114 ? 1.428   0.390   -15.505 1.00 31.92 ? 129  ASP B OD2 1 
ATOM   1146 N N   . TYR B 2 115 ? -0.873  2.506   -11.414 1.00 26.72 ? 130  TYR B N   1 
ATOM   1147 C CA  . TYR B 2 115 ? -1.167  3.917   -11.098 1.00 27.85 ? 130  TYR B CA  1 
ATOM   1148 C C   . TYR B 2 115 ? 0.145   4.711   -10.922 1.00 28.76 ? 130  TYR B C   1 
ATOM   1149 O O   . TYR B 2 115 ? 1.211   4.110   -10.832 1.00 29.04 ? 130  TYR B O   1 
ATOM   1150 C CB  . TYR B 2 115 ? -2.076  3.983   -9.847  1.00 28.78 ? 130  TYR B CB  1 
ATOM   1151 C CG  . TYR B 2 115 ? -3.441  3.444   -10.141 1.00 28.52 ? 130  TYR B CG  1 
ATOM   1152 C CD1 . TYR B 2 115 ? -3.812  2.157   -9.748  1.00 28.63 ? 130  TYR B CD1 1 
ATOM   1153 C CD2 . TYR B 2 115 ? -4.361  4.210   -10.865 1.00 30.23 ? 130  TYR B CD2 1 
ATOM   1154 C CE1 . TYR B 2 115 ? -5.080  1.648   -10.058 1.00 31.52 ? 130  TYR B CE1 1 
ATOM   1155 C CE2 . TYR B 2 115 ? -5.623  3.718   -11.165 1.00 31.66 ? 130  TYR B CE2 1 
ATOM   1156 C CZ  . TYR B 2 115 ? -5.970  2.441   -10.777 1.00 31.75 ? 130  TYR B CZ  1 
ATOM   1157 O OH  . TYR B 2 115 ? -7.226  1.974   -11.105 1.00 34.22 ? 130  TYR B OH  1 
ATOM   1158 N N   . PRO B 2 116 ? 0.075   6.063   -10.907 1.00 29.02 ? 131  PRO B N   1 
ATOM   1159 C CA  . PRO B 2 116 ? 1.261   6.948   -10.759 1.00 29.46 ? 131  PRO B CA  1 
ATOM   1160 C C   . PRO B 2 116 ? 2.066   6.746   -9.443  1.00 29.75 ? 131  PRO B C   1 
ATOM   1161 O O   . PRO B 2 116 ? 1.522   6.205   -8.501  1.00 29.47 ? 131  PRO B O   1 
ATOM   1162 C CB  . PRO B 2 116 ? 0.635   8.358   -10.816 1.00 29.51 ? 131  PRO B CB  1 
ATOM   1163 C CG  . PRO B 2 116 ? -0.631  8.178   -11.604 1.00 29.05 ? 131  PRO B CG  1 
ATOM   1164 C CD  . PRO B 2 116 ? -1.164  6.841   -11.091 1.00 28.81 ? 131  PRO B CD  1 
ATOM   1165 N N   . THR B 2 117 ? 3.332   7.215   -9.374  1.00 29.97 ? 132  THR B N   1 
ATOM   1166 C CA  . THR B 2 117 ? 4.195   7.048   -8.157  1.00 31.09 ? 132  THR B CA  1 
ATOM   1167 C C   . THR B 2 117 ? 3.586   7.560   -6.833  1.00 30.87 ? 132  THR B C   1 
ATOM   1168 O O   . THR B 2 117 ? 3.719   6.948   -5.738  1.00 32.16 ? 132  THR B O   1 
ATOM   1169 C CB  . THR B 2 117 ? 5.592   7.718   -8.340  1.00 32.15 ? 132  THR B CB  1 
ATOM   1170 O OG1 . THR B 2 117 ? 6.253   7.141   -9.464  1.00 34.90 ? 132  THR B OG1 1 
ATOM   1171 C CG2 . THR B 2 117 ? 6.471   7.510   -7.104  1.00 33.32 ? 132  THR B CG2 1 
ATOM   1172 N N   . GLY B 2 118 ? 2.890   8.673   -6.923  1.00 29.83 ? 133  GLY B N   1 
ATOM   1173 C CA  . GLY B 2 118 ? 2.251   9.215   -5.724  1.00 28.42 ? 133  GLY B CA  1 
ATOM   1174 C C   . GLY B 2 118 ? 1.244   8.285   -5.060  1.00 27.67 ? 133  GLY B C   1 
ATOM   1175 O O   . GLY B 2 118 ? 0.745   8.585   -3.981  1.00 26.69 ? 133  GLY B O   1 
ATOM   1176 N N   . THR B 2 119 ? 0.932   7.150   -5.694  1.00 26.72 ? 134  THR B N   1 
ATOM   1177 C CA  . THR B 2 119 ? -0.097  6.261   -5.168  1.00 26.24 ? 134  THR B CA  1 
ATOM   1178 C C   . THR B 2 119 ? 0.454   5.149   -4.255  1.00 25.26 ? 134  THR B C   1 
ATOM   1179 O O   . THR B 2 119 ? -0.337  4.418   -3.650  1.00 25.20 ? 134  THR B O   1 
ATOM   1180 C CB  . THR B 2 119 ? -0.985  5.631   -6.306  1.00 27.38 ? 134  THR B CB  1 
ATOM   1181 O OG1 . THR B 2 119 ? -0.184  4.725   -7.099  1.00 28.50 ? 134  THR B OG1 1 
ATOM   1182 C CG2 . THR B 2 119 ? -1.551  6.723   -7.220  1.00 28.13 ? 134  THR B CG2 1 
ATOM   1183 N N   . SER B 2 120 ? 1.782   5.018   -4.124  1.00 23.92 ? 135  SER B N   1 
ATOM   1184 C CA  . SER B 2 120 ? 2.308   3.952   -3.233  1.00 24.00 ? 135  SER B CA  1 
ATOM   1185 C C   . SER B 2 120 ? 1.863   4.232   -1.810  1.00 23.46 ? 135  SER B C   1 
ATOM   1186 O O   . SER B 2 120 ? 1.932   5.391   -1.339  1.00 23.84 ? 135  SER B O   1 
ATOM   1187 C CB  . SER B 2 120 ? 3.838   3.867   -3.287  1.00 24.64 ? 135  SER B CB  1 
ATOM   1188 O OG  . SER B 2 120 ? 4.276   3.287   -4.518  1.00 25.31 ? 135  SER B OG  1 
ATOM   1189 N N   . GLY B 2 121 ? 1.410   3.180   -1.142  1.00 23.20 ? 136  GLY B N   1 
ATOM   1190 C CA  . GLY B 2 121 ? 0.884   3.298   0.215   1.00 23.72 ? 136  GLY B CA  1 
ATOM   1191 C C   . GLY B 2 121 ? -0.637  3.356   0.223   1.00 23.89 ? 136  GLY B C   1 
ATOM   1192 O O   . GLY B 2 121 ? -1.237  3.314   1.309   1.00 24.75 ? 136  GLY B O   1 
ATOM   1193 N N   . SER B 2 122 ? -1.272  3.454   -0.952  1.00 23.82 ? 137  SER B N   1 
ATOM   1194 C CA  . SER B 2 122 ? -2.753  3.404   -1.026  1.00 24.25 ? 137  SER B CA  1 
ATOM   1195 C C   . SER B 2 122 ? -3.225  2.068   -0.471  1.00 23.79 ? 137  SER B C   1 
ATOM   1196 O O   . SER B 2 122 ? -2.609  1.031   -0.754  1.00 23.19 ? 137  SER B O   1 
ATOM   1197 C CB  . SER B 2 122 ? -3.285  3.517   -2.463  1.00 24.10 ? 137  SER B CB  1 
ATOM   1198 O OG  . SER B 2 122 ? -3.001  4.772   -3.084  1.00 24.93 ? 137  SER B OG  1 
ATOM   1199 N N   . PRO B 2 123 ? -4.263  2.088   0.366   1.00 23.65 ? 138  PRO B N   1 
ATOM   1200 C CA  . PRO B 2 123 ? -4.696  0.831   0.991   1.00 23.85 ? 138  PRO B CA  1 
ATOM   1201 C C   . PRO B 2 123 ? -5.533  -0.068  0.102   1.00 23.89 ? 138  PRO B C   1 
ATOM   1202 O O   . PRO B 2 123 ? -6.286  0.406   -0.770  1.00 24.55 ? 138  PRO B O   1 
ATOM   1203 C CB  . PRO B 2 123 ? -5.524  1.306   2.184   1.00 24.49 ? 138  PRO B CB  1 
ATOM   1204 C CG  . PRO B 2 123 ? -6.145  2.631   1.695   1.00 23.70 ? 138  PRO B CG  1 
ATOM   1205 C CD  . PRO B 2 123 ? -5.011  3.259   0.869   1.00 22.62 ? 138  PRO B CD  1 
ATOM   1206 N N   . ILE B 2 124 ? -5.389  -1.364  0.370   1.00 23.59 ? 139  ILE B N   1 
ATOM   1207 C CA  . ILE B 2 124 ? -6.208  -2.388  -0.245  1.00 24.28 ? 139  ILE B CA  1 
ATOM   1208 C C   . ILE B 2 124 ? -7.112  -2.925  0.840   1.00 23.37 ? 139  ILE B C   1 
ATOM   1209 O O   . ILE B 2 124 ? -6.660  -3.203  1.959   1.00 23.25 ? 139  ILE B O   1 
ATOM   1210 C CB  . ILE B 2 124 ? -5.329  -3.479  -0.873  1.00 24.86 ? 139  ILE B CB  1 
ATOM   1211 C CG1 . ILE B 2 124 ? -4.514  -2.811  -2.018  1.00 27.46 ? 139  ILE B CG1 1 
ATOM   1212 C CG2 . ILE B 2 124 ? -6.210  -4.556  -1.494  1.00 25.82 ? 139  ILE B CG2 1 
ATOM   1213 C CD1 . ILE B 2 124 ? -3.302  -3.525  -2.443  1.00 31.63 ? 139  ILE B CD1 1 
ATOM   1214 N N   . VAL B 2 125 ? -8.398  -3.039  0.517   1.00 22.82 ? 140  VAL B N   1 
ATOM   1215 C CA  . VAL B 2 125 ? -9.404  -3.404  1.516   1.00 24.12 ? 140  VAL B CA  1 
ATOM   1216 C C   . VAL B 2 125 ? -10.244 -4.600  1.118   1.00 23.71 ? 140  VAL B C   1 
ATOM   1217 O O   . VAL B 2 125 ? -10.421 -4.886  -0.077  1.00 23.98 ? 140  VAL B O   1 
ATOM   1218 C CB  . VAL B 2 125 ? -10.364 -2.216  1.864   1.00 24.21 ? 140  VAL B CB  1 
ATOM   1219 C CG1 . VAL B 2 125 ? -9.555  -1.065  2.453   1.00 26.29 ? 140  VAL B CG1 1 
ATOM   1220 C CG2 . VAL B 2 125 ? -11.174 -1.771  0.610   1.00 25.30 ? 140  VAL B CG2 1 
ATOM   1221 N N   . ASP B 2 126 ? -10.759 -5.292  2.129   1.00 23.57 ? 141  ASP B N   1 
ATOM   1222 C CA  . ASP B 2 126 ? -11.665 -6.418  1.909   1.00 25.18 ? 141  ASP B CA  1 
ATOM   1223 C C   . ASP B 2 126 ? -13.111 -5.923  2.014   1.00 25.32 ? 141  ASP B C   1 
ATOM   1224 O O   . ASP B 2 126 ? -13.341 -4.730  2.255   1.00 25.59 ? 141  ASP B O   1 
ATOM   1225 C CB  . ASP B 2 126 ? -11.351 -7.601  2.847   1.00 25.24 ? 141  ASP B CB  1 
ATOM   1226 C CG  . ASP B 2 126 ? -11.681 -7.333  4.328   1.00 27.15 ? 141  ASP B CG  1 
ATOM   1227 O OD1 . ASP B 2 126 ? -12.410 -6.369  4.661   1.00 25.31 ? 141  ASP B OD1 1 
ATOM   1228 O OD2 . ASP B 2 126 ? -11.200 -8.121  5.177   1.00 28.75 ? 141  ASP B OD2 1 
ATOM   1229 N N   . LYS B 2 127 ? -14.061 -6.839  1.826   1.00 27.01 ? 142  LYS B N   1 
ATOM   1230 C CA  . LYS B 2 127 ? -15.470 -6.473  1.747   1.00 28.89 ? 142  LYS B CA  1 
ATOM   1231 C C   . LYS B 2 127 ? -16.004 -5.891  3.054   1.00 28.97 ? 142  LYS B C   1 
ATOM   1232 O O   . LYS B 2 127 ? -17.056 -5.244  3.063   1.00 30.19 ? 142  LYS B O   1 
ATOM   1233 C CB  . LYS B 2 127 ? -16.319 -7.658  1.281   1.00 29.48 ? 142  LYS B CB  1 
ATOM   1234 C CG  . LYS B 2 127 ? -17.700 -7.205  0.806   1.00 35.61 ? 142  LYS B CG  1 
ATOM   1235 C CD  . LYS B 2 127 ? -18.563 -8.358  0.328   1.00 40.99 ? 142  LYS B CD  1 
ATOM   1236 C CE  . LYS B 2 127 ? -19.939 -7.858  -0.106  1.00 42.80 ? 142  LYS B CE  1 
ATOM   1237 N NZ  . LYS B 2 127 ? -20.872 -9.013  -0.275  1.00 44.86 ? 142  LYS B NZ  1 
ATOM   1238 N N   . ASN B 2 128 ? -15.303 -6.126  4.154   1.00 28.80 ? 143  ASN B N   1 
ATOM   1239 C CA  . ASN B 2 128 ? -15.697 -5.563  5.443   1.00 29.87 ? 143  ASN B CA  1 
ATOM   1240 C C   . ASN B 2 128 ? -15.140 -4.166  5.675   1.00 29.92 ? 143  ASN B C   1 
ATOM   1241 O O   . ASN B 2 128 ? -15.392 -3.551  6.711   1.00 30.06 ? 143  ASN B O   1 
ATOM   1242 C CB  . ASN B 2 128 ? -15.276 -6.485  6.583   1.00 29.96 ? 143  ASN B CB  1 
ATOM   1243 C CG  . ASN B 2 128 ? -15.978 -7.820  6.534   1.00 32.82 ? 143  ASN B CG  1 
ATOM   1244 O OD1 . ASN B 2 128 ? -17.191 -7.897  6.304   1.00 34.88 ? 143  ASN B OD1 1 
ATOM   1245 N ND2 . ASN B 2 128 ? -15.222 -8.887  6.739   1.00 35.38 ? 143  ASN B ND2 1 
ATOM   1246 N N   . GLY B 2 129 ? -14.392 -3.673  4.691   1.00 29.22 ? 144  GLY B N   1 
ATOM   1247 C CA  . GLY B 2 129 ? -13.720 -2.389  4.784   1.00 28.98 ? 144  GLY B CA  1 
ATOM   1248 C C   . GLY B 2 129 ? -12.485 -2.441  5.679   1.00 28.46 ? 144  GLY B C   1 
ATOM   1249 O O   . GLY B 2 129 ? -12.005 -1.392  6.132   1.00 29.79 ? 144  GLY B O   1 
ATOM   1250 N N   . ASP B 2 130 ? -11.942 -3.638  5.917   1.00 26.76 ? 145  ASP B N   1 
ATOM   1251 C CA  . ASP B 2 130 ? -10.695 -3.765  6.682   1.00 25.49 ? 145  ASP B CA  1 
ATOM   1252 C C   . ASP B 2 130 ? -9.488  -3.689  5.752   1.00 25.31 ? 145  ASP B C   1 
ATOM   1253 O O   . ASP B 2 130 ? -9.522  -4.217  4.653   1.00 23.67 ? 145  ASP B O   1 
ATOM   1254 C CB  . ASP B 2 130 ? -10.667 -5.070  7.478   1.00 26.27 ? 145  ASP B CB  1 
ATOM   1255 C CG  . ASP B 2 130 ? -11.689 -5.075  8.609   1.00 28.58 ? 145  ASP B CG  1 
ATOM   1256 O OD1 . ASP B 2 130 ? -11.783 -4.047  9.325   1.00 30.83 ? 145  ASP B OD1 1 
ATOM   1257 O OD2 . ASP B 2 130 ? -12.413 -6.082  8.746   1.00 30.78 ? 145  ASP B OD2 1 
ATOM   1258 N N   . VAL B 2 131 ? -8.416  -3.050  6.206   1.00 24.04 ? 146  VAL B N   1 
ATOM   1259 C CA  . VAL B 2 131 ? -7.231  -2.896  5.364   1.00 23.27 ? 146  VAL B CA  1 
ATOM   1260 C C   . VAL B 2 131 ? -6.453  -4.206  5.382   1.00 24.31 ? 146  VAL B C   1 
ATOM   1261 O O   . VAL B 2 131 ? -6.030  -4.654  6.447   1.00 24.71 ? 146  VAL B O   1 
ATOM   1262 C CB  . VAL B 2 131 ? -6.335  -1.756  5.866   1.00 23.68 ? 146  VAL B CB  1 
ATOM   1263 C CG1 . VAL B 2 131 ? -5.090  -1.663  5.009   1.00 24.28 ? 146  VAL B CG1 1 
ATOM   1264 C CG2 . VAL B 2 131 ? -7.117  -0.423  5.818   1.00 23.37 ? 146  VAL B CG2 1 
ATOM   1265 N N   . ILE B 2 132 ? -6.283  -4.814  4.211   1.00 23.43 ? 147  ILE B N   1 
ATOM   1266 C CA  . ILE B 2 132 ? -5.534  -6.081  4.125   1.00 23.19 ? 147  ILE B CA  1 
ATOM   1267 C C   . ILE B 2 132 ? -4.118  -5.900  3.596   1.00 23.47 ? 147  ILE B C   1 
ATOM   1268 O O   . ILE B 2 132 ? -3.350  -6.857  3.510   1.00 23.96 ? 147  ILE B O   1 
ATOM   1269 C CB  . ILE B 2 132 ? -6.295  -7.135  3.284   1.00 23.16 ? 147  ILE B CB  1 
ATOM   1270 C CG1 . ILE B 2 132 ? -6.545  -6.612  1.868   1.00 23.18 ? 147  ILE B CG1 1 
ATOM   1271 C CG2 . ILE B 2 132 ? -7.625  -7.541  3.997   1.00 23.55 ? 147  ILE B CG2 1 
ATOM   1272 C CD1 . ILE B 2 132 ? -7.075  -7.651  0.868   1.00 24.44 ? 147  ILE B CD1 1 
ATOM   1273 N N   . GLY B 2 133 ? -3.766  -4.666  3.236   1.00 23.71 ? 148  GLY B N   1 
ATOM   1274 C CA  . GLY B 2 133 ? -2.387  -4.395  2.813   1.00 22.78 ? 148  GLY B CA  1 
ATOM   1275 C C   . GLY B 2 133 ? -2.336  -3.069  2.079   1.00 23.27 ? 148  GLY B C   1 
ATOM   1276 O O   . GLY B 2 133 ? -3.341  -2.347  2.021   1.00 23.16 ? 148  GLY B O   1 
ATOM   1277 N N   . LEU B 2 134 ? -1.170  -2.783  1.514   1.00 22.80 ? 149  LEU B N   1 
ATOM   1278 C CA  . LEU B 2 134 ? -0.898  -1.525  0.805   1.00 23.42 ? 149  LEU B CA  1 
ATOM   1279 C C   . LEU B 2 134 ? -0.342  -1.774  -0.594  1.00 23.42 ? 149  LEU B C   1 
ATOM   1280 O O   . LEU B 2 134 ? 0.319   -2.805  -0.840  1.00 24.18 ? 149  LEU B O   1 
ATOM   1281 C CB  . LEU B 2 134 ? 0.079   -0.667  1.634   1.00 23.54 ? 149  LEU B CB  1 
ATOM   1282 C CG  . LEU B 2 134 ? -0.262  -0.442  3.103   1.00 25.12 ? 149  LEU B CG  1 
ATOM   1283 C CD1 . LEU B 2 134 ? 0.929   0.211   3.810   1.00 28.21 ? 149  LEU B CD1 1 
ATOM   1284 C CD2 . LEU B 2 134 ? -1.584  0.386   3.273   1.00 27.72 ? 149  LEU B CD2 1 
ATOM   1285 N N   . TYR B 2 135 ? -0.588  -0.816  -1.495  1.00 23.28 ? 150  TYR B N   1 
ATOM   1286 C CA  . TYR B 2 135 ? -0.156  -0.894  -2.880  1.00 23.58 ? 150  TYR B CA  1 
ATOM   1287 C C   . TYR B 2 135 ? 1.211   -0.266  -3.083  1.00 23.49 ? 150  TYR B C   1 
ATOM   1288 O O   . TYR B 2 135 ? 1.519   0.758   -2.480  1.00 24.24 ? 150  TYR B O   1 
ATOM   1289 C CB  . TYR B 2 135 ? -1.161  -0.127  -3.730  1.00 23.80 ? 150  TYR B CB  1 
ATOM   1290 C CG  . TYR B 2 135 ? -0.813  0.031   -5.185  1.00 22.99 ? 150  TYR B CG  1 
ATOM   1291 C CD1 . TYR B 2 135 ? -0.999  -1.027  -6.083  1.00 24.79 ? 150  TYR B CD1 1 
ATOM   1292 C CD2 . TYR B 2 135 ? -0.320  1.247   -5.659  1.00 23.72 ? 150  TYR B CD2 1 
ATOM   1293 C CE1 . TYR B 2 135 ? -0.714  -0.872  -7.440  1.00 23.51 ? 150  TYR B CE1 1 
ATOM   1294 C CE2 . TYR B 2 135 ? -0.033  1.426   -7.010  1.00 22.15 ? 150  TYR B CE2 1 
ATOM   1295 C CZ  . TYR B 2 135 ? -0.244  0.357   -7.895  1.00 24.56 ? 150  TYR B CZ  1 
ATOM   1296 O OH  . TYR B 2 135 ? 0.050   0.508   -9.232  1.00 24.03 ? 150  TYR B OH  1 
ATOM   1297 N N   . GLY B 2 136 ? 2.015   -0.881  -3.949  1.00 23.08 ? 151  GLY B N   1 
ATOM   1298 C CA  . GLY B 2 136 ? 3.146   -0.170  -4.550  1.00 23.37 ? 151  GLY B CA  1 
ATOM   1299 C C   . GLY B 2 136 ? 4.534   -0.754  -4.414  1.00 23.41 ? 151  GLY B C   1 
ATOM   1300 O O   . GLY B 2 136 ? 5.517   -0.040  -4.623  1.00 23.65 ? 151  GLY B O   1 
ATOM   1301 N N   . ASN B 2 137 ? 4.637   -2.034  -4.087  1.00 22.74 ? 152  ASN B N   1 
ATOM   1302 C CA  . ASN B 2 137 ? 5.939   -2.725  -4.201  1.00 23.95 ? 152  ASN B CA  1 
ATOM   1303 C C   . ASN B 2 137 ? 5.690   -3.979  -5.016  1.00 23.98 ? 152  ASN B C   1 
ATOM   1304 O O   . ASN B 2 137 ? 4.895   -4.832  -4.613  1.00 24.38 ? 152  ASN B O   1 
ATOM   1305 C CB  . ASN B 2 137 ? 6.522   -3.070  -2.829  1.00 24.41 ? 152  ASN B CB  1 
ATOM   1306 C CG  . ASN B 2 137 ? 7.981   -3.508  -2.917  1.00 24.66 ? 152  ASN B CG  1 
ATOM   1307 O OD1 . ASN B 2 137 ? 8.703   -3.077  -3.815  1.00 24.35 ? 152  ASN B OD1 1 
ATOM   1308 N ND2 . ASN B 2 137 ? 8.418   -4.345  -1.987  1.00 25.32 ? 152  ASN B ND2 1 
ATOM   1309 N N   . GLY B 2 138 ? 6.293   -4.058  -6.194  1.00 24.11 ? 153  GLY B N   1 
ATOM   1310 C CA  . GLY B 2 138 ? 6.001   -5.201  -7.054  1.00 24.77 ? 153  GLY B CA  1 
ATOM   1311 C C   . GLY B 2 138 ? 7.059   -5.425  -8.107  1.00 25.10 ? 153  GLY B C   1 
ATOM   1312 O O   . GLY B 2 138 ? 8.251   -5.238  -7.851  1.00 25.44 ? 153  GLY B O   1 
ATOM   1313 N N   . VAL B 2 139 ? 6.598   -5.823  -9.287  1.00 25.02 ? 154  VAL B N   1 
ATOM   1314 C CA  . VAL B 2 139 ? 7.481   -6.189  -10.397 1.00 25.40 ? 154  VAL B CA  1 
ATOM   1315 C C   . VAL B 2 139 ? 6.925   -5.632  -11.689 1.00 25.46 ? 154  VAL B C   1 
ATOM   1316 O O   . VAL B 2 139 ? 5.719   -5.378  -11.822 1.00 24.69 ? 154  VAL B O   1 
ATOM   1317 C CB  . VAL B 2 139 ? 7.680   -7.743  -10.580 1.00 25.83 ? 154  VAL B CB  1 
ATOM   1318 C CG1 . VAL B 2 139 ? 8.342   -8.374  -9.368  1.00 27.91 ? 154  VAL B CG1 1 
ATOM   1319 C CG2 . VAL B 2 139 ? 6.370   -8.464  -10.911 1.00 26.27 ? 154  VAL B CG2 1 
ATOM   1320 N N   . ILE B 2 140 ? 7.825   -5.437  -12.642 1.00 25.62 ? 155  ILE B N   1 
ATOM   1321 C CA  . ILE B 2 140 ? 7.432   -5.173  -14.006 1.00 26.73 ? 155  ILE B CA  1 
ATOM   1322 C C   . ILE B 2 140 ? 7.652   -6.455  -14.810 1.00 25.76 ? 155  ILE B C   1 
ATOM   1323 O O   . ILE B 2 140 ? 8.732   -7.080  -14.772 1.00 25.72 ? 155  ILE B O   1 
ATOM   1324 C CB  . ILE B 2 140 ? 8.176   -3.922  -14.578 1.00 27.07 ? 155  ILE B CB  1 
ATOM   1325 C CG1 . ILE B 2 140 ? 7.611   -3.515  -15.944 1.00 27.87 ? 155  ILE B CG1 1 
ATOM   1326 C CG2 . ILE B 2 140 ? 9.702   -4.133  -14.580 1.00 27.80 ? 155  ILE B CG2 1 
ATOM   1327 C CD1 . ILE B 2 140 ? 8.259   -2.250  -16.533 1.00 28.00 ? 155  ILE B CD1 1 
ATOM   1328 N N   . MET B 2 141 ? 6.616   -6.865  -15.527 1.00 25.62 ? 156  MET B N   1 
ATOM   1329 C CA  . MET B 2 141 ? 6.691   -8.071  -16.331 1.00 25.60 ? 156  MET B CA  1 
ATOM   1330 C C   . MET B 2 141 ? 7.492   -7.778  -17.611 1.00 25.28 ? 156  MET B C   1 
ATOM   1331 O O   . MET B 2 141 ? 7.670   -6.609  -17.963 1.00 24.63 ? 156  MET B O   1 
ATOM   1332 C CB  . MET B 2 141 ? 5.283   -8.588  -16.638 1.00 26.14 ? 156  MET B CB  1 
ATOM   1333 C CG  . MET B 2 141 ? 4.477   -8.935  -15.352 1.00 27.89 ? 156  MET B CG  1 
ATOM   1334 S SD  . MET B 2 141 ? 5.352   -10.205 -14.376 1.00 30.74 ? 156  MET B SD  1 
ATOM   1335 C CE  . MET B 2 141 ? 5.292   -11.615 -15.473 1.00 32.37 ? 156  MET B CE  1 
ATOM   1336 N N   . PRO B 2 142 ? 7.995   -8.818  -18.295 1.00 25.29 ? 157  PRO B N   1 
ATOM   1337 C CA  . PRO B 2 142 ? 8.764   -8.570  -19.534 1.00 25.01 ? 157  PRO B CA  1 
ATOM   1338 C C   . PRO B 2 142 ? 8.005   -7.761  -20.597 1.00 25.01 ? 157  PRO B C   1 
ATOM   1339 O O   . PRO B 2 142 ? 8.623   -7.041  -21.375 1.00 24.66 ? 157  PRO B O   1 
ATOM   1340 C CB  . PRO B 2 142 ? 9.094   -9.984  -20.036 1.00 25.60 ? 157  PRO B CB  1 
ATOM   1341 C CG  . PRO B 2 142 ? 9.082   -10.804 -18.775 1.00 25.64 ? 157  PRO B CG  1 
ATOM   1342 C CD  . PRO B 2 142 ? 7.939   -10.257 -17.980 1.00 25.37 ? 157  PRO B CD  1 
ATOM   1343 N N   . ASN B 2 143 ? 6.682   -7.872  -20.622 1.00 25.26 ? 158  ASN B N   1 
ATOM   1344 C CA  . ASN B 2 143 ? 5.862   -7.082  -21.542 1.00 26.20 ? 158  ASN B CA  1 
ATOM   1345 C C   . ASN B 2 143 ? 5.568   -5.657  -21.068 1.00 26.07 ? 158  ASN B C   1 
ATOM   1346 O O   . ASN B 2 143 ? 4.830   -4.920  -21.730 1.00 27.15 ? 158  ASN B O   1 
ATOM   1347 C CB  . ASN B 2 143 ? 4.569   -7.819  -21.910 1.00 26.66 ? 158  ASN B CB  1 
ATOM   1348 C CG  . ASN B 2 143 ? 3.543   -7.844  -20.787 1.00 28.86 ? 158  ASN B CG  1 
ATOM   1349 O OD1 . ASN B 2 143 ? 3.742   -7.291  -19.698 1.00 28.07 ? 158  ASN B OD1 1 
ATOM   1350 N ND2 . ASN B 2 143 ? 2.422   -8.516  -21.048 1.00 33.11 ? 158  ASN B ND2 1 
ATOM   1351 N N   . GLY B 2 144 ? 6.140   -5.276  -19.926 1.00 25.60 ? 159  GLY B N   1 
ATOM   1352 C CA  . GLY B 2 144 ? 5.984   -3.933  -19.373 1.00 25.22 ? 159  GLY B CA  1 
ATOM   1353 C C   . GLY B 2 144 ? 4.837   -3.765  -18.383 1.00 25.68 ? 159  GLY B C   1 
ATOM   1354 O O   . GLY B 2 144 ? 4.694   -2.694  -17.782 1.00 25.13 ? 159  GLY B O   1 
ATOM   1355 N N   . SER B 2 145 ? 4.007   -4.797  -18.224 1.00 25.92 ? 160  SER B N   1 
ATOM   1356 C CA  . SER B 2 145 ? 2.877   -4.711  -17.288 1.00 26.84 ? 160  SER B CA  1 
ATOM   1357 C C   . SER B 2 145 ? 3.339   -4.720  -15.820 1.00 25.97 ? 160  SER B C   1 
ATOM   1358 O O   . SER B 2 145 ? 4.255   -5.475  -15.452 1.00 26.96 ? 160  SER B O   1 
ATOM   1359 C CB  . SER B 2 145 ? 1.873   -5.841  -17.550 1.00 26.99 ? 160  SER B CB  1 
ATOM   1360 O OG  . SER B 2 145 ? 2.508   -7.089  -17.426 1.00 31.66 ? 160  SER B OG  1 
ATOM   1361 N N   . TYR B 2 146 ? 2.684   -3.909  -14.996 1.00 25.30 ? 161  TYR B N   1 
ATOM   1362 C CA  . TYR B 2 146 ? 3.040   -3.756  -13.591 1.00 24.18 ? 161  TYR B CA  1 
ATOM   1363 C C   . TYR B 2 146 ? 2.131   -4.634  -12.728 1.00 24.88 ? 161  TYR B C   1 
ATOM   1364 O O   . TYR B 2 146 ? 0.922   -4.707  -12.974 1.00 25.59 ? 161  TYR B O   1 
ATOM   1365 C CB  . TYR B 2 146 ? 2.922   -2.295  -13.133 1.00 25.17 ? 161  TYR B CB  1 
ATOM   1366 C CG  . TYR B 2 146 ? 3.344   -2.102  -11.688 1.00 23.80 ? 161  TYR B CG  1 
ATOM   1367 C CD1 . TYR B 2 146 ? 4.664   -2.382  -11.290 1.00 23.42 ? 161  TYR B CD1 1 
ATOM   1368 C CD2 . TYR B 2 146 ? 2.435   -1.655  -10.723 1.00 23.13 ? 161  TYR B CD2 1 
ATOM   1369 C CE1 . TYR B 2 146 ? 5.071   -2.224  -9.964  1.00 24.61 ? 161  TYR B CE1 1 
ATOM   1370 C CE2 . TYR B 2 146 ? 2.830   -1.469  -9.375  1.00 24.52 ? 161  TYR B CE2 1 
ATOM   1371 C CZ  . TYR B 2 146 ? 4.146   -1.760  -9.009  1.00 24.54 ? 161  TYR B CZ  1 
ATOM   1372 O OH  . TYR B 2 146 ? 4.570   -1.607  -7.717  1.00 24.40 ? 161  TYR B OH  1 
ATOM   1373 N N   . ILE B 2 147 ? 2.712   -5.297  -11.730 1.00 23.39 ? 162  ILE B N   1 
ATOM   1374 C CA  . ILE B 2 147 ? 1.906   -6.032  -10.755 1.00 23.57 ? 162  ILE B CA  1 
ATOM   1375 C C   . ILE B 2 147 ? 2.452   -5.667  -9.381  1.00 23.67 ? 162  ILE B C   1 
ATOM   1376 O O   . ILE B 2 147 ? 3.660   -5.752  -9.147  1.00 24.06 ? 162  ILE B O   1 
ATOM   1377 C CB  . ILE B 2 147 ? 2.022   -7.545  -10.963 1.00 24.07 ? 162  ILE B CB  1 
ATOM   1378 C CG1 . ILE B 2 147 ? 1.713   -7.910  -12.425 1.00 24.68 ? 162  ILE B CG1 1 
ATOM   1379 C CG2 . ILE B 2 147 ? 1.114   -8.284  -9.980  1.00 23.85 ? 162  ILE B CG2 1 
ATOM   1380 C CD1 . ILE B 2 147 ? 1.900   -9.359  -12.734 1.00 25.90 ? 162  ILE B CD1 1 
ATOM   1381 N N   . SER B 2 148 ? 1.580   -5.227  -8.485  1.00 22.92 ? 163  SER B N   1 
ATOM   1382 C CA  . SER B 2 148 ? 2.027   -4.921  -7.137  1.00 23.62 ? 163  SER B CA  1 
ATOM   1383 C C   . SER B 2 148 ? 1.640   -6.055  -6.191  1.00 22.73 ? 163  SER B C   1 
ATOM   1384 O O   . SER B 2 148 ? 0.552   -6.628  -6.316  1.00 24.07 ? 163  SER B O   1 
ATOM   1385 C CB  . SER B 2 148 ? 1.358   -3.626  -6.636  1.00 23.45 ? 163  SER B CB  1 
ATOM   1386 O OG  . SER B 2 148 ? 1.677   -3.398  -5.276  1.00 24.24 ? 163  SER B OG  1 
ATOM   1387 N N   . ALA B 2 149 ? 2.522   -6.355  -5.237  1.00 23.20 ? 164  ALA B N   1 
ATOM   1388 C CA  . ALA B 2 149 ? 2.113   -7.149  -4.065  1.00 23.17 ? 164  ALA B CA  1 
ATOM   1389 C C   . ALA B 2 149 ? 1.025   -6.394  -3.290  1.00 23.95 ? 164  ALA B C   1 
ATOM   1390 O O   . ALA B 2 149 ? 0.976   -5.159  -3.311  1.00 23.91 ? 164  ALA B O   1 
ATOM   1391 C CB  . ALA B 2 149 ? 3.295   -7.388  -3.157  1.00 24.33 ? 164  ALA B CB  1 
ATOM   1392 N N   . ILE B 2 150 ? 0.173   -7.141  -2.598  1.00 23.08 ? 165  ILE B N   1 
ATOM   1393 C CA  . ILE B 2 150 ? -0.623  -6.567  -1.517  1.00 23.79 ? 165  ILE B CA  1 
ATOM   1394 C C   . ILE B 2 150 ? 0.314   -6.643  -0.295  1.00 23.41 ? 165  ILE B C   1 
ATOM   1395 O O   . ILE B 2 150 ? 0.531   -7.700  0.319   1.00 24.14 ? 165  ILE B O   1 
ATOM   1396 C CB  . ILE B 2 150 ? -1.922  -7.370  -1.293  1.00 23.59 ? 165  ILE B CB  1 
ATOM   1397 C CG1 . ILE B 2 150 ? -2.776  -7.358  -2.567  1.00 23.19 ? 165  ILE B CG1 1 
ATOM   1398 C CG2 . ILE B 2 150 ? -2.696  -6.853  -0.042  1.00 24.10 ? 165  ILE B CG2 1 
ATOM   1399 C CD1 . ILE B 2 150 ? -3.987  -8.333  -2.505  1.00 24.54 ? 165  ILE B CD1 1 
ATOM   1400 N N   . VAL B 2 151 ? 0.902   -5.492  0.031   1.00 23.18 ? 166  VAL B N   1 
ATOM   1401 C CA  . VAL B 2 151 ? 1.987   -5.453  1.005   1.00 23.60 ? 166  VAL B CA  1 
ATOM   1402 C C   . VAL B 2 151 ? 1.424   -5.411  2.420   1.00 24.30 ? 166  VAL B C   1 
ATOM   1403 O O   . VAL B 2 151 ? 0.651   -4.520  2.743   1.00 24.24 ? 166  VAL B O   1 
ATOM   1404 C CB  . VAL B 2 151 ? 2.903   -4.229  0.767   1.00 22.99 ? 166  VAL B CB  1 
ATOM   1405 C CG1 . VAL B 2 151 ? 3.994   -4.164  1.851   1.00 22.34 ? 166  VAL B CG1 1 
ATOM   1406 C CG2 . VAL B 2 151 ? 3.521   -4.255  -0.628  1.00 24.41 ? 166  VAL B CG2 1 
ATOM   1407 N N   . GLN B 2 152 ? 1.806   -6.381  3.247   1.00 24.72 ? 167  GLN B N   1 
ATOM   1408 C CA  . GLN B 2 152 ? 1.191   -6.566  4.567   1.00 26.26 ? 167  GLN B CA  1 
ATOM   1409 C C   . GLN B 2 152 ? 2.114   -7.359  5.498   1.00 27.99 ? 167  GLN B C   1 
ATOM   1410 O O   . GLN B 2 152 ? 2.963   -8.137  5.042   1.00 27.14 ? 167  GLN B O   1 
ATOM   1411 C CB  . GLN B 2 152 ? -0.172  -7.294  4.422   1.00 26.19 ? 167  GLN B CB  1 
ATOM   1412 C CG  . GLN B 2 152 ? -0.999  -7.550  5.716   1.00 25.59 ? 167  GLN B CG  1 
ATOM   1413 C CD  . GLN B 2 152 ? -1.395  -6.256  6.427   1.00 28.60 ? 167  GLN B CD  1 
ATOM   1414 O OE1 . GLN B 2 152 ? -0.526  -5.481  6.852   1.00 29.59 ? 167  GLN B OE1 1 
ATOM   1415 N NE2 . GLN B 2 152 ? -2.697  -6.013  6.561   1.00 28.77 ? 167  GLN B NE2 1 
ATOM   1416 N N   . GLY B 2 153 ? 1.926   -7.149  6.798   1.00 29.91 ? 168  GLY B N   1 
ATOM   1417 C CA  . GLY B 2 153 ? 2.517   -7.990  7.821   1.00 33.73 ? 168  GLY B CA  1 
ATOM   1418 C C   . GLY B 2 153 ? 1.566   -8.149  8.993   1.00 36.99 ? 168  GLY B C   1 
ATOM   1419 O O   . GLY B 2 153 ? 0.456   -7.580  9.017   1.00 35.80 ? 168  GLY B O   1 
ATOM   1420 N N   . GLU B 2 154 ? 2.009   -8.916  9.983   1.00 39.85 ? 169  GLU B N   1 
ATOM   1421 C CA  . GLU B 2 154 ? 1.207   -9.166  11.177  1.00 43.31 ? 169  GLU B CA  1 
ATOM   1422 C C   . GLU B 2 154 ? 1.171   -7.981  12.145  1.00 44.45 ? 169  GLU B C   1 
ATOM   1423 O O   . GLU B 2 154 ? 2.114   -7.180  12.222  1.00 44.60 ? 169  GLU B O   1 
ATOM   1424 C CB  . GLU B 2 154 ? 1.674   -10.443 11.895  1.00 43.75 ? 169  GLU B CB  1 
ATOM   1425 C CG  . GLU B 2 154 ? 1.365   -11.724 11.116  1.00 47.74 ? 169  GLU B CG  1 
ATOM   1426 C CD  . GLU B 2 154 ? 2.458   -12.097 10.116  1.00 52.55 ? 169  GLU B CD  1 
ATOM   1427 O OE1 . GLU B 2 154 ? 3.659   -12.057 10.487  1.00 54.62 ? 169  GLU B OE1 1 
ATOM   1428 O OE2 . GLU B 2 154 ? 2.115   -12.447 8.961   1.00 55.34 ? 169  GLU B OE2 1 
ATOM   1429 N N   . ARG B 2 155 ? 0.070   -7.887  12.878  1.00 46.02 ? 170  ARG B N   1 
ATOM   1430 C CA  . ARG B 2 155 ? -0.112  -6.840  13.867  1.00 47.27 ? 170  ARG B CA  1 
ATOM   1431 C C   . ARG B 2 155 ? 0.589   -7.198  15.191  1.00 47.98 ? 170  ARG B C   1 
ATOM   1432 O O   . ARG B 2 155 ? 1.468   -6.464  15.666  1.00 48.68 ? 170  ARG B O   1 
ATOM   1433 C CB  . ARG B 2 155 ? -1.603  -6.584  14.057  1.00 47.73 ? 170  ARG B CB  1 
ATOM   1434 C CG  . ARG B 2 155 ? -2.294  -7.487  15.046  1.00 49.60 ? 170  ARG B CG  1 
ATOM   1435 C CD  . ARG B 2 155 ? -2.763  -6.674  16.236  1.00 52.45 ? 170  ARG B CD  1 
ATOM   1436 N NE  . ARG B 2 155 ? -3.742  -5.675  15.816  1.00 53.58 ? 170  ARG B NE  1 
ATOM   1437 C CZ  . ARG B 2 155 ? -4.133  -4.634  16.546  1.00 53.76 ? 170  ARG B CZ  1 
ATOM   1438 N NH1 . ARG B 2 155 ? -3.637  -4.435  17.760  1.00 54.28 ? 170  ARG B NH1 1 
ATOM   1439 N NH2 . ARG B 2 155 ? -5.027  -3.791  16.053  1.00 52.23 ? 170  ARG B NH2 1 
HETATM 1440 C C   . BEZ C 3 1   ? 8.036   2.883   -12.362 1.00 40.02 ? 1    BEZ C C   1 
HETATM 1441 O O1  . BEZ C 3 1   ? 8.874   3.363   -11.620 1.00 41.87 ? 1    BEZ C O1  1 
HETATM 1442 C C1  . BEZ C 3 1   ? 6.835   3.671   -12.798 1.00 39.67 ? 1    BEZ C C1  1 
HETATM 1443 C C2  . BEZ C 3 1   ? 6.175   3.347   -13.991 1.00 39.29 ? 1    BEZ C C2  1 
HETATM 1444 C C3  . BEZ C 3 1   ? 5.037   4.056   -14.386 1.00 39.31 ? 1    BEZ C C3  1 
HETATM 1445 C C4  . BEZ C 3 1   ? 4.539   5.091   -13.578 1.00 39.74 ? 1    BEZ C C4  1 
HETATM 1446 C C5  . BEZ C 3 1   ? 5.190   5.412   -12.383 1.00 40.01 ? 1    BEZ C C5  1 
HETATM 1447 C C6  . BEZ C 3 1   ? 6.331   4.699   -11.982 1.00 40.94 ? 1    BEZ C C6  1 
HETATM 1448 N N   . NLE C 3 2   ? 8.081   1.697   -12.793 1.00 39.24 ? 2    NLE C N   1 
HETATM 1449 C CA  . NLE C 3 2   ? 9.036   0.615   -12.558 1.00 39.17 ? 2    NLE C CA  1 
HETATM 1450 C C   . NLE C 3 2   ? 8.596   -0.351  -11.483 1.00 34.86 ? 2    NLE C C   1 
HETATM 1451 O O   . NLE C 3 2   ? 7.463   -0.750  -11.627 1.00 35.66 ? 2    NLE C O   1 
HETATM 1452 C CB  . NLE C 3 2   ? 10.480  1.099   -12.517 1.00 44.08 ? 2    NLE C CB  1 
HETATM 1453 C CG  . NLE C 3 2   ? 10.934  1.028   -13.974 1.00 45.18 ? 2    NLE C CG  1 
HETATM 1454 C CD  . NLE C 3 2   ? 12.425  1.284   -14.096 1.00 46.46 ? 2    NLE C CD  1 
HETATM 1455 C CE  . NLE C 3 2   ? 13.190  -0.005  -13.950 1.00 47.42 ? 2    NLE C CE  1 
ATOM   1456 N N   . LYS C 3 3   ? 9.365   -0.755  -10.562 1.00 30.62 ? 3    LYS C N   1 
ATOM   1457 C CA  . LYS C 3 3   ? 8.881   -1.757  -9.612  1.00 28.74 ? 3    LYS C CA  1 
ATOM   1458 C C   . LYS C 3 3   ? 8.092   -1.203  -8.462  1.00 26.59 ? 3    LYS C C   1 
ATOM   1459 O O   . LYS C 3 3   ? 7.377   -1.972  -7.815  1.00 24.27 ? 3    LYS C O   1 
ATOM   1460 C CB  . LYS C 3 3   ? 10.061  -2.568  -9.087  1.00 29.69 ? 3    LYS C CB  1 
ATOM   1461 C CG  . LYS C 3 3   ? 10.707  -3.446  -10.163 1.00 33.60 ? 3    LYS C CG  1 
ATOM   1462 C CD  . LYS C 3 3   ? 11.603  -4.456  -9.455  1.00 36.49 ? 3    LYS C CD  1 
ATOM   1463 C CE  . LYS C 3 3   ? 12.481  -5.229  -10.429 1.00 40.33 ? 3    LYS C CE  1 
ATOM   1464 N NZ  . LYS C 3 3   ? 13.384  -6.049  -9.647  1.00 40.75 ? 3    LYS C NZ  1 
ATOM   1465 N N   . ARG C 3 4   ? 8.221   0.094   -8.196  1.00 26.45 ? 4    ARG C N   1 
ATOM   1466 C CA  . ARG C 3 4   ? 7.479   0.660   -7.066  1.00 26.65 ? 4    ARG C CA  1 
ATOM   1467 C C   . ARG C 3 4   ? 6.650   1.851   -7.469  1.00 27.32 ? 4    ARG C C   1 
ATOM   1468 O O   . ARG C 3 4   ? 6.837   2.426   -8.547  1.00 28.73 ? 4    ARG C O   1 
ATOM   1469 C CB  . ARG C 3 4   ? 8.524   1.044   -6.025  1.00 28.14 ? 4    ARG C CB  1 
ATOM   1470 C CG  . ARG C 3 4   ? 9.040   -0.138  -5.210  1.00 29.78 ? 4    ARG C CG  1 
ATOM   1471 C CD  . ARG C 3 4   ? 10.324  0.251   -4.501  1.00 30.63 ? 4    ARG C CD  1 
ATOM   1472 N NE  . ARG C 3 4   ? 10.595  -0.804  -3.537  1.00 31.01 ? 4    ARG C NE  1 
ATOM   1473 C CZ  . ARG C 3 4   ? 11.448  -0.770  -2.524  1.00 30.96 ? 4    ARG C CZ  1 
ATOM   1474 N NH1 . ARG C 3 4   ? 12.196  0.321   -2.305  1.00 32.46 ? 4    ARG C NH1 1 
ATOM   1475 N NH2 . ARG C 3 4   ? 11.560  -1.809  -1.723  1.00 33.14 ? 4    ARG C NH2 1 
HETATM 1476 O O   . OAR C 3 5   ? 5.944   4.483   -5.079  1.00 28.88 ? 5    OAR C O   1 
HETATM 1477 N N   . OAR C 3 5   ? 5.696   2.185   -6.588  1.00 24.85 ? 5    OAR C N   1 
HETATM 1478 N NE  . OAR C 3 5   ? 3.498   2.507   -11.011 1.00 27.53 ? 5    OAR C NE  1 
HETATM 1479 N NH1 . OAR C 3 5   ? 3.912   1.122   -12.786 1.00 29.93 ? 5    OAR C NH1 1 
HETATM 1480 N NH2 . OAR C 3 5   ? 5.369   1.196   -10.983 1.00 30.38 ? 5    OAR C NH2 1 
HETATM 1481 C CA  . OAR C 3 5   ? 4.794   3.328   -6.799  1.00 24.90 ? 5    OAR C CA  1 
HETATM 1482 C CB  . OAR C 3 5   ? 3.390   2.857   -7.228  1.00 24.47 ? 5    OAR C CB  1 
HETATM 1483 C CG  . OAR C 3 5   ? 3.343   2.169   -8.595  1.00 25.98 ? 5    OAR C CG  1 
HETATM 1484 C CD  . OAR C 3 5   ? 3.814   3.108   -9.717  1.00 25.82 ? 5    OAR C CD  1 
HETATM 1485 C CZ  . OAR C 3 5   ? 4.269   1.604   -11.604 1.00 27.78 ? 5    OAR C CZ  1 
HETATM 1486 C C   . OAR C 3 5   ? 4.824   4.081   -5.479  1.00 25.86 ? 5    OAR C C   1 
HETATM 1487 O O   . HOH D 4 .   ? -2.528  -10.457 -10.538 1.00 29.81 ? 98   HOH A O   1 
HETATM 1488 O O   . HOH D 4 .   ? -12.009 5.384   8.089   1.00 33.12 ? 99   HOH A O   1 
HETATM 1489 O O   . HOH D 4 .   ? -15.396 7.671   -5.391  1.00 32.55 ? 100  HOH A O   1 
HETATM 1490 O O   . HOH D 4 .   ? -16.868 -0.439  3.906   1.00 34.63 ? 101  HOH A O   1 
HETATM 1491 O O   . HOH D 4 .   ? -10.629 14.218  5.919   1.00 34.90 ? 102  HOH A O   1 
HETATM 1492 O O   . HOH D 4 .   ? -7.436  -13.444 -14.747 1.00 43.71 ? 103  HOH A O   1 
HETATM 1493 O O   . HOH D 4 .   ? -17.412 5.954   5.900   1.00 40.31 ? 104  HOH A O   1 
HETATM 1494 O O   . HOH D 4 .   ? -4.654  -16.815 -10.886 1.00 39.63 ? 105  HOH A O   1 
HETATM 1495 O O   . HOH D 4 .   ? -16.811 -2.768  -13.880 1.00 40.38 ? 106  HOH A O   1 
HETATM 1496 O O   . HOH D 4 .   ? 6.733   -16.567 -13.265 1.00 45.80 ? 107  HOH A O   1 
HETATM 1497 O O   . HOH D 4 .   ? 11.957  -2.543  -6.211  1.00 38.25 ? 108  HOH A O   1 
HETATM 1498 O O   . HOH D 4 .   ? -1.683  20.147  -0.082  1.00 49.12 ? 109  HOH A O   1 
HETATM 1499 O O   . HOH D 4 .   ? -19.415 -4.573  -4.425  1.00 48.75 ? 110  HOH A O   1 
HETATM 1500 O O   . HOH D 4 .   ? 19.433  -9.970  -1.485  1.00 51.54 ? 111  HOH A O   1 
HETATM 1501 O O   . HOH D 4 .   ? -13.457 11.811  9.615   1.00 52.92 ? 112  HOH A O   1 
HETATM 1502 O O   . HOH D 4 .   ? -17.747 9.878   7.102   1.00 35.93 ? 113  HOH A O   1 
HETATM 1503 O O   . HOH D 4 .   ? -11.718 -3.932  -17.061 1.00 59.68 ? 114  HOH A O   1 
HETATM 1504 O O   . HOH D 4 .   ? -13.403 7.114   9.487   1.00 42.66 ? 115  HOH A O   1 
HETATM 1505 O O   . HOH D 4 .   ? -16.570 3.698   -7.788  1.00 54.50 ? 116  HOH A O   1 
HETATM 1506 O O   . HOH D 4 .   ? -15.371 10.990  7.836   1.00 51.00 ? 117  HOH A O   1 
HETATM 1507 O O   . HOH D 4 .   ? -19.759 -1.134  -11.804 1.00 63.69 ? 118  HOH A O   1 
HETATM 1508 O O   . HOH D 4 .   ? 15.322  -0.241  -4.118  1.00 55.07 ? 119  HOH A O   1 
HETATM 1509 O O   . HOH D 4 .   ? -20.638 2.602   -1.706  1.00 40.08 ? 120  HOH A O   1 
HETATM 1510 O O   . HOH D 4 .   ? 1.016   -22.347 -7.451  1.00 45.05 ? 121  HOH A O   1 
HETATM 1511 O O   . HOH D 4 .   ? -12.179 3.061   -12.313 1.00 47.81 ? 122  HOH A O   1 
HETATM 1512 O O   . HOH D 4 .   ? 0.176   -15.391 -14.912 1.00 40.39 ? 123  HOH A O   1 
HETATM 1513 O O   . HOH D 4 .   ? -4.128  -7.197  -16.664 1.00 42.88 ? 124  HOH A O   1 
HETATM 1514 O O   . HOH D 4 .   ? -9.236  -5.374  -16.964 1.00 59.05 ? 125  HOH A O   1 
HETATM 1515 O O   . HOH D 4 .   ? 17.918  -0.465  -4.672  1.00 55.26 ? 126  HOH A O   1 
HETATM 1516 O O   . HOH E 4 .   ? -13.947 10.502  -4.146  1.00 27.03 ? 1002 HOH B O   1 
HETATM 1517 O O   . HOH E 4 .   ? -5.396  -8.002  -10.083 1.00 23.23 ? 1003 HOH B O   1 
HETATM 1518 O O   . HOH E 4 .   ? -3.160  -9.371  2.574   1.00 22.44 ? 1004 HOH B O   1 
HETATM 1519 O O   . HOH E 4 .   ? -9.859  -10.953 1.838   1.00 26.06 ? 1005 HOH B O   1 
HETATM 1520 O O   . HOH E 4 .   ? -10.911 11.912  -1.743  1.00 24.42 ? 1006 HOH B O   1 
HETATM 1521 O O   . HOH E 4 .   ? -7.755  8.692   -7.029  1.00 28.03 ? 1007 HOH B O   1 
HETATM 1522 O O   . HOH E 4 .   ? 6.856   -5.619  0.146   1.00 27.59 ? 1008 HOH B O   1 
HETATM 1523 O O   . HOH E 4 .   ? 9.900   -4.305  -5.834  1.00 27.02 ? 1009 HOH B O   1 
HETATM 1524 O O   . HOH E 4 .   ? -2.837  -16.934 -1.863  1.00 30.31 ? 1010 HOH B O   1 
HETATM 1525 O O   . HOH E 4 .   ? -6.319  -4.800  9.067   1.00 31.75 ? 1011 HOH B O   1 
HETATM 1526 O O   . HOH E 4 .   ? 3.370   -20.469 3.676   1.00 30.13 ? 1012 HOH B O   1 
HETATM 1527 O O   . HOH E 4 .   ? -1.736  -12.173 0.535   1.00 32.91 ? 1013 HOH B O   1 
HETATM 1528 O O   . HOH E 4 .   ? -0.676  -9.879  1.532   1.00 30.43 ? 1014 HOH B O   1 
HETATM 1529 O O   . HOH E 4 .   ? 2.882   -8.669  1.581   1.00 28.29 ? 1015 HOH B O   1 
HETATM 1530 O O   . HOH E 4 .   ? -4.237  -0.638  -14.153 1.00 35.53 ? 1016 HOH B O   1 
HETATM 1531 O O   . HOH E 4 .   ? -11.252 14.448  -8.544  1.00 32.95 ? 1017 HOH B O   1 
HETATM 1532 O O   . HOH E 4 .   ? -9.472  -16.277 -9.218  1.00 34.47 ? 1018 HOH B O   1 
HETATM 1533 O O   . HOH E 4 .   ? -8.681  -1.806  8.942   1.00 38.36 ? 1019 HOH B O   1 
HETATM 1534 O O   . HOH E 4 .   ? 10.177  2.142   -9.066  1.00 38.05 ? 1020 HOH B O   1 
HETATM 1535 O O   . HOH E 4 .   ? 12.665  10.565  11.342  1.00 32.43 ? 1021 HOH B O   1 
HETATM 1536 O O   . HOH E 4 .   ? -8.966  2.952   14.095  1.00 33.16 ? 1022 HOH B O   1 
HETATM 1537 O O   . HOH E 4 .   ? -6.658  6.130   14.234  1.00 33.66 ? 1023 HOH B O   1 
HETATM 1538 O O   . HOH E 4 .   ? -9.386  14.705  -2.306  1.00 31.10 ? 1024 HOH B O   1 
HETATM 1539 O O   . HOH E 4 .   ? -2.376  15.313  -4.356  1.00 29.06 ? 1025 HOH B O   1 
HETATM 1540 O O   . HOH E 4 .   ? -13.635 -14.808 -6.781  1.00 34.61 ? 1026 HOH B O   1 
HETATM 1541 O O   . HOH E 4 .   ? -14.124 2.498   -9.996  1.00 41.91 ? 1027 HOH B O   1 
HETATM 1542 O O   . HOH E 4 .   ? -10.361 -8.895  -11.593 1.00 31.89 ? 1028 HOH B O   1 
HETATM 1543 O O   . HOH E 4 .   ? 1.951   -21.515 -4.981  1.00 40.47 ? 1029 HOH B O   1 
HETATM 1544 O O   . HOH E 4 .   ? 0.650   -2.262  -16.352 1.00 37.26 ? 1030 HOH B O   1 
HETATM 1545 O O   . HOH E 4 .   ? 10.645  -6.869  -12.542 1.00 38.18 ? 1031 HOH B O   1 
HETATM 1546 O O   . HOH E 4 .   ? -12.390 -8.385  7.459   1.00 36.15 ? 1032 HOH B O   1 
HETATM 1547 O O   . HOH E 4 .   ? -10.302 0.040   9.591   1.00 55.75 ? 1033 HOH B O   1 
HETATM 1548 O O   . HOH E 4 .   ? -9.939  -10.384 4.517   1.00 28.71 ? 1034 HOH B O   1 
HETATM 1549 O O   . HOH E 4 .   ? -5.084  -16.242 2.379   1.00 33.91 ? 1035 HOH B O   1 
HETATM 1550 O O   . HOH E 4 .   ? 15.059  -5.184  6.739   1.00 41.46 ? 1036 HOH B O   1 
HETATM 1551 O O   . HOH E 4 .   ? -15.363 -11.594 -4.065  1.00 34.49 ? 1037 HOH B O   1 
HETATM 1552 O O   . HOH E 4 .   ? -13.270 0.563   7.512   1.00 36.15 ? 1038 HOH B O   1 
HETATM 1553 O O   . HOH E 4 .   ? -0.952  -3.663  -14.754 1.00 39.01 ? 1039 HOH B O   1 
HETATM 1554 O O   . HOH E 4 .   ? -14.209 9.380   -7.220  1.00 29.80 ? 1040 HOH B O   1 
HETATM 1555 O O   . HOH E 4 .   ? -4.426  -0.657  19.361  1.00 50.04 ? 1041 HOH B O   1 
HETATM 1556 O O   . HOH E 4 .   ? -8.572  -10.575 -11.960 1.00 47.14 ? 1042 HOH B O   1 
HETATM 1557 O O   . HOH E 4 .   ? 6.114   -0.057  -14.283 1.00 39.74 ? 1043 HOH B O   1 
HETATM 1558 O O   . HOH E 4 .   ? 6.155   6.920   17.277  1.00 44.07 ? 1044 HOH B O   1 
HETATM 1559 O O   . HOH E 4 .   ? 12.460  2.920   -3.970  1.00 40.40 ? 1045 HOH B O   1 
HETATM 1560 O O   . HOH E 4 .   ? -15.964 -16.239 -0.442  1.00 42.42 ? 1046 HOH B O   1 
HETATM 1561 O O   . HOH E 4 .   ? 12.131  -0.897  1.207   1.00 39.71 ? 1047 HOH B O   1 
HETATM 1562 O O   . HOH E 4 .   ? 2.712   10.651  -8.796  1.00 43.85 ? 1048 HOH B O   1 
HETATM 1563 O O   . HOH E 4 .   ? -10.681 7.963   14.739  1.00 43.38 ? 1049 HOH B O   1 
HETATM 1564 O O   . HOH E 4 .   ? -0.131  2.055   19.973  1.00 54.14 ? 1050 HOH B O   1 
HETATM 1565 O O   . HOH E 4 .   ? 12.026  -0.940  13.484  1.00 53.88 ? 1051 HOH B O   1 
HETATM 1566 O O   . HOH E 4 .   ? 1.120   -21.567 -10.431 1.00 46.47 ? 1052 HOH B O   1 
HETATM 1567 O O   . HOH E 4 .   ? -11.441 -9.549  0.110   1.00 37.30 ? 1053 HOH B O   1 
HETATM 1568 O O   . HOH E 4 .   ? 7.787   20.895  -2.888  1.00 57.06 ? 1054 HOH B O   1 
HETATM 1569 O O   . HOH E 4 .   ? -6.250  8.764   14.852  1.00 46.42 ? 1055 HOH B O   1 
HETATM 1570 O O   . HOH E 4 .   ? 0.392   -8.704  -16.240 1.00 49.42 ? 1056 HOH B O   1 
HETATM 1571 O O   . HOH E 4 .   ? -17.999 -2.900  4.016   1.00 40.72 ? 1057 HOH B O   1 
HETATM 1572 O O   . HOH E 4 .   ? 4.593   -9.752  9.915   1.00 48.42 ? 1058 HOH B O   1 
HETATM 1573 O O   . HOH E 4 .   ? 12.244  0.003   -9.882  1.00 39.43 ? 1059 HOH B O   1 
HETATM 1574 O O   . HOH E 4 .   ? -11.501 10.306  -8.503  1.00 37.43 ? 1060 HOH B O   1 
HETATM 1575 O O   . HOH E 4 .   ? -6.344  0.478   -13.758 1.00 62.33 ? 1061 HOH B O   1 
HETATM 1576 O O   . HOH E 4 .   ? -13.014 -14.671 4.974   1.00 45.87 ? 1062 HOH B O   1 
HETATM 1577 O O   . HOH E 4 .   ? -7.953  7.728   -9.498  1.00 38.72 ? 1063 HOH B O   1 
HETATM 1578 O O   . HOH E 4 .   ? 9.370   -11.632 4.241   1.00 65.02 ? 1064 HOH B O   1 
HETATM 1579 O O   . HOH E 4 .   ? -7.027  -3.675  12.624  1.00 51.34 ? 1065 HOH B O   1 
HETATM 1580 O O   . HOH E 4 .   ? 6.368   6.738   -3.432  1.00 38.86 ? 1066 HOH B O   1 
HETATM 1581 O O   . HOH E 4 .   ? -0.077  16.830  -5.818  1.00 41.38 ? 1067 HOH B O   1 
HETATM 1582 O O   . HOH E 4 .   ? 5.100   9.558   16.811  1.00 48.25 ? 1068 HOH B O   1 
HETATM 1583 O O   . HOH E 4 .   ? 12.968  -5.592  -13.994 1.00 43.74 ? 1069 HOH B O   1 
HETATM 1584 O O   . HOH E 4 .   ? 12.188  10.614  14.138  1.00 52.23 ? 1070 HOH B O   1 
HETATM 1585 O O   . HOH E 4 .   ? -17.602 -9.166  -9.063  1.00 48.01 ? 1071 HOH B O   1 
HETATM 1586 O O   . HOH E 4 .   ? 1.123   -16.894 2.360   1.00 50.69 ? 1072 HOH B O   1 
HETATM 1587 O O   . HOH E 4 .   ? 0.649   4.578   -14.262 1.00 52.31 ? 1073 HOH B O   1 
HETATM 1588 O O   . HOH E 4 .   ? 1.437   -10.159 -18.298 1.00 60.49 ? 1074 HOH B O   1 
HETATM 1589 O O   . HOH E 4 .   ? -12.692 -10.161 -11.347 1.00 49.84 ? 1075 HOH B O   1 
HETATM 1590 O O   . HOH E 4 .   ? 5.382   23.972  -5.527  1.00 60.79 ? 1076 HOH B O   1 
HETATM 1591 O O   . HOH E 4 .   ? -4.151  14.583  -11.298 1.00 48.83 ? 1077 HOH B O   1 
HETATM 1592 O O   . HOH E 4 .   ? 14.449  -2.406  10.886  1.00 52.56 ? 1078 HOH B O   1 
HETATM 1593 O O   . HOH E 4 .   ? 2.958   12.802  -7.146  1.00 51.71 ? 1079 HOH B O   1 
HETATM 1594 O O   . HOH E 4 .   ? -12.414 8.919   11.225  1.00 43.30 ? 1080 HOH B O   1 
HETATM 1595 O O   . HOH E 4 .   ? -1.519  3.903   19.359  1.00 50.47 ? 1081 HOH B O   1 
HETATM 1596 O O   . HOH E 4 .   ? 8.781   6.453   17.553  1.00 49.49 ? 1082 HOH B O   1 
HETATM 1597 O O   . HOH E 4 .   ? -13.627 -13.174 -8.872  1.00 49.18 ? 1083 HOH B O   1 
HETATM 1598 O O   . HOH E 4 .   ? -18.228 -3.251  -7.202  1.00 48.98 ? 1084 HOH B O   1 
HETATM 1599 O O   . HOH E 4 .   ? 11.296  -0.903  16.203  1.00 64.56 ? 1085 HOH B O   1 
HETATM 1600 O O   . HOH E 4 .   ? 5.857   -0.398  -17.085 1.00 42.56 ? 1086 HOH B O   1 
HETATM 1601 O O   . HOH E 4 .   ? 5.992   -2.489  20.158  1.00 54.46 ? 1087 HOH B O   1 
HETATM 1602 O O   . HOH E 4 .   ? -12.864 -11.097 1.765   1.00 35.13 ? 1088 HOH B O   1 
HETATM 1603 O O   . HOH E 4 .   ? 5.612   -7.916  0.915   1.00 38.90 ? 1089 HOH B O   1 
HETATM 1604 O O   . HOH E 4 .   ? 0.578   11.711  -10.842 1.00 48.08 ? 1090 HOH B O   1 
HETATM 1605 O O   . HOH E 4 .   ? -12.058 -12.387 5.225   1.00 54.36 ? 1091 HOH B O   1 
HETATM 1606 O O   . HOH E 4 .   ? -2.279  -15.447 0.483   1.00 47.17 ? 1092 HOH B O   1 
HETATM 1607 O O   . HOH E 4 .   ? 12.739  3.190   16.476  1.00 50.86 ? 1093 HOH B O   1 
HETATM 1608 O O   . HOH E 4 .   ? -10.315 1.164   12.905  1.00 52.22 ? 1094 HOH B O   1 
HETATM 1609 O O   . HOH E 4 .   ? 1.762   15.620  -6.789  1.00 48.44 ? 1095 HOH B O   1 
HETATM 1610 O O   . HOH E 4 .   ? -1.656  10.865  15.447  1.00 48.42 ? 1096 HOH B O   1 
HETATM 1611 O O   . HOH E 4 .   ? -12.633 12.667  -9.396  1.00 53.08 ? 1097 HOH B O   1 
HETATM 1612 O O   . HOH E 4 .   ? -8.804  3.069   -12.756 1.00 56.22 ? 1098 HOH B O   1 
HETATM 1613 O O   . HOH E 4 .   ? 9.656   19.634  -2.040  1.00 53.21 ? 1099 HOH B O   1 
HETATM 1614 O O   . HOH E 4 .   ? -19.691 -7.371  -8.157  1.00 54.53 ? 1100 HOH B O   1 
HETATM 1615 O O   . HOH E 4 .   ? -6.629  6.776   -13.303 1.00 55.53 ? 1101 HOH B O   1 
HETATM 1616 O O   . HOH E 4 .   ? 14.786  -2.969  8.284   1.00 55.85 ? 1102 HOH B O   1 
HETATM 1617 O O   . HOH E 4 .   ? 2.017   -11.077 2.927   1.00 46.19 ? 1103 HOH B O   1 
HETATM 1618 O O   . HOH E 4 .   ? -12.196 -10.895 8.799   1.00 48.00 ? 1104 HOH B O   1 
HETATM 1619 O O   . HOH E 4 .   ? -2.287  11.712  -10.704 1.00 45.66 ? 1105 HOH B O   1 
# 
